data_9HQP
#
_entry.id   9HQP
#
_cell.length_a   1.00
_cell.length_b   1.00
_cell.length_c   1.00
_cell.angle_alpha   90.00
_cell.angle_beta   90.00
_cell.angle_gamma   90.00
#
_symmetry.space_group_name_H-M   'P 1'
#
loop_
_entity.id
_entity.type
_entity.pdbx_description
1 polymer 'Anoctamin-6,Yellow Fluorescent Protein'
2 non-polymer 'CALCIUM ION'
#
_entity_poly.entity_id   1
_entity_poly.type   'polypeptide(L)'
_entity_poly.pdbx_seq_one_letter_code
;MSQMMTRKVLLNMELEEDDDEDGDIVLENFDQTIVCPTFGSLENQQDFRTPEFEEFNGKPDSLFFTDGQRRIDFILVYED
ESKKENNKKGTNEKQKRKRQAYESNLICHGLQLEATRSVSDDKLVFVKVHAPWEVLCTYAEIMHIKLPLKPNDLKTRSPF
GNLNWFTKVLRVNESVIKPEQEFFTAPFEKSRMNDFYILDRDSFFNPATRSRIVYFILSRVKYQVMNNVNKFGINRLVSS
GIYKAAFPLHDCRFNYESEDISCPSERYLLYREWAHPRSIYKKQPLDLIRKYYGEKIGIYFAWLGYYTQMLLLAAVVGVA
CFLYGYLDQDNCTWSKEVCDPDIGGQILMCPQCDRLCPFWRLNITCESSKKLCIFDSFGTLIFAVFMGVWVTLFLEFWKR
RQAELEYEWDTVELQQEEQARPEYEAQCNHVVINEITQEEERIPFTTCGKCIRVTLCASAVFFWILLIIASVIGIIVYRL
SVFIVFSTTLPKNPNGTDPIQKYLTPQMATSITASIISFIIIMILNTIYEKVAIMITNFELPRTQTDYENSLTMKMFLFQ
FVNYYSSCFYIAFFKGKFVGYPGDPVYLLGKYRSEECDPGGCLLELTTQLTIIMGGKAIWNNIQEVLLPWVMNLIGRYKR
VSGSEKITPRWEQDYHLQPMGKLGLFYEYLEMIIQFGFVTLFVASFPLAPLLALVNNILEIRVDAWKLTTQFRRMVPEKA
QDIGAWQPIMQGIAILAVVTNAMIIAFTSDMIPRLVYYWSFSIPPYGDHTYYTMDGYINNTLSVFNITDFKNTDKENPYI
GLGNYTLCRYRDFRNPPGHPQEYKHNIYYWHVIAAKLAFIIVMEHIIYSVKFFISYAIPDVSKITKSKIKREKYLTQKLL
HESHLKDLTKNMGIIAERIGGTVDNSVRPKLEALEVLFQGPQGTMVSKGEELFTGVVPILVELDGDVNGHKFSVSGEGEG
DATYGKLTLKFICTTGKLPVPWPTLVTTLTYGVQCFSRYPDHMKQHDFFKSAMPEGYVQERTIFFKDDGNYKTRAEVKFE
GDTLVNRIELKGIDFKEDGNILGHKLEYNYNSHNVYIMADKQKNGIKVNFKIRHNIEDGSVQLADHYQQNTPIGDGPVLL
PDNHYLSTQSALSKDPNEKRDHMVLLEFVTAAGITLGMDELYKGTEQKLISEEDLRGASMDEKTTGWRGGHVVEGLAGEL
EQLRARLEHHPQGQREP
;
_entity_poly.pdbx_strand_id   A,B
#
loop_
_chem_comp.id
_chem_comp.type
_chem_comp.name
_chem_comp.formula
CA non-polymer 'CALCIUM ION' 'Ca 2'
#
# COMPACT_ATOMS: atom_id res chain seq x y z
N LYS A 59 43.30 -33.88 -26.66
CA LYS A 59 41.88 -34.02 -26.99
C LYS A 59 41.15 -32.69 -26.90
N PRO A 60 40.47 -32.30 -27.98
CA PRO A 60 39.72 -31.04 -27.94
C PRO A 60 38.65 -31.01 -26.85
N ASP A 61 38.01 -32.13 -26.58
CA ASP A 61 37.00 -32.22 -25.52
C ASP A 61 37.63 -32.79 -24.25
N SER A 62 38.56 -32.03 -23.68
CA SER A 62 39.27 -32.40 -22.46
C SER A 62 38.71 -31.58 -21.30
N LEU A 63 37.89 -32.22 -20.46
CA LEU A 63 37.34 -31.60 -19.28
C LEU A 63 38.17 -31.88 -18.03
N PHE A 64 39.23 -32.67 -18.17
CA PHE A 64 40.03 -33.13 -17.05
C PHE A 64 41.47 -32.64 -17.21
N PHE A 65 42.34 -33.10 -16.30
CA PHE A 65 43.75 -32.73 -16.34
C PHE A 65 44.50 -33.69 -17.26
N THR A 66 45.82 -33.52 -17.35
CA THR A 66 46.64 -34.42 -18.14
C THR A 66 46.58 -35.84 -17.58
N ASP A 67 46.65 -35.99 -16.26
CA ASP A 67 46.52 -37.30 -15.66
C ASP A 67 45.10 -37.84 -15.76
N GLY A 68 44.11 -36.95 -15.85
CA GLY A 68 42.73 -37.36 -15.97
C GLY A 68 42.07 -37.64 -14.63
N GLN A 69 40.78 -37.97 -14.71
CA GLN A 69 39.96 -38.29 -13.55
C GLN A 69 39.90 -37.13 -12.56
N ARG A 70 39.99 -35.90 -13.06
CA ARG A 70 39.90 -34.71 -12.21
C ARG A 70 39.29 -33.60 -13.06
N ARG A 71 37.99 -33.39 -12.92
CA ARG A 71 37.30 -32.37 -13.69
C ARG A 71 37.82 -30.99 -13.37
N ILE A 72 38.09 -30.20 -14.41
CA ILE A 72 38.55 -28.83 -14.21
C ILE A 72 37.40 -27.99 -13.66
N ASP A 73 37.70 -27.14 -12.69
CA ASP A 73 36.68 -26.29 -12.08
C ASP A 73 36.87 -24.80 -12.35
N PHE A 74 38.07 -24.36 -12.72
CA PHE A 74 38.26 -22.94 -12.99
C PHE A 74 39.55 -22.73 -13.76
N ILE A 75 39.61 -21.65 -14.52
CA ILE A 75 40.82 -21.20 -15.21
C ILE A 75 41.08 -19.76 -14.83
N LEU A 76 42.35 -19.44 -14.56
CA LEU A 76 42.81 -18.06 -14.48
C LEU A 76 44.12 -17.96 -15.25
N VAL A 77 44.29 -16.85 -15.98
CA VAL A 77 45.41 -16.69 -16.89
C VAL A 77 46.16 -15.40 -16.56
N TYR A 78 47.48 -15.45 -16.63
CA TYR A 78 48.32 -14.28 -16.44
C TYR A 78 49.69 -14.54 -17.06
N GLU A 79 50.39 -13.45 -17.40
CA GLU A 79 51.73 -13.56 -17.95
C GLU A 79 52.45 -12.24 -17.66
N ASP A 80 53.32 -12.25 -16.65
CA ASP A 80 54.08 -11.08 -16.25
C ASP A 80 55.58 -11.28 -16.43
N GLU A 81 55.97 -12.16 -17.36
CA GLU A 81 57.39 -12.42 -17.58
C GLU A 81 58.10 -11.20 -18.13
N SER A 82 57.45 -10.44 -19.00
CA SER A 82 58.04 -9.24 -19.58
C SER A 82 57.11 -8.04 -19.43
N LYS A 89 57.57 -2.12 -18.44
CA LYS A 89 59.02 -2.15 -18.25
C LYS A 89 59.40 -1.70 -16.85
N GLY A 90 60.20 -2.52 -16.16
CA GLY A 90 60.61 -2.20 -14.81
C GLY A 90 59.62 -2.63 -13.77
N THR A 91 58.38 -2.14 -13.88
CA THR A 91 57.33 -2.50 -12.94
C THR A 91 56.84 -3.92 -13.13
N ASN A 92 57.13 -4.55 -14.28
CA ASN A 92 56.58 -5.87 -14.58
C ASN A 92 56.98 -6.90 -13.53
N GLU A 93 58.23 -6.85 -13.07
CA GLU A 93 58.69 -7.80 -12.06
C GLU A 93 57.87 -7.69 -10.78
N LYS A 94 57.35 -6.50 -10.48
CA LYS A 94 56.60 -6.31 -9.24
C LYS A 94 55.35 -7.18 -9.21
N GLN A 95 54.50 -7.09 -10.24
CA GLN A 95 53.36 -7.99 -10.28
C GLN A 95 53.78 -9.42 -10.58
N LYS A 96 54.93 -9.61 -11.24
CA LYS A 96 55.43 -10.96 -11.45
C LYS A 96 55.60 -11.71 -10.13
N ARG A 97 56.31 -11.09 -9.18
CA ARG A 97 56.50 -11.78 -7.90
C ARG A 97 55.38 -11.49 -6.90
N LYS A 98 54.45 -10.59 -7.23
CA LYS A 98 53.21 -10.55 -6.48
C LYS A 98 52.33 -11.76 -6.78
N ARG A 99 52.17 -12.10 -8.06
CA ARG A 99 51.38 -13.25 -8.45
C ARG A 99 52.14 -14.56 -8.32
N GLN A 100 53.47 -14.52 -8.24
CA GLN A 100 54.24 -15.74 -8.08
C GLN A 100 53.94 -16.42 -6.76
N ALA A 101 53.82 -15.65 -5.67
CA ALA A 101 53.52 -16.19 -4.37
C ALA A 101 52.03 -16.24 -4.06
N TYR A 102 51.20 -15.64 -4.90
CA TYR A 102 49.75 -15.68 -4.67
C TYR A 102 49.21 -17.10 -4.78
N GLU A 103 49.70 -17.86 -5.77
CA GLU A 103 49.27 -19.24 -5.94
C GLU A 103 49.82 -20.17 -4.88
N SER A 104 50.82 -19.73 -4.11
CA SER A 104 51.48 -20.63 -3.16
C SER A 104 50.52 -21.08 -2.06
N ASN A 105 49.84 -20.13 -1.40
CA ASN A 105 48.96 -20.49 -0.30
C ASN A 105 47.68 -21.15 -0.79
N LEU A 106 47.33 -20.98 -2.06
CA LEU A 106 46.13 -21.61 -2.61
C LEU A 106 46.32 -23.10 -2.86
N ILE A 107 47.57 -23.57 -2.90
CA ILE A 107 47.82 -24.98 -3.16
C ILE A 107 47.21 -25.83 -2.07
N CYS A 108 46.49 -26.87 -2.47
CA CYS A 108 45.82 -27.76 -1.52
C CYS A 108 46.80 -28.80 -0.97
N LEU A 124 52.20 -19.63 -23.22
CA LEU A 124 51.20 -19.31 -22.19
C LEU A 124 50.54 -20.58 -21.66
N VAL A 125 50.35 -20.62 -20.35
CA VAL A 125 49.71 -21.75 -19.68
C VAL A 125 48.45 -21.25 -18.98
N PHE A 126 47.38 -22.02 -19.09
CA PHE A 126 46.09 -21.69 -18.50
C PHE A 126 46.05 -22.26 -17.08
N VAL A 127 46.14 -21.38 -16.09
CA VAL A 127 46.26 -21.82 -14.70
C VAL A 127 44.96 -22.50 -14.29
N LYS A 128 45.00 -23.81 -14.09
CA LYS A 128 43.83 -24.60 -13.77
C LYS A 128 43.64 -24.68 -12.26
N VAL A 129 42.39 -24.65 -11.83
CA VAL A 129 42.02 -24.71 -10.42
C VAL A 129 40.97 -25.80 -10.25
N HIS A 130 41.23 -26.73 -9.33
CA HIS A 130 40.36 -27.86 -9.08
C HIS A 130 40.12 -28.00 -7.57
N ALA A 131 38.93 -28.50 -7.22
CA ALA A 131 38.54 -28.71 -5.83
C ALA A 131 38.32 -30.19 -5.58
N PRO A 132 39.27 -30.90 -4.97
CA PRO A 132 39.06 -32.33 -4.68
C PRO A 132 38.00 -32.54 -3.60
N TRP A 133 37.73 -33.81 -3.27
CA TRP A 133 36.69 -34.13 -2.30
C TRP A 133 37.01 -33.54 -0.93
N GLU A 134 38.24 -33.75 -0.45
CA GLU A 134 38.63 -33.27 0.86
C GLU A 134 38.72 -31.75 0.94
N VAL A 135 38.76 -31.07 -0.19
CA VAL A 135 38.79 -29.61 -0.20
C VAL A 135 37.38 -29.03 -0.23
N LEU A 136 36.52 -29.57 -1.10
CA LEU A 136 35.13 -29.12 -1.13
C LEU A 136 34.43 -29.44 0.17
N CYS A 137 34.72 -30.60 0.76
CA CYS A 137 34.10 -30.95 2.04
C CYS A 137 34.55 -30.00 3.14
N THR A 138 35.85 -29.66 3.18
CA THR A 138 36.35 -28.83 4.27
C THR A 138 35.99 -27.36 4.10
N TYR A 139 35.80 -26.89 2.87
CA TYR A 139 35.44 -25.50 2.64
C TYR A 139 33.95 -25.29 2.38
N ALA A 140 33.16 -26.35 2.40
CA ALA A 140 31.71 -26.23 2.35
C ALA A 140 31.10 -26.03 3.73
N GLU A 141 31.90 -26.13 4.79
CA GLU A 141 31.37 -25.93 6.15
C GLU A 141 31.01 -24.47 6.39
N ILE A 142 31.70 -23.54 5.73
CA ILE A 142 31.49 -22.12 6.01
C ILE A 142 30.08 -21.70 5.62
N MET A 143 29.62 -22.11 4.44
CA MET A 143 28.32 -21.74 3.93
C MET A 143 27.37 -22.93 3.99
N HIS A 144 26.17 -22.71 4.51
CA HIS A 144 25.19 -23.78 4.67
C HIS A 144 24.45 -23.99 3.36
N ILE A 145 24.73 -25.11 2.69
CA ILE A 145 24.08 -25.47 1.43
C ILE A 145 23.55 -26.89 1.56
N LYS A 146 22.28 -27.08 1.19
CA LYS A 146 21.65 -28.39 1.29
C LYS A 146 22.15 -29.28 0.15
N LEU A 147 22.91 -30.33 0.51
CA LEU A 147 23.41 -31.28 -0.46
C LEU A 147 22.30 -32.23 -0.91
N PRO A 148 22.40 -32.77 -2.13
CA PRO A 148 21.40 -33.74 -2.59
C PRO A 148 21.48 -35.07 -1.84
N PHE A 188 14.93 -38.00 -4.10
CA PHE A 188 14.93 -38.37 -2.68
C PHE A 188 14.54 -37.19 -1.80
N GLU A 189 15.33 -36.95 -0.75
CA GLU A 189 15.08 -35.88 0.20
C GLU A 189 16.36 -35.11 0.43
N LYS A 190 16.26 -34.05 1.24
CA LYS A 190 17.40 -33.20 1.57
C LYS A 190 17.43 -32.92 3.06
N SER A 191 18.63 -32.66 3.57
CA SER A 191 18.81 -32.32 4.98
C SER A 191 19.77 -31.14 5.07
N ARG A 192 19.82 -30.53 6.25
CA ARG A 192 20.60 -29.31 6.46
C ARG A 192 22.07 -29.66 6.59
N MET A 193 22.85 -29.32 5.56
CA MET A 193 24.31 -29.24 5.61
C MET A 193 24.96 -30.63 5.67
N ASN A 194 24.16 -31.68 5.85
CA ASN A 194 24.70 -33.03 5.96
C ASN A 194 23.62 -34.04 5.62
N ASP A 195 23.82 -34.78 4.52
CA ASP A 195 22.92 -35.85 4.11
C ASP A 195 23.57 -36.62 2.98
N PHE A 196 22.97 -37.76 2.64
CA PHE A 196 23.45 -38.60 1.56
C PHE A 196 22.30 -38.97 0.64
N TYR A 197 22.61 -39.15 -0.64
CA TYR A 197 21.61 -39.49 -1.63
C TYR A 197 21.10 -40.92 -1.44
N ASN A 206 26.99 -32.34 -8.38
CA ASN A 206 26.51 -31.15 -9.06
C ASN A 206 27.69 -30.32 -9.61
N PRO A 207 27.97 -30.47 -10.90
CA PRO A 207 29.11 -29.75 -11.49
C PRO A 207 28.98 -28.25 -11.43
N ALA A 208 27.77 -27.71 -11.26
CA ALA A 208 27.59 -26.26 -11.25
C ALA A 208 28.26 -25.63 -10.02
N THR A 209 27.99 -26.17 -8.83
CA THR A 209 28.40 -25.52 -7.59
C THR A 209 29.92 -25.51 -7.38
N ARG A 210 30.68 -26.30 -8.15
CA ARG A 210 32.12 -26.29 -7.99
C ARG A 210 32.71 -24.92 -8.32
N SER A 211 32.18 -24.28 -9.37
CA SER A 211 32.67 -22.95 -9.72
C SER A 211 32.40 -21.95 -8.62
N ARG A 212 31.22 -21.99 -8.01
CA ARG A 212 30.92 -21.08 -6.90
C ARG A 212 31.80 -21.36 -5.70
N ILE A 213 32.04 -22.64 -5.40
CA ILE A 213 32.91 -22.98 -4.27
C ILE A 213 34.32 -22.48 -4.52
N VAL A 214 34.83 -22.65 -5.74
CA VAL A 214 36.18 -22.18 -6.06
C VAL A 214 36.24 -20.65 -5.99
N TYR A 215 35.20 -19.97 -6.45
CA TYR A 215 35.17 -18.51 -6.38
C TYR A 215 35.16 -18.04 -4.93
N PHE A 216 34.38 -18.70 -4.07
CA PHE A 216 34.37 -18.35 -2.65
C PHE A 216 35.73 -18.60 -2.01
N ILE A 217 36.37 -19.71 -2.37
CA ILE A 217 37.70 -20.01 -1.85
C ILE A 217 38.69 -18.92 -2.27
N LEU A 218 38.63 -18.51 -3.53
CA LEU A 218 39.52 -17.45 -4.01
C LEU A 218 39.26 -16.14 -3.28
N SER A 219 37.99 -15.80 -3.06
CA SER A 219 37.66 -14.55 -2.40
C SER A 219 38.09 -14.54 -0.94
N ARG A 220 37.90 -15.66 -0.24
CA ARG A 220 38.21 -15.70 1.19
C ARG A 220 39.72 -15.68 1.43
N VAL A 221 40.47 -16.50 0.69
CA VAL A 221 41.91 -16.57 0.89
C VAL A 221 42.55 -15.27 0.42
N LYS A 222 43.43 -14.71 1.24
CA LYS A 222 44.04 -13.41 1.01
C LYS A 222 45.54 -13.57 0.75
N TYR A 223 46.17 -12.46 0.42
CA TYR A 223 47.61 -12.41 0.20
C TYR A 223 48.27 -11.74 1.41
N GLN A 224 49.23 -12.43 2.01
CA GLN A 224 49.88 -11.95 3.23
C GLN A 224 51.21 -11.30 2.90
N VAL A 225 51.46 -10.15 3.50
CA VAL A 225 52.68 -9.37 3.29
C VAL A 225 53.25 -8.97 4.66
N MET A 226 54.32 -8.18 4.62
CA MET A 226 54.94 -7.66 5.83
C MET A 226 54.89 -6.14 5.92
N ASN A 227 54.29 -5.46 4.94
CA ASN A 227 54.21 -4.00 4.94
C ASN A 227 52.78 -3.49 5.00
N ASN A 228 51.85 -4.31 5.51
CA ASN A 228 50.47 -3.90 5.78
C ASN A 228 49.74 -3.47 4.50
N VAL A 229 49.87 -4.28 3.45
CA VAL A 229 49.09 -4.13 2.22
C VAL A 229 48.48 -5.49 1.92
N ASN A 230 47.28 -5.72 2.43
CA ASN A 230 46.62 -7.03 2.35
C ASN A 230 45.47 -6.97 1.36
N LYS A 231 45.43 -7.95 0.47
CA LYS A 231 44.35 -8.09 -0.52
C LYS A 231 43.77 -9.49 -0.45
N PHE A 232 42.46 -9.59 -0.55
CA PHE A 232 41.76 -10.86 -0.55
C PHE A 232 40.95 -10.98 -1.83
N GLY A 233 41.12 -12.11 -2.53
CA GLY A 233 40.47 -12.32 -3.81
C GLY A 233 41.13 -11.55 -4.92
N ILE A 234 40.67 -11.82 -6.15
CA ILE A 234 41.19 -11.14 -7.33
C ILE A 234 40.30 -9.97 -7.73
N ASN A 235 39.38 -9.54 -6.86
CA ASN A 235 38.54 -8.40 -7.17
C ASN A 235 39.37 -7.14 -7.39
N ARG A 236 40.35 -6.91 -6.52
CA ARG A 236 41.30 -5.83 -6.71
C ARG A 236 42.46 -6.22 -7.63
N LEU A 237 42.77 -7.51 -7.73
CA LEU A 237 43.92 -7.94 -8.52
C LEU A 237 43.66 -7.76 -10.01
N VAL A 238 42.50 -8.21 -10.49
CA VAL A 238 42.19 -8.06 -11.91
C VAL A 238 41.87 -6.61 -12.26
N SER A 239 41.40 -5.82 -11.31
CA SER A 239 41.13 -4.41 -11.57
C SER A 239 42.43 -3.65 -11.84
N SER A 240 43.48 -3.94 -11.06
CA SER A 240 44.76 -3.29 -11.30
C SER A 240 45.38 -3.76 -12.61
N GLY A 241 45.26 -5.04 -12.94
CA GLY A 241 45.75 -5.54 -14.20
C GLY A 241 46.80 -6.64 -14.11
N ILE A 242 46.94 -7.25 -12.93
CA ILE A 242 47.91 -8.33 -12.77
C ILE A 242 47.49 -9.55 -13.57
N TYR A 243 46.23 -9.97 -13.45
CA TYR A 243 45.73 -11.08 -14.23
C TYR A 243 45.10 -10.60 -15.53
N LYS A 244 44.73 -11.56 -16.37
CA LYS A 244 44.11 -11.31 -17.66
C LYS A 244 42.64 -11.74 -17.69
N ALA A 245 42.35 -12.99 -17.31
CA ALA A 245 40.99 -13.49 -17.32
C ALA A 245 40.85 -14.61 -16.31
N ALA A 246 39.60 -14.87 -15.93
CA ALA A 246 39.27 -15.90 -14.94
C ALA A 246 37.83 -16.33 -15.16
N PHE A 247 37.61 -17.64 -15.28
CA PHE A 247 36.30 -18.17 -15.66
C PHE A 247 36.24 -19.69 -15.47
N PRO A 248 35.05 -20.27 -15.28
CA PRO A 248 34.92 -21.72 -15.38
C PRO A 248 34.71 -22.14 -16.84
N LEU A 249 34.81 -23.45 -17.08
CA LEU A 249 34.62 -23.99 -18.41
C LEU A 249 33.68 -25.19 -18.37
N HIS A 250 32.95 -25.37 -19.47
CA HIS A 250 32.05 -26.50 -19.64
C HIS A 250 32.54 -27.40 -20.78
N ASP A 251 31.76 -28.41 -21.09
CA ASP A 251 32.11 -29.38 -22.12
C ASP A 251 31.75 -28.82 -23.50
N CYS A 252 31.88 -29.65 -24.53
CA CYS A 252 31.60 -29.22 -25.89
C CYS A 252 30.10 -29.09 -26.13
N SER A 265 26.20 -34.37 -24.48
CA SER A 265 26.08 -34.17 -23.05
C SER A 265 25.07 -33.09 -22.73
N GLU A 266 25.12 -32.55 -21.51
CA GLU A 266 24.12 -31.59 -21.06
C GLU A 266 24.15 -30.28 -21.84
N ARG A 267 25.21 -30.04 -22.63
CA ARG A 267 25.27 -28.85 -23.46
C ARG A 267 24.56 -29.04 -24.79
N TYR A 268 24.69 -30.23 -25.40
CA TYR A 268 24.03 -30.50 -26.67
C TYR A 268 22.53 -30.69 -26.48
N LEU A 269 22.14 -31.47 -25.46
CA LEU A 269 20.73 -31.69 -25.19
C LEU A 269 20.03 -30.39 -24.83
N LEU A 270 20.73 -29.46 -24.18
CA LEU A 270 20.19 -28.14 -23.92
C LEU A 270 20.31 -27.22 -25.13
N TYR A 271 21.19 -27.56 -26.08
CA TYR A 271 21.27 -26.77 -27.31
C TYR A 271 20.13 -27.08 -28.27
N ARG A 272 19.69 -28.33 -28.34
CA ARG A 272 18.71 -28.71 -29.37
C ARG A 272 17.35 -28.11 -29.09
N GLU A 273 16.76 -28.41 -27.93
CA GLU A 273 15.37 -28.07 -27.65
C GLU A 273 15.21 -26.77 -26.86
N TRP A 274 16.31 -26.06 -26.58
CA TRP A 274 16.22 -24.88 -25.76
C TRP A 274 17.02 -23.70 -26.29
N ALA A 275 17.89 -23.90 -27.28
CA ALA A 275 18.74 -22.83 -27.79
C ALA A 275 18.34 -22.38 -29.18
N HIS A 276 18.26 -23.29 -30.14
CA HIS A 276 17.86 -22.89 -31.48
C HIS A 276 16.39 -22.49 -31.51
N PRO A 277 16.03 -21.44 -32.25
CA PRO A 277 14.65 -20.96 -32.27
C PRO A 277 13.65 -21.93 -32.88
N ARG A 278 14.08 -23.12 -33.33
CA ARG A 278 13.14 -24.08 -33.91
C ARG A 278 12.20 -24.64 -32.83
N SER A 279 12.68 -24.76 -31.60
CA SER A 279 11.88 -25.29 -30.51
C SER A 279 11.08 -24.16 -29.85
N ILE A 280 10.16 -23.62 -30.64
CA ILE A 280 9.31 -22.53 -30.15
C ILE A 280 8.36 -23.03 -29.06
N TYR A 281 7.70 -24.16 -29.32
CA TYR A 281 6.68 -24.68 -28.42
C TYR A 281 7.20 -25.72 -27.42
N LYS A 282 8.46 -26.15 -27.57
CA LYS A 282 8.98 -27.17 -26.67
C LYS A 282 9.17 -26.61 -25.27
N LYS A 283 8.66 -27.34 -24.28
CA LYS A 283 8.74 -26.89 -22.90
C LYS A 283 10.19 -26.95 -22.41
N GLN A 284 10.58 -25.93 -21.65
CA GLN A 284 11.95 -25.85 -21.14
C GLN A 284 12.07 -26.59 -19.81
N PRO A 285 13.19 -27.27 -19.58
CA PRO A 285 13.43 -27.88 -18.27
C PRO A 285 14.03 -26.88 -17.29
N LEU A 286 13.19 -26.06 -16.65
CA LEU A 286 13.69 -25.04 -15.74
C LEU A 286 14.49 -25.65 -14.59
N ASP A 287 14.16 -26.89 -14.20
CA ASP A 287 15.00 -27.58 -13.23
C ASP A 287 16.40 -27.81 -13.78
N LEU A 288 16.51 -28.20 -15.05
CA LEU A 288 17.81 -28.38 -15.67
C LEU A 288 18.56 -27.05 -15.76
N ILE A 289 17.84 -25.96 -16.07
CA ILE A 289 18.47 -24.65 -16.14
C ILE A 289 19.02 -24.25 -14.78
N ARG A 290 18.24 -24.47 -13.72
CA ARG A 290 18.71 -24.18 -12.38
C ARG A 290 19.94 -25.01 -12.05
N LYS A 291 19.90 -26.29 -12.38
CA LYS A 291 20.99 -27.21 -12.03
C LYS A 291 22.24 -27.01 -12.86
N TYR A 292 22.14 -26.36 -14.03
CA TYR A 292 23.28 -26.21 -14.92
C TYR A 292 23.84 -24.80 -14.97
N TYR A 293 22.99 -23.77 -15.08
CA TYR A 293 23.45 -22.41 -15.26
C TYR A 293 23.18 -21.53 -14.05
N GLY A 294 22.93 -22.12 -12.89
CA GLY A 294 22.86 -21.37 -11.66
C GLY A 294 21.45 -20.94 -11.29
N GLU A 295 21.29 -20.60 -10.01
CA GLU A 295 19.98 -20.20 -9.50
C GLU A 295 19.53 -18.87 -10.06
N LYS A 296 20.45 -17.93 -10.26
CA LYS A 296 20.07 -16.62 -10.78
C LYS A 296 19.49 -16.73 -12.19
N ILE A 297 20.17 -17.47 -13.06
CA ILE A 297 19.68 -17.65 -14.42
C ILE A 297 18.39 -18.45 -14.42
N GLY A 298 18.28 -19.44 -13.53
CA GLY A 298 17.04 -20.20 -13.43
C GLY A 298 15.86 -19.33 -13.02
N ILE A 299 16.07 -18.44 -12.05
CA ILE A 299 15.00 -17.53 -11.64
C ILE A 299 14.66 -16.56 -12.77
N TYR A 300 15.67 -16.07 -13.48
CA TYR A 300 15.41 -15.17 -14.60
C TYR A 300 14.57 -15.86 -15.67
N PHE A 301 14.87 -17.12 -15.98
CA PHE A 301 14.13 -17.82 -17.03
C PHE A 301 12.75 -18.24 -16.55
N ALA A 302 12.63 -18.68 -15.30
CA ALA A 302 11.33 -19.03 -14.77
C ALA A 302 10.40 -17.82 -14.72
N TRP A 303 10.95 -16.66 -14.36
CA TRP A 303 10.17 -15.43 -14.42
C TRP A 303 9.72 -15.14 -15.83
N LEU A 304 10.61 -15.35 -16.81
CA LEU A 304 10.23 -15.21 -18.21
C LEU A 304 9.32 -16.35 -18.65
N GLY A 305 9.59 -17.56 -18.17
CA GLY A 305 8.70 -18.68 -18.47
C GLY A 305 7.31 -18.45 -17.89
N TYR A 306 7.24 -18.03 -16.63
CA TYR A 306 5.97 -17.64 -16.05
C TYR A 306 5.36 -16.44 -16.77
N TYR A 307 6.19 -15.58 -17.37
CA TYR A 307 5.68 -14.37 -17.98
C TYR A 307 4.72 -14.72 -19.12
N THR A 308 5.24 -15.31 -20.20
CA THR A 308 4.36 -15.69 -21.31
C THR A 308 3.44 -16.84 -20.96
N GLN A 309 3.67 -17.52 -19.84
CA GLN A 309 2.68 -18.48 -19.38
C GLN A 309 1.35 -17.82 -19.12
N MET A 310 1.33 -16.52 -18.80
CA MET A 310 0.07 -15.84 -18.56
C MET A 310 0.04 -14.41 -19.12
N LEU A 311 0.85 -14.13 -20.14
CA LEU A 311 0.50 -13.08 -21.09
C LEU A 311 -0.23 -13.62 -22.31
N LEU A 312 -0.42 -14.94 -22.41
CA LEU A 312 -1.27 -15.47 -23.47
C LEU A 312 -2.73 -15.15 -23.22
N LEU A 313 -3.16 -15.15 -21.95
CA LEU A 313 -4.52 -14.74 -21.64
C LEU A 313 -4.71 -13.24 -21.92
N ALA A 314 -3.73 -12.42 -21.56
CA ALA A 314 -3.78 -11.02 -21.92
C ALA A 314 -3.79 -10.82 -23.44
N ALA A 315 -3.03 -11.62 -24.17
CA ALA A 315 -3.03 -11.58 -25.63
C ALA A 315 -4.37 -11.97 -26.23
N VAL A 316 -5.04 -13.00 -25.70
CA VAL A 316 -6.33 -13.38 -26.26
C VAL A 316 -7.41 -12.35 -25.90
N VAL A 317 -7.32 -11.72 -24.73
CA VAL A 317 -8.23 -10.60 -24.44
C VAL A 317 -7.95 -9.45 -25.39
N GLY A 318 -6.68 -9.18 -25.67
CA GLY A 318 -6.35 -8.16 -26.66
C GLY A 318 -6.88 -8.49 -28.04
N VAL A 319 -6.86 -9.79 -28.40
CA VAL A 319 -7.41 -10.21 -29.69
C VAL A 319 -8.92 -10.04 -29.71
N ALA A 320 -9.59 -10.32 -28.60
CA ALA A 320 -11.03 -10.10 -28.52
C ALA A 320 -11.36 -8.64 -28.71
N CYS A 321 -10.62 -7.75 -28.03
CA CYS A 321 -10.83 -6.32 -28.23
C CYS A 321 -10.46 -5.90 -29.65
N PHE A 322 -9.44 -6.54 -30.22
CA PHE A 322 -9.05 -6.30 -31.60
C PHE A 322 -10.21 -6.57 -32.56
N LEU A 323 -10.82 -7.74 -32.43
CA LEU A 323 -11.91 -8.11 -33.32
C LEU A 323 -13.15 -7.27 -33.06
N TYR A 324 -13.40 -6.91 -31.80
CA TYR A 324 -14.54 -6.03 -31.52
C TYR A 324 -14.34 -4.67 -32.17
N GLY A 325 -13.13 -4.10 -32.05
CA GLY A 325 -12.87 -2.81 -32.66
C GLY A 325 -12.91 -2.85 -34.17
N TYR A 326 -12.31 -3.89 -34.77
CA TYR A 326 -12.24 -3.96 -36.23
C TYR A 326 -13.62 -4.22 -36.83
N LEU A 327 -14.37 -5.15 -36.25
CA LEU A 327 -15.69 -5.49 -36.80
C LEU A 327 -16.67 -4.35 -36.63
N ASP A 328 -16.72 -3.75 -35.43
CA ASP A 328 -17.71 -2.72 -35.13
C ASP A 328 -17.17 -1.34 -35.48
N GLN A 329 -16.77 -1.19 -36.74
CA GLN A 329 -16.38 0.10 -37.28
C GLN A 329 -17.49 0.77 -38.07
N ASP A 330 -18.67 0.18 -38.12
CA ASP A 330 -19.77 0.69 -38.94
C ASP A 330 -20.95 1.16 -38.11
N ASN A 331 -21.55 0.31 -37.30
CA ASN A 331 -22.77 0.65 -36.58
C ASN A 331 -22.46 1.09 -35.14
N CYS A 332 -21.64 2.14 -35.03
CA CYS A 332 -21.34 2.71 -33.71
C CYS A 332 -21.26 4.23 -33.71
N THR A 333 -21.50 4.89 -34.84
CA THR A 333 -21.48 6.36 -34.93
C THR A 333 -20.16 6.93 -34.41
N TRP A 334 -19.10 6.16 -34.52
CA TRP A 334 -17.76 6.58 -34.14
C TRP A 334 -16.78 5.83 -35.03
N SER A 335 -15.81 6.55 -35.58
CA SER A 335 -14.89 6.10 -36.61
C SER A 335 -15.58 5.95 -37.96
N LYS A 336 -16.90 6.13 -38.03
CA LYS A 336 -17.61 6.30 -39.28
C LYS A 336 -18.04 7.74 -39.52
N GLU A 337 -18.33 8.49 -38.44
CA GLU A 337 -18.65 9.90 -38.59
C GLU A 337 -17.46 10.66 -39.14
N VAL A 338 -16.27 10.38 -38.61
CA VAL A 338 -15.05 11.04 -39.08
C VAL A 338 -14.79 10.71 -40.54
N CYS A 339 -14.96 9.43 -40.90
CA CYS A 339 -14.72 9.02 -42.28
C CYS A 339 -15.79 9.55 -43.22
N ASP A 340 -17.03 9.65 -42.74
CA ASP A 340 -18.11 10.17 -43.59
C ASP A 340 -17.87 11.65 -43.87
N PRO A 341 -17.84 12.05 -45.15
CA PRO A 341 -17.51 13.46 -45.47
C PRO A 341 -18.62 14.45 -45.15
N ASP A 342 -19.72 14.01 -44.53
CA ASP A 342 -20.82 14.93 -44.25
C ASP A 342 -20.84 15.43 -42.81
N ILE A 343 -20.36 14.63 -41.86
CA ILE A 343 -20.36 15.00 -40.46
C ILE A 343 -18.93 15.18 -39.91
N GLY A 344 -18.03 14.26 -40.23
CA GLY A 344 -16.67 14.38 -39.77
C GLY A 344 -15.71 14.86 -40.83
N GLY A 345 -16.26 15.45 -41.90
CA GLY A 345 -15.43 15.96 -42.98
C GLY A 345 -15.58 17.45 -43.18
N GLN A 346 -16.67 18.02 -42.64
CA GLN A 346 -16.95 19.44 -42.78
C GLN A 346 -16.37 20.26 -41.64
N ILE A 347 -15.68 19.64 -40.70
CA ILE A 347 -15.11 20.33 -39.54
C ILE A 347 -13.78 20.95 -39.97
N LEU A 348 -13.76 22.27 -40.09
CA LEU A 348 -12.57 23.00 -40.52
C LEU A 348 -11.75 23.38 -39.30
N MET A 349 -10.67 22.66 -39.05
CA MET A 349 -9.80 23.00 -37.93
C MET A 349 -8.96 24.23 -38.26
N CYS A 350 -8.06 24.55 -37.34
CA CYS A 350 -7.10 25.63 -37.46
C CYS A 350 -5.71 25.11 -37.14
N PRO A 351 -4.66 25.75 -37.65
CA PRO A 351 -3.31 25.20 -37.50
C PRO A 351 -2.91 25.02 -36.05
N GLN A 352 -2.21 23.91 -35.77
CA GLN A 352 -1.79 23.63 -34.41
C GLN A 352 -0.62 24.51 -33.99
N CYS A 353 0.32 24.75 -34.90
CA CYS A 353 1.49 25.55 -34.60
C CYS A 353 1.35 26.95 -35.17
N ASP A 354 2.41 27.75 -35.02
CA ASP A 354 2.34 29.17 -35.38
C ASP A 354 2.22 29.36 -36.88
N ARG A 355 3.07 28.70 -37.65
CA ARG A 355 3.15 28.94 -39.08
C ARG A 355 3.53 27.65 -39.80
N LEU A 356 3.29 27.64 -41.12
CA LEU A 356 3.58 26.50 -42.00
C LEU A 356 2.66 25.33 -41.70
N CYS A 357 1.39 25.61 -41.42
CA CYS A 357 0.33 24.61 -41.28
C CYS A 357 -0.97 25.25 -41.73
N PRO A 358 -1.72 24.62 -42.63
CA PRO A 358 -2.96 25.23 -43.12
C PRO A 358 -4.18 24.83 -42.30
N PHE A 359 -5.33 25.40 -42.64
CA PHE A 359 -6.59 25.07 -41.98
C PHE A 359 -7.07 23.73 -42.52
N TRP A 360 -6.67 22.66 -41.85
CA TRP A 360 -6.99 21.31 -42.30
C TRP A 360 -8.43 20.96 -41.95
N ARG A 361 -8.82 19.76 -42.36
CA ARG A 361 -10.17 19.24 -42.12
C ARG A 361 -10.09 17.89 -41.44
N LEU A 362 -11.14 17.56 -40.68
CA LEU A 362 -11.17 16.29 -39.95
C LEU A 362 -11.26 15.09 -40.88
N ASN A 363 -11.64 15.29 -42.15
CA ASN A 363 -11.81 14.17 -43.07
C ASN A 363 -10.52 13.37 -43.23
N ILE A 364 -9.37 14.05 -43.27
CA ILE A 364 -8.09 13.37 -43.44
C ILE A 364 -7.81 12.43 -42.27
N THR A 365 -8.51 12.59 -41.16
CA THR A 365 -8.33 11.70 -40.01
C THR A 365 -8.87 10.30 -40.30
N CYS A 366 -9.67 10.15 -41.36
CA CYS A 366 -10.39 8.90 -41.61
C CYS A 366 -9.47 7.69 -41.59
N GLU A 367 -8.37 7.74 -42.33
CA GLU A 367 -7.49 6.58 -42.45
C GLU A 367 -6.93 6.16 -41.10
N SER A 368 -6.81 7.11 -40.17
CA SER A 368 -6.37 6.79 -38.82
C SER A 368 -7.52 6.78 -37.81
N SER A 369 -8.71 7.23 -38.21
CA SER A 369 -9.85 7.19 -37.30
C SER A 369 -10.62 5.88 -37.40
N LYS A 370 -10.71 5.30 -38.60
CA LYS A 370 -11.35 3.99 -38.74
C LYS A 370 -10.59 2.93 -37.96
N LYS A 371 -9.27 3.02 -37.94
CA LYS A 371 -8.44 2.14 -37.13
C LYS A 371 -8.23 2.66 -35.71
N LEU A 372 -8.83 3.80 -35.37
CA LEU A 372 -8.75 4.30 -34.00
C LEU A 372 -9.69 3.54 -33.07
N CYS A 373 -10.87 3.15 -33.58
CA CYS A 373 -11.89 2.53 -32.75
C CYS A 373 -11.39 1.23 -32.12
N ILE A 374 -10.41 0.58 -32.74
CA ILE A 374 -9.90 -0.67 -32.19
C ILE A 374 -9.24 -0.42 -30.84
N PHE A 375 -8.61 0.74 -30.66
CA PHE A 375 -8.10 1.15 -29.36
C PHE A 375 -9.15 1.87 -28.53
N ASP A 376 -10.26 2.26 -29.13
CA ASP A 376 -11.35 2.91 -28.43
C ASP A 376 -12.44 1.89 -28.12
N SER A 377 -13.61 2.36 -27.68
CA SER A 377 -14.80 1.52 -27.44
C SER A 377 -14.44 0.48 -26.36
N PHE A 378 -14.95 -0.74 -26.47
CA PHE A 378 -14.67 -1.76 -25.46
C PHE A 378 -13.20 -2.19 -25.44
N GLY A 379 -12.43 -1.82 -26.45
CA GLY A 379 -11.01 -2.08 -26.42
C GLY A 379 -10.23 -1.21 -25.47
N THR A 380 -10.91 -0.29 -24.78
CA THR A 380 -10.26 0.60 -23.83
C THR A 380 -10.69 0.33 -22.39
N LEU A 381 -11.99 0.43 -22.08
CA LEU A 381 -12.40 0.45 -20.67
C LEU A 381 -12.25 -0.92 -20.03
N ILE A 382 -12.94 -1.94 -20.55
CA ILE A 382 -12.84 -3.26 -19.95
C ILE A 382 -11.44 -3.83 -20.17
N PHE A 383 -10.79 -3.47 -21.28
CA PHE A 383 -9.43 -3.93 -21.52
C PHE A 383 -8.48 -3.44 -20.43
N ALA A 384 -8.50 -2.14 -20.13
CA ALA A 384 -7.60 -1.61 -19.12
C ALA A 384 -8.00 -2.04 -17.72
N VAL A 385 -9.29 -2.21 -17.46
CA VAL A 385 -9.72 -2.71 -16.15
C VAL A 385 -9.20 -4.13 -15.95
N PHE A 386 -9.33 -4.97 -16.98
CA PHE A 386 -8.79 -6.32 -16.89
C PHE A 386 -7.28 -6.30 -16.77
N MET A 387 -6.62 -5.35 -17.43
CA MET A 387 -5.16 -5.25 -17.31
C MET A 387 -4.75 -4.88 -15.88
N GLY A 388 -5.48 -3.95 -15.26
CA GLY A 388 -5.17 -3.61 -13.87
C GLY A 388 -5.41 -4.77 -12.93
N VAL A 389 -6.54 -5.46 -13.09
CA VAL A 389 -6.81 -6.63 -12.26
C VAL A 389 -5.74 -7.69 -12.47
N TRP A 390 -5.34 -7.89 -13.74
CA TRP A 390 -4.33 -8.89 -14.07
C TRP A 390 -2.99 -8.55 -13.43
N VAL A 391 -2.57 -7.28 -13.52
CA VAL A 391 -1.28 -6.90 -12.99
C VAL A 391 -1.28 -6.98 -11.47
N THR A 392 -2.42 -6.69 -10.83
CA THR A 392 -2.48 -6.85 -9.38
C THR A 392 -2.58 -8.31 -8.96
N LEU A 393 -3.07 -9.20 -9.84
CA LEU A 393 -3.25 -10.58 -9.41
C LEU A 393 -2.05 -11.47 -9.71
N PHE A 394 -1.39 -11.32 -10.87
CA PHE A 394 -0.34 -12.30 -11.14
C PHE A 394 0.89 -12.02 -10.30
N LEU A 395 0.99 -10.82 -9.73
CA LEU A 395 2.05 -10.56 -8.76
C LEU A 395 1.95 -11.53 -7.59
N GLU A 396 0.77 -11.64 -6.98
CA GLU A 396 0.57 -12.59 -5.88
C GLU A 396 0.61 -14.03 -6.38
N PHE A 397 0.13 -14.27 -7.60
CA PHE A 397 0.23 -15.62 -8.15
C PHE A 397 1.69 -16.05 -8.26
N TRP A 398 2.57 -15.15 -8.70
CA TRP A 398 3.99 -15.45 -8.77
C TRP A 398 4.65 -15.42 -7.40
N LYS A 399 4.07 -14.74 -6.41
CA LYS A 399 4.54 -14.95 -5.04
C LYS A 399 4.30 -16.40 -4.61
N ARG A 400 3.13 -16.94 -4.95
CA ARG A 400 2.88 -18.35 -4.70
C ARG A 400 3.86 -19.23 -5.48
N ARG A 401 4.12 -18.86 -6.73
CA ARG A 401 5.10 -19.60 -7.53
C ARG A 401 6.49 -19.55 -6.89
N GLN A 402 6.89 -18.40 -6.37
CA GLN A 402 8.16 -18.27 -5.68
C GLN A 402 8.19 -19.15 -4.44
N ALA A 403 7.10 -19.18 -3.68
CA ALA A 403 7.03 -20.06 -2.52
C ALA A 403 7.18 -21.52 -2.92
N GLU A 404 6.55 -21.91 -4.03
CA GLU A 404 6.71 -23.27 -4.54
C GLU A 404 8.16 -23.54 -4.91
N LEU A 405 8.82 -22.57 -5.53
CA LEU A 405 10.22 -22.72 -5.89
C LEU A 405 11.10 -22.89 -4.65
N GLU A 406 10.85 -22.10 -3.60
CA GLU A 406 11.57 -22.27 -2.35
C GLU A 406 11.29 -23.64 -1.74
N TYR A 407 10.07 -24.17 -1.95
CA TYR A 407 9.78 -25.52 -1.48
C TYR A 407 10.56 -26.55 -2.26
N GLU A 408 10.79 -26.31 -3.55
CA GLU A 408 11.50 -27.28 -4.38
C GLU A 408 13.00 -27.24 -4.13
N TRP A 409 13.64 -26.11 -4.40
CA TRP A 409 15.07 -25.97 -4.21
C TRP A 409 15.38 -25.52 -2.79
N ASP A 410 16.67 -25.54 -2.45
CA ASP A 410 17.11 -25.05 -1.15
C ASP A 410 16.81 -23.56 -1.03
N THR A 411 17.49 -22.76 -1.85
CA THR A 411 17.29 -21.31 -1.95
C THR A 411 17.17 -20.66 -0.58
N VAL A 412 18.21 -20.87 0.22
CA VAL A 412 18.25 -20.30 1.57
C VAL A 412 19.40 -19.31 1.69
N LEU A 456 24.83 16.79 -0.83
CA LEU A 456 25.57 16.33 -1.99
C LEU A 456 24.71 15.41 -2.84
N CYS A 457 23.78 14.70 -2.19
CA CYS A 457 22.91 13.78 -2.92
C CYS A 457 22.01 14.53 -3.90
N ALA A 458 21.48 15.68 -3.49
CA ALA A 458 20.62 16.45 -4.38
C ALA A 458 21.38 16.92 -5.61
N SER A 459 22.61 17.35 -5.43
CA SER A 459 23.45 17.71 -6.57
C SER A 459 23.98 16.45 -7.24
N ALA A 460 24.49 16.63 -8.46
CA ALA A 460 25.10 15.55 -9.24
C ALA A 460 24.10 14.45 -9.55
N VAL A 461 23.63 13.74 -8.52
CA VAL A 461 22.74 12.59 -8.74
C VAL A 461 21.41 13.05 -9.29
N PHE A 462 20.67 13.84 -8.50
CA PHE A 462 19.41 14.40 -8.98
C PHE A 462 19.62 15.50 -10.02
N PHE A 463 20.80 16.10 -10.06
CA PHE A 463 21.06 17.15 -11.03
C PHE A 463 20.94 16.63 -12.46
N TRP A 464 21.50 15.44 -12.72
CA TRP A 464 21.45 14.88 -14.07
C TRP A 464 20.03 14.42 -14.42
N ILE A 465 19.28 13.91 -13.45
CA ILE A 465 17.89 13.53 -13.70
C ILE A 465 17.06 14.76 -14.05
N LEU A 466 17.25 15.86 -13.31
CA LEU A 466 16.58 17.10 -13.68
C LEU A 466 17.05 17.58 -15.05
N LEU A 467 18.33 17.39 -15.37
CA LEU A 467 18.85 17.82 -16.66
C LEU A 467 18.19 17.05 -17.81
N ILE A 468 17.96 15.74 -17.64
CA ILE A 468 17.27 15.00 -18.70
C ILE A 468 15.77 15.29 -18.71
N ILE A 469 15.17 15.58 -17.56
CA ILE A 469 13.80 16.07 -17.55
C ILE A 469 13.70 17.34 -18.40
N ALA A 470 14.73 18.19 -18.34
CA ALA A 470 14.78 19.35 -19.22
C ALA A 470 15.15 18.96 -20.65
N SER A 471 15.95 17.90 -20.82
CA SER A 471 16.48 17.52 -22.12
C SER A 471 15.45 16.82 -22.99
N VAL A 472 14.35 16.35 -22.41
CA VAL A 472 13.26 15.87 -23.25
C VAL A 472 12.75 17.00 -24.13
N ILE A 473 12.86 18.24 -23.65
CA ILE A 473 12.54 19.40 -24.47
C ILE A 473 13.49 19.49 -25.66
N GLY A 474 14.79 19.26 -25.42
CA GLY A 474 15.74 19.24 -26.54
C GLY A 474 15.45 18.12 -27.52
N ILE A 475 15.05 16.95 -27.01
CA ILE A 475 14.73 15.82 -27.88
C ILE A 475 13.53 16.14 -28.76
N ILE A 476 12.48 16.70 -28.17
CA ILE A 476 11.31 17.04 -28.97
C ILE A 476 11.61 18.21 -29.91
N VAL A 477 12.49 19.13 -29.51
CA VAL A 477 12.90 20.21 -30.42
C VAL A 477 13.62 19.64 -31.63
N TYR A 478 14.50 18.66 -31.40
CA TYR A 478 15.13 17.95 -32.50
C TYR A 478 14.10 17.24 -33.37
N ARG A 479 13.09 16.64 -32.74
CA ARG A 479 12.05 15.93 -33.47
C ARG A 479 11.28 16.87 -34.39
N LEU A 480 10.91 18.05 -33.90
CA LEU A 480 10.29 19.06 -34.75
C LEU A 480 11.22 19.53 -35.85
N SER A 481 12.49 19.80 -35.51
CA SER A 481 13.44 20.20 -36.54
C SER A 481 13.60 19.13 -37.60
N VAL A 482 13.30 17.88 -37.26
CA VAL A 482 13.37 16.80 -38.24
C VAL A 482 12.12 16.78 -39.12
N PHE A 483 10.93 16.68 -38.52
CA PHE A 483 9.79 16.44 -39.41
C PHE A 483 9.35 17.70 -40.12
N ILE A 484 9.74 18.89 -39.64
CA ILE A 484 9.42 20.10 -40.40
C ILE A 484 10.08 20.06 -41.77
N VAL A 485 11.35 19.65 -41.81
CA VAL A 485 12.03 19.47 -43.09
C VAL A 485 11.47 18.27 -43.83
N PHE A 486 11.20 17.17 -43.12
CA PHE A 486 10.74 15.96 -43.78
C PHE A 486 9.39 16.15 -44.46
N SER A 487 8.54 17.02 -43.91
CA SER A 487 7.27 17.32 -44.55
C SER A 487 7.48 18.04 -45.88
N THR A 488 8.46 18.94 -45.92
CA THR A 488 8.78 19.60 -47.18
C THR A 488 9.44 18.65 -48.17
N THR A 489 10.12 17.61 -47.68
CA THR A 489 10.70 16.63 -48.58
C THR A 489 9.62 15.89 -49.38
N LEU A 490 8.53 15.53 -48.72
CA LEU A 490 7.44 14.81 -49.39
C LEU A 490 6.33 15.77 -49.81
N LYS A 502 0.51 2.85 -49.48
CA LYS A 502 -0.38 2.19 -48.53
C LYS A 502 -1.03 3.21 -47.60
N TYR A 503 -1.73 4.17 -48.20
CA TYR A 503 -2.40 5.28 -47.51
C TYR A 503 -1.53 5.83 -46.37
N LEU A 504 -0.30 6.21 -46.72
CA LEU A 504 0.65 6.77 -45.76
C LEU A 504 0.24 8.22 -45.49
N THR A 505 -0.64 8.37 -44.50
CA THR A 505 -1.07 9.69 -44.07
C THR A 505 0.11 10.44 -43.43
N PRO A 506 0.09 11.77 -43.46
CA PRO A 506 1.20 12.51 -42.83
C PRO A 506 1.39 12.18 -41.36
N GLN A 507 0.31 11.99 -40.61
CA GLN A 507 0.42 11.72 -39.18
C GLN A 507 0.71 10.26 -38.86
N MET A 508 0.83 9.40 -39.87
CA MET A 508 1.29 8.04 -39.68
C MET A 508 2.77 7.90 -40.03
N ALA A 509 3.14 8.26 -41.25
CA ALA A 509 4.55 8.20 -41.64
C ALA A 509 5.40 9.16 -40.83
N THR A 510 4.88 10.38 -40.59
CA THR A 510 5.62 11.36 -39.79
C THR A 510 5.85 10.83 -38.37
N SER A 511 4.80 10.28 -37.75
CA SER A 511 4.95 9.74 -36.41
C SER A 511 5.90 8.55 -36.37
N ILE A 512 5.85 7.66 -37.37
CA ILE A 512 6.76 6.53 -37.39
C ILE A 512 8.20 6.99 -37.53
N THR A 513 8.46 7.92 -38.45
CA THR A 513 9.82 8.41 -38.66
C THR A 513 10.33 9.12 -37.41
N ALA A 514 9.49 9.95 -36.80
CA ALA A 514 9.87 10.65 -35.58
C ALA A 514 10.17 9.66 -34.46
N SER A 515 9.38 8.60 -34.36
CA SER A 515 9.61 7.59 -33.34
C SER A 515 10.94 6.88 -33.57
N ILE A 516 11.28 6.58 -34.82
CA ILE A 516 12.56 5.94 -35.10
C ILE A 516 13.72 6.86 -34.73
N ILE A 517 13.62 8.15 -35.09
CA ILE A 517 14.70 9.09 -34.75
C ILE A 517 14.83 9.21 -33.24
N SER A 518 13.71 9.33 -32.53
CA SER A 518 13.75 9.42 -31.08
C SER A 518 14.33 8.15 -30.48
N PHE A 519 14.00 6.98 -31.04
CA PHE A 519 14.53 5.73 -30.54
C PHE A 519 16.05 5.65 -30.72
N ILE A 520 16.55 6.12 -31.86
CA ILE A 520 18.00 6.14 -32.08
C ILE A 520 18.67 7.06 -31.07
N ILE A 521 18.10 8.25 -30.87
CA ILE A 521 18.67 9.19 -29.90
C ILE A 521 18.60 8.60 -28.49
N ILE A 522 17.54 7.86 -28.19
CA ILE A 522 17.39 7.24 -26.87
C ILE A 522 18.46 6.17 -26.67
N MET A 523 18.75 5.39 -27.71
CA MET A 523 19.81 4.39 -27.59
C MET A 523 21.17 5.04 -27.38
N ILE A 524 21.46 6.12 -28.12
CA ILE A 524 22.74 6.81 -27.94
C ILE A 524 22.83 7.39 -26.53
N LEU A 525 21.77 8.02 -26.07
CA LEU A 525 21.77 8.64 -24.75
C LEU A 525 21.81 7.58 -23.65
N ASN A 526 21.27 6.40 -23.93
CA ASN A 526 21.37 5.29 -23.00
C ASN A 526 22.80 4.77 -22.90
N THR A 527 23.53 4.78 -24.02
CA THR A 527 24.95 4.50 -23.95
C THR A 527 25.68 5.53 -23.09
N ILE A 528 25.32 6.80 -23.27
CA ILE A 528 25.92 7.86 -22.45
C ILE A 528 25.62 7.63 -20.98
N TYR A 529 24.39 7.23 -20.64
CA TYR A 529 24.05 6.94 -19.25
C TYR A 529 24.77 5.71 -18.74
N GLU A 530 24.92 4.68 -19.57
CA GLU A 530 25.69 3.51 -19.18
C GLU A 530 27.11 3.91 -18.81
N LYS A 531 27.66 4.91 -19.51
CA LYS A 531 28.97 5.44 -19.11
C LYS A 531 28.88 6.23 -17.80
N VAL A 532 27.95 7.18 -17.71
CA VAL A 532 28.01 8.18 -16.65
C VAL A 532 27.58 7.60 -15.31
N ALA A 533 26.61 6.70 -15.30
CA ALA A 533 26.19 6.09 -14.05
C ALA A 533 27.32 5.29 -13.43
N ILE A 534 28.06 4.55 -14.25
CA ILE A 534 29.24 3.85 -13.76
C ILE A 534 30.29 4.84 -13.28
N MET A 535 30.52 5.92 -14.05
CA MET A 535 31.56 6.86 -13.68
C MET A 535 31.24 7.67 -12.43
N ILE A 536 29.96 7.75 -12.03
CA ILE A 536 29.60 8.51 -10.85
C ILE A 536 29.41 7.57 -9.66
N THR A 537 29.06 6.31 -9.93
CA THR A 537 28.83 5.38 -8.83
C THR A 537 30.13 4.98 -8.15
N ASN A 538 31.19 4.74 -8.93
CA ASN A 538 32.48 4.41 -8.34
C ASN A 538 33.13 5.60 -7.64
N PHE A 539 32.67 6.82 -7.95
CA PHE A 539 33.19 7.99 -7.24
C PHE A 539 32.88 7.91 -5.75
N GLU A 540 31.65 7.54 -5.41
CA GLU A 540 31.30 7.30 -4.02
C GLU A 540 31.95 6.01 -3.54
N LEU A 541 32.26 5.97 -2.24
CA LEU A 541 32.87 4.79 -1.64
C LEU A 541 31.78 3.80 -1.23
N PRO A 542 31.59 2.73 -2.00
CA PRO A 542 30.44 1.84 -1.73
C PRO A 542 30.75 0.72 -0.78
N ARG A 543 29.72 -0.05 -0.44
CA ARG A 543 29.86 -1.26 0.37
C ARG A 543 30.22 -2.43 -0.55
N THR A 544 30.03 -3.66 -0.07
CA THR A 544 30.43 -4.85 -0.81
C THR A 544 29.52 -5.03 -2.02
N GLN A 545 29.68 -6.17 -2.72
CA GLN A 545 29.04 -6.40 -4.00
C GLN A 545 27.53 -6.20 -3.94
N THR A 546 26.89 -6.71 -2.88
CA THR A 546 25.43 -6.66 -2.80
C THR A 546 24.94 -5.22 -2.75
N ASP A 547 25.48 -4.41 -1.83
CA ASP A 547 25.03 -3.03 -1.72
C ASP A 547 25.47 -2.20 -2.92
N TYR A 548 26.64 -2.51 -3.49
CA TYR A 548 27.08 -1.81 -4.70
C TYR A 548 26.10 -2.02 -5.84
N GLU A 549 25.68 -3.28 -6.05
CA GLU A 549 24.72 -3.56 -7.10
C GLU A 549 23.35 -3.00 -6.77
N ASN A 550 22.98 -2.95 -5.49
CA ASN A 550 21.71 -2.34 -5.12
C ASN A 550 21.70 -0.85 -5.46
N SER A 551 22.78 -0.14 -5.14
CA SER A 551 22.87 1.26 -5.49
C SER A 551 22.91 1.46 -7.00
N LEU A 552 23.64 0.58 -7.71
CA LEU A 552 23.69 0.68 -9.16
C LEU A 552 22.32 0.45 -9.78
N THR A 553 21.55 -0.48 -9.22
CA THR A 553 20.16 -0.65 -9.63
C THR A 553 19.36 0.61 -9.39
N MET A 554 19.41 1.14 -8.17
CA MET A 554 18.63 2.31 -7.81
C MET A 554 18.98 3.51 -8.68
N LYS A 555 20.20 3.57 -9.22
CA LYS A 555 20.55 4.68 -10.09
C LYS A 555 20.22 4.42 -11.55
N MET A 556 20.67 3.28 -12.10
CA MET A 556 20.49 3.02 -13.52
C MET A 556 19.03 2.78 -13.87
N PHE A 557 18.25 2.14 -12.98
CA PHE A 557 16.84 1.94 -13.30
C PHE A 557 16.12 3.27 -13.41
N LEU A 558 16.39 4.20 -12.50
CA LEU A 558 15.78 5.53 -12.61
C LEU A 558 16.28 6.26 -13.85
N PHE A 559 17.57 6.12 -14.17
CA PHE A 559 18.10 6.74 -15.39
C PHE A 559 17.37 6.21 -16.62
N GLN A 560 17.18 4.90 -16.70
CA GLN A 560 16.46 4.31 -17.84
C GLN A 560 14.99 4.67 -17.82
N PHE A 561 14.38 4.77 -16.64
CA PHE A 561 13.00 5.19 -16.53
C PHE A 561 12.81 6.58 -17.13
N VAL A 562 13.62 7.54 -16.69
CA VAL A 562 13.51 8.89 -17.22
C VAL A 562 13.99 8.95 -18.67
N ASN A 563 14.82 8.01 -19.09
CA ASN A 563 15.30 8.01 -20.47
C ASN A 563 14.20 7.54 -21.42
N TYR A 564 13.48 6.48 -21.04
CA TYR A 564 12.48 5.86 -21.90
C TYR A 564 11.09 6.44 -21.71
N TYR A 565 10.55 6.36 -20.49
CA TYR A 565 9.16 6.70 -20.27
C TYR A 565 8.90 8.20 -20.21
N SER A 566 9.92 9.04 -20.24
CA SER A 566 9.69 10.48 -20.20
C SER A 566 8.92 10.96 -21.43
N SER A 567 9.32 10.50 -22.61
CA SER A 567 8.60 10.89 -23.82
C SER A 567 7.18 10.34 -23.81
N CYS A 568 6.99 9.10 -23.36
CA CYS A 568 5.65 8.52 -23.32
C CYS A 568 4.76 9.29 -22.35
N PHE A 569 5.29 9.66 -21.18
CA PHE A 569 4.52 10.46 -20.23
C PHE A 569 4.24 11.85 -20.79
N TYR A 570 5.19 12.40 -21.55
CA TYR A 570 4.98 13.70 -22.17
C TYR A 570 3.83 13.66 -23.16
N ILE A 571 3.81 12.66 -24.04
CA ILE A 571 2.75 12.56 -25.03
C ILE A 571 1.43 12.21 -24.37
N ALA A 572 1.45 11.33 -23.37
CA ALA A 572 0.20 10.85 -22.79
C ALA A 572 -0.48 11.92 -21.94
N PHE A 573 0.29 12.60 -21.10
CA PHE A 573 -0.30 13.42 -20.04
C PHE A 573 -0.33 14.92 -20.39
N PHE A 574 0.82 15.51 -20.66
CA PHE A 574 0.92 16.97 -20.77
C PHE A 574 1.55 17.38 -22.10
N LYS A 575 1.02 16.85 -23.20
CA LYS A 575 1.47 17.26 -24.54
C LYS A 575 0.53 18.29 -25.16
N GLY A 576 -0.74 17.95 -25.31
CA GLY A 576 -1.65 18.75 -26.10
C GLY A 576 -2.63 19.61 -25.32
N LYS A 577 -2.16 20.29 -24.28
CA LYS A 577 -3.00 21.10 -23.43
C LYS A 577 -2.71 22.58 -23.62
N PHE A 578 -3.32 23.41 -22.77
CA PHE A 578 -2.99 24.82 -22.61
C PHE A 578 -3.28 25.65 -23.87
N VAL A 579 -4.56 25.71 -24.23
CA VAL A 579 -5.08 26.68 -25.20
C VAL A 579 -6.18 27.47 -24.53
N GLY A 580 -6.15 28.79 -24.67
CA GLY A 580 -7.02 29.67 -23.91
C GLY A 580 -7.80 30.63 -24.79
N TYR A 581 -7.85 31.88 -24.35
CA TYR A 581 -8.70 32.89 -24.98
C TYR A 581 -8.25 33.22 -26.40
N PRO A 582 -7.03 33.77 -26.63
CA PRO A 582 -6.64 34.10 -28.01
C PRO A 582 -5.96 32.92 -28.68
N GLY A 583 -6.12 31.74 -28.13
CA GLY A 583 -5.34 30.60 -28.60
C GLY A 583 -3.88 30.75 -28.27
N ASP A 584 -3.55 31.20 -27.07
CA ASP A 584 -2.17 31.42 -26.67
C ASP A 584 -1.67 30.23 -25.85
N PRO A 585 -0.73 29.45 -26.35
CA PRO A 585 -0.14 28.39 -25.53
C PRO A 585 0.78 28.97 -24.46
N VAL A 586 1.21 28.10 -23.55
CA VAL A 586 2.05 28.53 -22.45
C VAL A 586 3.40 29.06 -22.91
N TYR A 587 3.85 28.69 -24.11
CA TYR A 587 5.11 29.09 -24.73
C TYR A 587 6.34 28.55 -24.02
N LEU A 588 6.17 27.73 -22.97
CA LEU A 588 7.28 27.08 -22.28
C LEU A 588 8.35 28.08 -21.83
N LEU A 589 7.89 29.20 -21.25
CA LEU A 589 8.78 30.25 -20.75
C LEU A 589 9.73 30.75 -21.83
N GLY A 590 9.19 30.96 -23.01
CA GLY A 590 10.01 31.44 -24.12
C GLY A 590 9.15 31.94 -25.26
N LYS A 591 9.76 31.97 -26.44
CA LYS A 591 9.08 32.38 -27.66
C LYS A 591 8.66 31.21 -28.53
N TYR A 592 8.73 29.99 -28.00
CA TYR A 592 8.41 28.78 -28.75
C TYR A 592 7.10 28.19 -28.25
N ARG A 593 6.15 28.00 -29.15
CA ARG A 593 4.84 27.51 -28.79
C ARG A 593 4.90 26.02 -28.46
N SER A 594 3.80 25.51 -27.91
CA SER A 594 3.66 24.10 -27.60
C SER A 594 2.85 23.39 -28.69
N GLU A 595 3.01 22.07 -28.74
CA GLU A 595 2.38 21.26 -29.78
C GLU A 595 1.00 20.76 -29.34
N GLU A 596 0.09 20.66 -30.31
CA GLU A 596 -1.31 20.37 -30.06
C GLU A 596 -1.70 19.06 -30.74
N CYS A 597 -2.65 18.35 -30.14
CA CYS A 597 -3.05 17.02 -30.60
C CYS A 597 -4.24 17.12 -31.56
N ASP A 598 -4.81 15.95 -31.90
CA ASP A 598 -5.92 15.74 -32.83
C ASP A 598 -7.22 15.49 -32.07
N PRO A 599 -8.38 15.59 -32.74
CA PRO A 599 -9.66 15.39 -32.03
C PRO A 599 -9.95 13.94 -31.72
N GLY A 600 -9.01 13.26 -31.08
CA GLY A 600 -9.23 11.86 -30.71
C GLY A 600 -8.64 11.52 -29.37
N GLY A 601 -8.15 12.53 -28.65
CA GLY A 601 -7.43 12.25 -27.43
C GLY A 601 -6.14 11.55 -27.77
N CYS A 602 -5.18 12.28 -28.35
CA CYS A 602 -4.11 11.71 -29.14
C CYS A 602 -3.50 10.48 -28.48
N LEU A 603 -3.71 9.33 -29.12
CA LEU A 603 -3.32 8.04 -28.58
C LEU A 603 -2.61 7.23 -29.65
N LEU A 604 -2.92 7.54 -30.91
CA LEU A 604 -2.22 6.89 -32.02
C LEU A 604 -0.73 7.19 -31.97
N GLU A 605 -0.37 8.43 -31.62
CA GLU A 605 1.05 8.74 -31.40
C GLU A 605 1.60 7.93 -30.25
N LEU A 606 0.83 7.80 -29.17
CA LEU A 606 1.29 7.03 -28.02
C LEU A 606 1.45 5.56 -28.36
N THR A 607 0.48 4.98 -29.08
CA THR A 607 0.59 3.56 -29.40
C THR A 607 1.66 3.31 -30.46
N THR A 608 1.90 4.28 -31.35
CA THR A 608 3.02 4.16 -32.27
C THR A 608 4.35 4.22 -31.53
N GLN A 609 4.45 5.11 -30.54
CA GLN A 609 5.65 5.16 -29.71
C GLN A 609 5.87 3.83 -28.99
N LEU A 610 4.80 3.28 -28.41
CA LEU A 610 4.92 1.97 -27.76
C LEU A 610 5.37 0.90 -28.75
N THR A 611 4.73 0.83 -29.92
CA THR A 611 5.03 -0.22 -30.88
C THR A 611 6.46 -0.13 -31.39
N ILE A 612 6.94 1.09 -31.64
CA ILE A 612 8.28 1.25 -32.18
C ILE A 612 9.36 1.20 -31.11
N ILE A 613 9.04 1.51 -29.85
CA ILE A 613 10.04 1.46 -28.79
C ILE A 613 10.11 0.05 -28.23
N MET A 614 9.02 -0.45 -27.67
CA MET A 614 9.05 -1.79 -27.10
C MET A 614 9.06 -2.87 -28.16
N GLY A 615 8.72 -2.55 -29.40
CA GLY A 615 8.77 -3.51 -30.48
C GLY A 615 10.05 -3.40 -31.30
N GLY A 616 10.47 -2.17 -31.58
CA GLY A 616 11.73 -1.98 -32.27
C GLY A 616 12.92 -2.41 -31.43
N LYS A 617 12.93 -2.03 -30.15
CA LYS A 617 13.98 -2.50 -29.26
C LYS A 617 13.94 -4.01 -29.10
N ALA A 618 12.75 -4.60 -29.19
CA ALA A 618 12.65 -6.05 -29.13
C ALA A 618 13.47 -6.70 -30.23
N ILE A 619 13.43 -6.13 -31.43
CA ILE A 619 14.27 -6.62 -32.52
C ILE A 619 15.74 -6.27 -32.27
N TRP A 620 16.00 -5.04 -31.84
CA TRP A 620 17.37 -4.51 -31.87
C TRP A 620 18.24 -5.12 -30.78
N ASN A 621 17.70 -5.25 -29.56
CA ASN A 621 18.48 -5.87 -28.49
C ASN A 621 18.80 -7.33 -28.81
N ASN A 622 17.83 -8.05 -29.38
CA ASN A 622 18.11 -9.42 -29.81
C ASN A 622 19.13 -9.44 -30.94
N ILE A 623 19.08 -8.44 -31.84
CA ILE A 623 20.05 -8.38 -32.92
C ILE A 623 21.45 -8.26 -32.36
N GLN A 624 21.66 -7.35 -31.40
CA GLN A 624 23.00 -7.25 -30.82
C GLN A 624 23.36 -8.53 -30.07
N GLU A 625 22.42 -9.06 -29.27
CA GLU A 625 22.70 -10.23 -28.46
C GLU A 625 23.04 -11.46 -29.31
N VAL A 626 22.61 -11.49 -30.57
CA VAL A 626 22.91 -12.62 -31.44
C VAL A 626 24.17 -12.35 -32.25
N LEU A 627 24.32 -11.12 -32.76
CA LEU A 627 25.37 -10.86 -33.74
C LEU A 627 26.69 -10.40 -33.12
N LEU A 628 26.65 -9.60 -32.05
CA LEU A 628 27.89 -9.17 -31.40
C LEU A 628 28.77 -10.33 -30.97
N PRO A 629 28.26 -11.40 -30.32
CA PRO A 629 29.13 -12.55 -30.05
C PRO A 629 29.70 -13.17 -31.31
N TRP A 630 28.91 -13.33 -32.38
CA TRP A 630 29.45 -13.88 -33.62
C TRP A 630 30.56 -13.00 -34.18
N VAL A 631 30.31 -11.69 -34.29
CA VAL A 631 31.29 -10.83 -34.96
C VAL A 631 32.57 -10.75 -34.14
N MET A 632 32.46 -10.67 -32.81
CA MET A 632 33.68 -10.55 -32.01
C MET A 632 34.42 -11.88 -31.93
N ASN A 633 33.70 -13.01 -31.88
CA ASN A 633 34.36 -14.31 -31.91
C ASN A 633 35.07 -14.52 -33.24
N LEU A 634 34.44 -14.11 -34.35
CA LEU A 634 35.08 -14.23 -35.66
C LEU A 634 36.31 -13.33 -35.74
N ILE A 635 36.23 -12.12 -35.19
CA ILE A 635 37.40 -11.23 -35.17
C ILE A 635 38.54 -11.88 -34.40
N GLY A 636 38.23 -12.44 -33.23
CA GLY A 636 39.25 -13.10 -32.44
C GLY A 636 39.85 -14.30 -33.14
N ARG A 637 39.02 -15.10 -33.80
CA ARG A 637 39.48 -16.32 -34.44
C ARG A 637 40.18 -16.07 -35.78
N TYR A 638 39.96 -14.91 -36.40
CA TYR A 638 40.59 -14.61 -37.68
C TYR A 638 41.69 -13.56 -37.58
N LYS A 639 41.91 -12.96 -36.41
CA LYS A 639 42.94 -11.96 -36.25
C LYS A 639 44.01 -12.33 -35.23
N ARG A 640 43.71 -13.20 -34.26
CA ARG A 640 44.70 -13.58 -33.26
C ARG A 640 45.47 -14.84 -33.69
N VAL A 641 44.76 -15.94 -33.88
CA VAL A 641 45.37 -17.21 -34.31
C VAL A 641 44.51 -17.79 -35.42
N SER A 642 45.16 -18.19 -36.52
CA SER A 642 44.48 -18.77 -37.65
C SER A 642 45.15 -20.08 -38.03
N GLY A 643 44.35 -21.04 -38.48
CA GLY A 643 44.87 -22.34 -38.85
C GLY A 643 45.41 -23.12 -37.66
N SER A 644 44.50 -23.52 -36.76
CA SER A 644 44.91 -24.22 -35.56
C SER A 644 45.38 -25.64 -35.90
N GLU A 645 45.80 -26.37 -34.86
CA GLU A 645 46.31 -27.72 -35.01
C GLU A 645 45.20 -28.76 -35.13
N LYS A 646 43.96 -28.34 -35.38
CA LYS A 646 42.76 -29.17 -35.48
C LYS A 646 42.38 -29.81 -34.16
N ILE A 647 43.14 -29.59 -33.09
CA ILE A 647 42.78 -30.05 -31.74
C ILE A 647 42.86 -28.82 -30.84
N THR A 648 41.71 -28.16 -30.63
CA THR A 648 41.66 -26.94 -29.86
C THR A 648 41.31 -27.25 -28.42
N PRO A 649 42.16 -26.91 -27.44
CA PRO A 649 41.83 -27.17 -26.04
C PRO A 649 40.62 -26.37 -25.60
N ARG A 650 39.87 -26.93 -24.64
CA ARG A 650 38.64 -26.30 -24.19
C ARG A 650 38.89 -24.92 -23.61
N TRP A 651 39.96 -24.77 -22.82
CA TRP A 651 40.24 -23.48 -22.19
C TRP A 651 40.52 -22.41 -23.23
N GLU A 652 41.21 -22.78 -24.32
CA GLU A 652 41.48 -21.80 -25.38
C GLU A 652 40.19 -21.30 -26.02
N GLN A 653 39.29 -22.23 -26.36
CA GLN A 653 38.02 -21.84 -26.98
C GLN A 653 37.21 -20.97 -26.03
N ASP A 654 37.16 -21.35 -24.73
CA ASP A 654 36.42 -20.55 -23.76
C ASP A 654 37.04 -19.16 -23.61
N TYR A 655 38.37 -19.09 -23.60
CA TYR A 655 39.04 -17.79 -23.51
C TYR A 655 38.72 -16.93 -24.71
N HIS A 656 38.61 -17.53 -25.89
CA HIS A 656 38.21 -16.78 -27.06
C HIS A 656 36.75 -16.32 -26.98
N LEU A 657 35.93 -16.97 -26.17
CA LEU A 657 34.56 -16.54 -25.99
C LEU A 657 34.50 -15.26 -25.17
N GLN A 658 33.39 -14.54 -25.32
CA GLN A 658 33.25 -13.26 -24.64
C GLN A 658 33.02 -13.46 -23.14
N PRO A 659 33.54 -12.58 -22.31
CA PRO A 659 33.24 -12.66 -20.87
C PRO A 659 31.83 -12.17 -20.59
N MET A 660 31.32 -12.55 -19.41
CA MET A 660 29.97 -12.17 -19.00
C MET A 660 29.95 -11.01 -18.01
N GLY A 661 30.98 -10.87 -17.18
CA GLY A 661 31.08 -9.76 -16.27
C GLY A 661 30.27 -9.95 -15.00
N LYS A 662 30.48 -9.05 -14.05
CA LYS A 662 29.74 -9.11 -12.79
C LYS A 662 28.30 -8.63 -12.97
N LEU A 663 28.06 -7.73 -13.92
CA LEU A 663 26.71 -7.29 -14.25
C LEU A 663 26.10 -8.19 -15.32
N GLY A 664 26.02 -9.48 -14.99
CA GLY A 664 25.58 -10.48 -15.92
C GLY A 664 24.11 -10.37 -16.29
N LEU A 665 23.22 -10.65 -15.34
CA LEU A 665 21.79 -10.61 -15.58
C LEU A 665 21.17 -9.27 -15.24
N PHE A 666 21.97 -8.26 -14.87
CA PHE A 666 21.42 -6.95 -14.58
C PHE A 666 20.78 -6.34 -15.81
N TYR A 667 21.43 -6.46 -16.98
CA TYR A 667 20.90 -5.83 -18.18
C TYR A 667 19.64 -6.54 -18.66
N GLU A 668 19.57 -7.87 -18.50
CA GLU A 668 18.37 -8.60 -18.87
C GLU A 668 17.18 -8.22 -18.01
N TYR A 669 17.39 -8.12 -16.69
CA TYR A 669 16.33 -7.59 -15.82
C TYR A 669 15.96 -6.17 -16.20
N LEU A 670 16.94 -5.35 -16.56
CA LEU A 670 16.64 -3.97 -16.93
C LEU A 670 15.73 -3.92 -18.16
N GLU A 671 16.09 -4.64 -19.21
CA GLU A 671 15.30 -4.62 -20.44
C GLU A 671 13.93 -5.27 -20.21
N MET A 672 13.87 -6.31 -19.39
CA MET A 672 12.59 -6.99 -19.17
C MET A 672 11.67 -6.16 -18.28
N ILE A 673 12.22 -5.44 -17.32
CA ILE A 673 11.42 -4.50 -16.54
C ILE A 673 10.94 -3.35 -17.43
N ILE A 674 11.76 -2.93 -18.38
CA ILE A 674 11.30 -1.92 -19.34
C ILE A 674 10.12 -2.45 -20.14
N GLN A 675 10.22 -3.70 -20.62
CA GLN A 675 9.10 -4.31 -21.33
C GLN A 675 7.87 -4.43 -20.43
N PHE A 676 8.08 -4.79 -19.17
CA PHE A 676 6.98 -4.89 -18.22
C PHE A 676 6.29 -3.54 -18.04
N GLY A 677 7.08 -2.47 -17.89
CA GLY A 677 6.50 -1.15 -17.77
C GLY A 677 5.72 -0.74 -19.00
N PHE A 678 6.26 -1.08 -20.18
CA PHE A 678 5.54 -0.73 -21.40
C PHE A 678 4.28 -1.56 -21.59
N VAL A 679 4.24 -2.79 -21.05
CA VAL A 679 3.08 -3.65 -21.23
C VAL A 679 2.06 -3.48 -20.10
N THR A 680 2.40 -2.74 -19.04
CA THR A 680 1.43 -2.51 -17.98
C THR A 680 1.11 -1.04 -17.72
N LEU A 681 2.07 -0.12 -17.90
CA LEU A 681 1.77 1.28 -17.67
C LEU A 681 0.86 1.85 -18.76
N PHE A 682 1.21 1.60 -20.01
CA PHE A 682 0.52 2.23 -21.15
C PHE A 682 -0.37 1.25 -21.90
N VAL A 683 -0.84 0.19 -21.24
CA VAL A 683 -1.66 -0.82 -21.91
C VAL A 683 -3.11 -0.37 -21.74
N ALA A 684 -3.50 0.60 -22.56
CA ALA A 684 -4.90 0.89 -22.81
C ALA A 684 -5.12 0.79 -24.32
N SER A 685 -4.25 1.46 -25.06
CA SER A 685 -4.15 1.28 -26.49
C SER A 685 -3.29 0.06 -26.80
N PHE A 686 -3.26 -0.32 -28.08
CA PHE A 686 -2.46 -1.45 -28.53
C PHE A 686 -2.84 -2.70 -27.76
N PRO A 687 -4.02 -3.26 -27.97
CA PRO A 687 -4.42 -4.45 -27.21
C PRO A 687 -3.52 -5.65 -27.43
N LEU A 688 -2.80 -5.71 -28.54
CA LEU A 688 -1.92 -6.83 -28.86
C LEU A 688 -0.56 -6.69 -28.20
N ALA A 689 -0.39 -5.77 -27.25
CA ALA A 689 0.92 -5.55 -26.66
C ALA A 689 1.49 -6.78 -25.99
N PRO A 690 0.76 -7.53 -25.16
CA PRO A 690 1.32 -8.79 -24.66
C PRO A 690 1.61 -9.80 -25.77
N LEU A 691 0.74 -9.89 -26.78
CA LEU A 691 0.97 -10.82 -27.87
C LEU A 691 2.24 -10.47 -28.63
N LEU A 692 2.42 -9.18 -28.95
CA LEU A 692 3.70 -8.72 -29.49
C LEU A 692 4.83 -9.08 -28.54
N ALA A 693 4.59 -8.94 -27.24
CA ALA A 693 5.56 -9.44 -26.27
C ALA A 693 5.67 -10.95 -26.32
N LEU A 694 4.53 -11.64 -26.44
CA LEU A 694 4.46 -13.09 -26.25
C LEU A 694 5.47 -13.81 -27.14
N VAL A 695 5.26 -13.74 -28.47
CA VAL A 695 6.21 -14.37 -29.39
C VAL A 695 7.61 -13.82 -29.14
N ASN A 696 7.72 -12.51 -28.90
CA ASN A 696 8.97 -11.89 -28.52
C ASN A 696 9.68 -12.73 -27.46
N ASN A 697 9.03 -12.91 -26.32
CA ASN A 697 9.67 -13.65 -25.24
C ASN A 697 9.95 -15.09 -25.64
N ILE A 698 9.05 -15.68 -26.44
CA ILE A 698 9.29 -17.06 -26.88
C ILE A 698 10.57 -17.15 -27.69
N LEU A 699 10.87 -16.11 -28.48
CA LEU A 699 12.18 -16.04 -29.12
C LEU A 699 13.25 -15.76 -28.07
N GLU A 700 13.02 -14.79 -27.20
CA GLU A 700 14.03 -14.40 -26.22
C GLU A 700 14.35 -15.55 -25.28
N ILE A 701 13.31 -16.24 -24.78
CA ILE A 701 13.52 -17.37 -23.89
C ILE A 701 14.36 -18.45 -24.55
N ARG A 702 14.47 -18.43 -25.89
CA ARG A 702 15.46 -19.24 -26.59
C ARG A 702 16.74 -18.46 -26.84
N VAL A 703 16.60 -17.24 -27.37
CA VAL A 703 17.77 -16.47 -27.83
C VAL A 703 18.75 -16.27 -26.67
N ASP A 704 18.27 -15.66 -25.59
CA ASP A 704 19.09 -15.56 -24.39
C ASP A 704 19.64 -16.92 -24.01
N ALA A 705 18.75 -17.92 -23.93
CA ALA A 705 19.17 -19.29 -23.66
C ALA A 705 20.27 -19.71 -24.61
N TRP A 706 20.06 -19.46 -25.91
CA TRP A 706 21.08 -19.77 -26.91
C TRP A 706 22.39 -19.07 -26.58
N LYS A 707 22.33 -17.76 -26.34
CA LYS A 707 23.55 -17.03 -26.05
C LYS A 707 24.16 -17.45 -24.71
N LEU A 708 23.41 -18.14 -23.87
CA LEU A 708 23.91 -18.63 -22.61
C LEU A 708 24.48 -20.04 -22.70
N THR A 709 24.40 -20.68 -23.86
CA THR A 709 24.97 -22.01 -24.02
C THR A 709 26.08 -22.09 -25.06
N THR A 710 26.24 -21.08 -25.90
CA THR A 710 27.26 -21.13 -26.94
C THR A 710 28.14 -19.89 -26.97
N GLN A 711 27.61 -18.72 -26.64
CA GLN A 711 28.36 -17.48 -26.84
C GLN A 711 29.20 -17.11 -25.61
N PHE A 712 28.54 -16.85 -24.48
CA PHE A 712 29.27 -16.37 -23.30
C PHE A 712 29.90 -17.50 -22.51
N ARG A 713 30.97 -17.15 -21.80
CA ARG A 713 31.61 -18.08 -20.88
C ARG A 713 30.67 -18.43 -19.74
N ARG A 714 30.81 -19.64 -19.23
CA ARG A 714 29.96 -20.10 -18.14
C ARG A 714 30.10 -19.18 -16.93
N MET A 715 28.97 -18.90 -16.28
CA MET A 715 28.95 -18.01 -15.13
C MET A 715 28.87 -18.81 -13.84
N VAL A 716 29.41 -18.23 -12.77
CA VAL A 716 29.39 -18.90 -11.47
C VAL A 716 27.94 -19.05 -11.00
N PRO A 717 27.51 -20.24 -10.59
CA PRO A 717 26.11 -20.42 -10.19
C PRO A 717 25.77 -19.79 -8.85
N GLU A 718 25.54 -18.48 -8.85
CA GLU A 718 25.15 -17.78 -7.64
C GLU A 718 23.76 -18.23 -7.18
N LYS A 719 23.52 -18.12 -5.87
CA LYS A 719 22.26 -18.54 -5.27
C LYS A 719 21.46 -17.31 -4.84
N ALA A 720 20.21 -17.22 -5.29
CA ALA A 720 19.33 -16.12 -4.94
C ALA A 720 17.94 -16.66 -4.67
N GLN A 721 17.26 -16.03 -3.71
CA GLN A 721 15.91 -16.44 -3.30
C GLN A 721 14.82 -15.80 -4.13
N ASP A 722 15.14 -14.81 -4.96
CA ASP A 722 14.16 -14.12 -5.78
C ASP A 722 14.91 -13.38 -6.87
N ILE A 723 14.18 -12.57 -7.65
CA ILE A 723 14.84 -11.71 -8.64
C ILE A 723 15.74 -10.69 -7.93
N GLY A 724 15.25 -10.11 -6.85
CA GLY A 724 16.07 -9.26 -6.02
C GLY A 724 16.24 -7.86 -6.55
N ALA A 725 16.00 -6.85 -5.70
CA ALA A 725 16.17 -5.44 -6.00
C ALA A 725 15.33 -4.98 -7.19
N TRP A 726 14.43 -5.83 -7.69
CA TRP A 726 13.52 -5.45 -8.77
C TRP A 726 12.09 -5.70 -8.35
N GLN A 727 11.89 -6.65 -7.43
CA GLN A 727 10.54 -6.95 -6.95
C GLN A 727 9.89 -5.75 -6.29
N PRO A 728 10.53 -5.02 -5.36
CA PRO A 728 9.93 -3.75 -4.90
C PRO A 728 9.69 -2.78 -6.03
N ILE A 729 10.59 -2.76 -7.01
CA ILE A 729 10.37 -1.93 -8.21
C ILE A 729 9.15 -2.41 -8.97
N MET A 730 8.94 -3.73 -9.04
CA MET A 730 7.74 -4.24 -9.70
C MET A 730 6.48 -3.83 -8.97
N GLN A 731 6.49 -3.89 -7.63
CA GLN A 731 5.32 -3.45 -6.87
C GLN A 731 5.06 -1.96 -7.08
N GLY A 732 6.12 -1.15 -7.08
CA GLY A 732 5.96 0.27 -7.35
C GLY A 732 5.44 0.53 -8.75
N ILE A 733 5.91 -0.25 -9.72
CA ILE A 733 5.43 -0.12 -11.10
C ILE A 733 3.96 -0.47 -11.18
N ALA A 734 3.52 -1.49 -10.45
CA ALA A 734 2.10 -1.85 -10.46
C ALA A 734 1.25 -0.76 -9.82
N ILE A 735 1.70 -0.23 -8.68
CA ILE A 735 0.94 0.83 -8.00
C ILE A 735 0.85 2.07 -8.88
N LEU A 736 1.96 2.44 -9.52
CA LEU A 736 1.94 3.57 -10.45
C LEU A 736 1.15 3.21 -11.71
N ALA A 737 1.07 1.92 -12.05
CA ALA A 737 0.42 1.51 -13.28
C ALA A 737 -1.09 1.62 -13.17
N VAL A 738 -1.64 1.33 -11.98
CA VAL A 738 -3.07 1.53 -11.79
C VAL A 738 -3.44 2.99 -12.02
N VAL A 739 -2.69 3.89 -11.40
CA VAL A 739 -2.97 5.32 -11.52
C VAL A 739 -2.76 5.80 -12.96
N THR A 740 -1.67 5.35 -13.60
CA THR A 740 -1.38 5.80 -14.95
C THR A 740 -2.34 5.21 -15.96
N ASN A 741 -2.87 4.01 -15.72
CA ASN A 741 -3.91 3.48 -16.59
C ASN A 741 -5.21 4.27 -16.43
N ALA A 742 -5.56 4.62 -15.20
CA ALA A 742 -6.74 5.46 -15.00
C ALA A 742 -6.55 6.80 -15.70
N MET A 743 -5.36 7.39 -15.59
CA MET A 743 -5.10 8.68 -16.24
C MET A 743 -5.05 8.54 -17.75
N ILE A 744 -4.64 7.39 -18.28
CA ILE A 744 -4.66 7.20 -19.73
C ILE A 744 -6.08 7.07 -20.23
N ILE A 745 -6.94 6.32 -19.52
CA ILE A 745 -8.32 6.19 -19.94
C ILE A 745 -9.04 7.52 -19.84
N ALA A 746 -8.76 8.29 -18.79
CA ALA A 746 -9.50 9.54 -18.59
C ALA A 746 -8.94 10.68 -19.43
N PHE A 747 -7.68 11.05 -19.20
CA PHE A 747 -7.14 12.29 -19.75
C PHE A 747 -6.70 12.19 -21.20
N THR A 748 -6.42 10.99 -21.71
CA THR A 748 -5.88 10.90 -23.07
C THR A 748 -6.45 9.76 -23.89
N SER A 749 -7.64 9.26 -23.57
CA SER A 749 -8.25 8.20 -24.37
C SER A 749 -9.52 8.62 -25.07
N ASP A 750 -10.18 9.68 -24.62
CA ASP A 750 -11.44 10.14 -25.19
C ASP A 750 -12.49 9.03 -25.16
N MET A 751 -12.50 8.25 -24.09
CA MET A 751 -13.55 7.28 -23.83
C MET A 751 -14.55 7.79 -22.80
N ILE A 752 -14.05 8.40 -21.72
CA ILE A 752 -14.95 9.05 -20.77
C ILE A 752 -15.80 10.13 -21.43
N PRO A 753 -15.27 10.99 -22.31
CA PRO A 753 -16.14 11.96 -22.98
C PRO A 753 -17.29 11.34 -23.75
N ARG A 754 -17.09 10.22 -24.44
CA ARG A 754 -18.19 9.61 -25.18
C ARG A 754 -19.17 8.87 -24.28
N LEU A 755 -18.69 8.23 -23.21
CA LEU A 755 -19.61 7.68 -22.22
C LEU A 755 -20.50 8.77 -21.65
N VAL A 756 -19.90 9.90 -21.29
CA VAL A 756 -20.67 11.02 -20.77
C VAL A 756 -21.63 11.53 -21.81
N TYR A 757 -21.21 11.56 -23.08
CA TYR A 757 -22.08 12.08 -24.13
C TYR A 757 -23.32 11.22 -24.31
N TYR A 758 -23.17 9.89 -24.33
CA TYR A 758 -24.37 9.09 -24.58
C TYR A 758 -25.08 8.68 -23.31
N TRP A 759 -24.55 9.02 -22.13
CA TRP A 759 -25.35 8.88 -20.91
C TRP A 759 -26.11 10.14 -20.55
N SER A 760 -25.46 11.30 -20.58
CA SER A 760 -26.05 12.52 -20.03
C SER A 760 -26.23 13.64 -21.04
N PHE A 761 -25.48 13.68 -22.14
CA PHE A 761 -25.64 14.74 -23.11
C PHE A 761 -26.45 14.32 -24.33
N SER A 762 -26.75 13.03 -24.47
CA SER A 762 -27.60 12.57 -25.57
C SER A 762 -29.06 12.49 -25.17
N ILE A 763 -29.34 12.16 -23.91
CA ILE A 763 -30.69 12.09 -23.37
C ILE A 763 -31.33 13.47 -23.46
N PRO A 764 -32.64 13.61 -23.27
CA PRO A 764 -33.30 14.92 -23.47
C PRO A 764 -32.72 16.03 -22.61
N PRO A 765 -32.21 15.75 -21.41
CA PRO A 765 -31.32 16.74 -20.77
C PRO A 765 -30.02 16.86 -21.54
N TYR A 766 -29.68 18.09 -21.94
CA TYR A 766 -28.49 18.41 -22.72
C TYR A 766 -28.54 17.86 -24.14
N GLY A 767 -29.60 17.15 -24.50
CA GLY A 767 -29.66 16.53 -25.81
C GLY A 767 -31.06 16.35 -26.35
N ASP A 768 -31.18 15.64 -27.47
CA ASP A 768 -32.46 15.48 -28.16
C ASP A 768 -32.76 14.03 -28.55
N HIS A 769 -31.97 13.07 -28.07
CA HIS A 769 -32.20 11.67 -28.38
C HIS A 769 -33.32 11.12 -27.50
N THR A 770 -33.51 9.81 -27.52
CA THR A 770 -34.48 9.14 -26.67
C THR A 770 -33.83 8.22 -25.65
N TYR A 771 -32.79 7.49 -26.05
CA TYR A 771 -32.07 6.60 -25.15
C TYR A 771 -30.57 6.84 -25.28
N TYR A 772 -29.76 5.96 -24.70
CA TYR A 772 -28.31 6.15 -24.71
C TYR A 772 -27.73 5.89 -26.08
N THR A 773 -27.73 6.91 -26.95
CA THR A 773 -27.22 6.80 -28.31
C THR A 773 -25.99 7.67 -28.46
N MET A 774 -25.03 7.20 -29.24
CA MET A 774 -23.76 7.90 -29.46
C MET A 774 -23.77 8.76 -30.70
N ASP A 775 -24.93 9.01 -31.29
CA ASP A 775 -25.01 9.83 -32.49
C ASP A 775 -24.66 11.28 -32.17
N GLY A 776 -24.09 11.97 -33.17
CA GLY A 776 -23.78 13.38 -33.03
C GLY A 776 -22.68 13.68 -32.03
N TYR A 777 -21.78 12.74 -31.77
CA TYR A 777 -20.77 12.94 -30.74
C TYR A 777 -19.68 13.90 -31.19
N ILE A 778 -19.21 13.77 -32.44
CA ILE A 778 -18.05 14.54 -32.88
C ILE A 778 -18.39 16.03 -32.99
N ASN A 779 -19.53 16.35 -33.62
CA ASN A 779 -19.88 17.75 -33.80
C ASN A 779 -20.21 18.42 -32.47
N ASN A 780 -20.90 17.70 -31.57
CA ASN A 780 -21.38 18.26 -30.33
C ASN A 780 -20.37 18.15 -29.19
N THR A 781 -19.10 17.96 -29.50
CA THR A 781 -18.05 17.92 -28.49
C THR A 781 -16.99 18.99 -28.70
N LEU A 782 -16.46 19.12 -29.91
CA LEU A 782 -15.43 20.12 -30.19
C LEU A 782 -16.01 21.52 -30.08
N SER A 783 -15.19 22.46 -29.63
CA SER A 783 -15.63 23.82 -29.37
C SER A 783 -15.10 24.79 -30.41
N VAL A 784 -15.90 25.81 -30.70
CA VAL A 784 -15.61 26.75 -31.77
C VAL A 784 -14.58 27.77 -31.29
N PHE A 785 -13.76 28.24 -32.23
CA PHE A 785 -12.76 29.28 -31.99
C PHE A 785 -13.00 30.41 -32.97
N ASN A 786 -12.84 31.64 -32.49
CA ASN A 786 -12.94 32.82 -33.34
C ASN A 786 -11.54 33.41 -33.52
N ILE A 787 -11.11 33.54 -34.77
CA ILE A 787 -9.76 34.03 -35.05
C ILE A 787 -9.61 35.47 -34.58
N THR A 788 -10.63 36.30 -34.81
CA THR A 788 -10.59 37.68 -34.36
C THR A 788 -10.68 37.76 -32.84
N CYS A 808 -12.08 28.61 -36.49
CA CYS A 808 -11.87 27.17 -36.61
C CYS A 808 -12.71 26.43 -35.58
N ARG A 809 -12.24 25.24 -35.19
CA ARG A 809 -12.90 24.46 -34.13
C ARG A 809 -11.84 23.55 -33.52
N TYR A 810 -11.29 23.94 -32.38
CA TYR A 810 -10.20 23.17 -31.79
C TYR A 810 -10.74 22.02 -30.96
N ARG A 811 -9.86 21.35 -30.21
CA ARG A 811 -10.21 20.11 -29.54
C ARG A 811 -10.77 20.31 -28.13
N ASP A 812 -10.34 21.36 -27.43
CA ASP A 812 -10.68 21.50 -26.02
C ASP A 812 -12.16 21.88 -25.86
N PHE A 813 -12.67 21.64 -24.65
CA PHE A 813 -14.07 21.90 -24.32
C PHE A 813 -14.14 23.28 -23.68
N ARG A 814 -14.57 24.28 -24.46
CA ARG A 814 -14.68 25.64 -23.97
C ARG A 814 -15.93 26.28 -24.54
N ASN A 815 -16.34 27.38 -23.92
CA ASN A 815 -17.56 28.05 -24.31
C ASN A 815 -17.40 28.70 -25.69
N PRO A 816 -18.48 28.84 -26.44
CA PRO A 816 -18.41 29.50 -27.74
C PRO A 816 -18.07 30.97 -27.59
N PRO A 817 -17.63 31.63 -28.66
CA PRO A 817 -17.24 33.04 -28.55
C PRO A 817 -18.43 33.97 -28.39
N GLY A 818 -18.87 34.18 -27.15
CA GLY A 818 -20.02 35.03 -26.90
C GLY A 818 -20.87 34.57 -25.73
N HIS A 819 -20.53 33.43 -25.15
CA HIS A 819 -21.09 33.08 -23.86
C HIS A 819 -20.54 34.04 -22.80
N PRO A 820 -21.39 34.54 -21.89
CA PRO A 820 -20.91 35.41 -20.80
C PRO A 820 -19.57 35.02 -20.18
N GLN A 821 -19.26 33.72 -20.16
CA GLN A 821 -17.94 33.24 -19.82
C GLN A 821 -17.31 32.70 -21.10
N GLU A 822 -16.74 33.61 -21.89
CA GLU A 822 -16.23 33.23 -23.21
C GLU A 822 -14.84 32.64 -23.09
N TYR A 823 -14.64 31.49 -23.74
CA TYR A 823 -13.37 30.77 -23.78
C TYR A 823 -12.99 30.21 -22.41
N LYS A 824 -13.80 30.46 -21.40
CA LYS A 824 -13.70 29.70 -20.17
C LYS A 824 -14.48 28.40 -20.32
N HIS A 825 -14.11 27.41 -19.51
CA HIS A 825 -14.67 26.08 -19.65
C HIS A 825 -16.18 26.10 -19.42
N ASN A 826 -16.89 25.29 -20.20
CA ASN A 826 -18.35 25.25 -20.15
C ASN A 826 -18.79 24.17 -19.16
N ILE A 827 -20.10 23.90 -19.13
CA ILE A 827 -20.62 22.84 -18.28
C ILE A 827 -20.16 21.48 -18.76
N TYR A 828 -19.99 21.30 -20.07
CA TYR A 828 -19.57 20.00 -20.60
C TYR A 828 -18.17 19.65 -20.12
N TYR A 829 -17.25 20.61 -20.15
CA TYR A 829 -15.90 20.36 -19.67
C TYR A 829 -15.89 19.97 -18.20
N TRP A 830 -16.67 20.68 -17.37
CA TRP A 830 -16.63 20.39 -15.95
C TRP A 830 -17.31 19.06 -15.64
N HIS A 831 -18.38 18.75 -16.37
CA HIS A 831 -19.01 17.44 -16.25
C HIS A 831 -18.03 16.33 -16.63
N VAL A 832 -17.31 16.52 -17.73
CA VAL A 832 -16.38 15.48 -18.21
C VAL A 832 -15.20 15.34 -17.27
N ILE A 833 -14.70 16.45 -16.73
CA ILE A 833 -13.55 16.35 -15.83
C ILE A 833 -13.98 15.77 -14.49
N ALA A 834 -15.21 16.06 -14.04
CA ALA A 834 -15.74 15.42 -12.84
C ALA A 834 -15.89 13.93 -13.07
N ALA A 835 -16.36 13.54 -14.26
CA ALA A 835 -16.46 12.12 -14.59
C ALA A 835 -15.09 11.47 -14.66
N LYS A 836 -14.09 12.17 -15.20
CA LYS A 836 -12.74 11.65 -15.25
C LYS A 836 -12.19 11.42 -13.85
N LEU A 837 -12.35 12.40 -12.97
CA LEU A 837 -11.87 12.24 -11.60
C LEU A 837 -12.62 11.14 -10.87
N ALA A 838 -13.94 11.04 -11.07
CA ALA A 838 -14.71 9.98 -10.45
C ALA A 838 -14.29 8.62 -10.96
N PHE A 839 -14.03 8.52 -12.27
CA PHE A 839 -13.56 7.26 -12.85
C PHE A 839 -12.21 6.87 -12.27
N ILE A 840 -11.30 7.84 -12.17
CA ILE A 840 -9.98 7.55 -11.60
C ILE A 840 -10.14 7.04 -10.17
N ILE A 841 -10.94 7.75 -9.36
CA ILE A 841 -11.10 7.38 -7.95
C ILE A 841 -11.74 6.00 -7.83
N VAL A 842 -12.82 5.76 -8.59
CA VAL A 842 -13.56 4.50 -8.47
C VAL A 842 -12.69 3.35 -8.93
N MET A 843 -12.03 3.47 -10.08
CA MET A 843 -11.18 2.40 -10.57
C MET A 843 -10.01 2.13 -9.63
N GLU A 844 -9.33 3.17 -9.14
CA GLU A 844 -8.21 2.91 -8.26
C GLU A 844 -8.68 2.25 -6.96
N HIS A 845 -9.78 2.75 -6.37
CA HIS A 845 -10.27 2.16 -5.14
C HIS A 845 -10.69 0.71 -5.34
N ILE A 846 -11.36 0.43 -6.46
CA ILE A 846 -11.78 -0.94 -6.74
C ILE A 846 -10.57 -1.84 -6.96
N ILE A 847 -9.53 -1.31 -7.62
CA ILE A 847 -8.35 -2.13 -7.90
C ILE A 847 -7.59 -2.47 -6.62
N TYR A 848 -7.37 -1.48 -5.75
CA TYR A 848 -6.69 -1.83 -4.50
C TYR A 848 -7.58 -2.67 -3.59
N SER A 849 -8.91 -2.51 -3.66
CA SER A 849 -9.77 -3.43 -2.94
C SER A 849 -9.63 -4.85 -3.46
N VAL A 850 -9.57 -5.01 -4.80
CA VAL A 850 -9.41 -6.33 -5.39
C VAL A 850 -8.10 -6.96 -4.96
N LYS A 851 -7.01 -6.18 -4.98
CA LYS A 851 -5.75 -6.75 -4.54
C LYS A 851 -5.73 -6.99 -3.03
N PHE A 852 -6.56 -6.27 -2.28
CA PHE A 852 -6.72 -6.59 -0.86
C PHE A 852 -7.40 -7.94 -0.67
N PHE A 853 -8.45 -8.22 -1.45
CA PHE A 853 -9.04 -9.56 -1.41
C PHE A 853 -8.03 -10.62 -1.84
N ILE A 854 -7.28 -10.35 -2.91
CA ILE A 854 -6.26 -11.29 -3.35
C ILE A 854 -5.14 -11.38 -2.33
N SER A 855 -4.70 -10.25 -1.80
CA SER A 855 -3.63 -10.23 -0.80
C SER A 855 -3.74 -9.01 0.10
N LYS B 59 -1.34 -15.22 59.81
CA LYS B 59 -0.58 -14.22 59.06
C LYS B 59 -1.32 -13.81 57.79
N PRO B 60 -1.99 -12.65 57.84
CA PRO B 60 -2.69 -12.18 56.64
C PRO B 60 -1.78 -11.98 55.44
N ASP B 61 -0.57 -11.51 55.66
CA ASP B 61 0.41 -11.32 54.58
C ASP B 61 1.39 -12.50 54.52
N SER B 62 0.84 -13.66 54.21
CA SER B 62 1.62 -14.89 54.12
C SER B 62 1.54 -15.43 52.70
N LEU B 63 2.64 -15.31 51.96
CA LEU B 63 2.74 -15.87 50.61
C LEU B 63 3.51 -17.18 50.60
N PHE B 64 3.82 -17.74 51.77
CA PHE B 64 4.58 -18.96 51.89
C PHE B 64 3.78 -19.96 52.72
N PHE B 65 4.23 -21.21 52.70
CA PHE B 65 3.57 -22.27 53.44
C PHE B 65 4.00 -22.22 54.91
N THR B 66 3.64 -23.26 55.67
CA THR B 66 4.01 -23.30 57.09
C THR B 66 5.52 -23.32 57.27
N ASP B 67 6.22 -24.09 56.44
CA ASP B 67 7.68 -24.12 56.53
C ASP B 67 8.30 -22.77 56.19
N GLY B 68 7.65 -22.00 55.32
CA GLY B 68 8.18 -20.70 54.93
C GLY B 68 9.26 -20.81 53.88
N GLN B 69 9.72 -19.64 53.43
CA GLN B 69 10.77 -19.51 52.43
C GLN B 69 10.44 -20.23 51.12
N ARG B 70 9.15 -20.49 50.87
CA ARG B 70 8.72 -21.18 49.66
C ARG B 70 7.45 -20.48 49.18
N ARG B 71 7.62 -19.53 48.27
CA ARG B 71 6.52 -18.68 47.83
C ARG B 71 5.50 -19.47 47.02
N ILE B 72 4.23 -19.15 47.23
CA ILE B 72 3.16 -19.73 46.41
C ILE B 72 3.28 -19.18 44.99
N ASP B 73 3.15 -20.07 44.01
CA ASP B 73 3.18 -19.66 42.62
C ASP B 73 1.83 -19.74 41.93
N PHE B 74 0.85 -20.41 42.52
CA PHE B 74 -0.47 -20.50 41.90
C PHE B 74 -1.43 -21.11 42.91
N ILE B 75 -2.72 -20.88 42.70
CA ILE B 75 -3.79 -21.41 43.55
C ILE B 75 -4.89 -21.95 42.65
N LEU B 76 -5.39 -23.14 42.98
CA LEU B 76 -6.59 -23.67 42.32
C LEU B 76 -7.49 -24.31 43.37
N VAL B 77 -8.80 -24.07 43.22
CA VAL B 77 -9.76 -24.61 44.16
C VAL B 77 -10.81 -25.44 43.42
N GLY B 90 -25.59 -38.97 42.34
CA GLY B 90 -24.53 -39.93 42.17
C GLY B 90 -23.46 -39.47 41.20
N THR B 91 -23.76 -38.40 40.46
CA THR B 91 -22.81 -37.85 39.49
C THR B 91 -21.61 -37.22 40.18
N ASN B 92 -21.78 -36.68 41.39
CA ASN B 92 -20.69 -35.97 42.06
C ASN B 92 -19.47 -36.86 42.27
N GLU B 93 -19.70 -38.16 42.52
CA GLU B 93 -18.59 -39.08 42.71
C GLU B 93 -17.69 -39.16 41.49
N LYS B 94 -18.26 -38.99 40.29
CA LYS B 94 -17.47 -39.10 39.07
C LYS B 94 -16.40 -38.02 39.02
N GLN B 95 -16.79 -36.75 39.17
CA GLN B 95 -15.79 -35.68 39.13
C GLN B 95 -14.95 -35.67 40.40
N LYS B 96 -15.49 -36.15 41.51
CA LYS B 96 -14.67 -36.27 42.72
C LYS B 96 -13.50 -37.22 42.49
N ARG B 97 -13.78 -38.38 41.88
CA ARG B 97 -12.72 -39.32 41.55
C ARG B 97 -11.80 -38.78 40.46
N LYS B 98 -12.36 -38.08 39.47
CA LYS B 98 -11.54 -37.52 38.41
C LYS B 98 -10.53 -36.50 38.95
N ARG B 99 -10.98 -35.63 39.85
CA ARG B 99 -10.09 -34.65 40.45
C ARG B 99 -9.17 -35.26 41.51
N GLN B 100 -9.58 -36.35 42.15
CA GLN B 100 -8.74 -36.97 43.17
C GLN B 100 -7.45 -37.49 42.57
N ALA B 101 -7.52 -38.11 41.40
CA ALA B 101 -6.33 -38.63 40.72
C ALA B 101 -5.67 -37.60 39.81
N TYR B 102 -6.33 -36.47 39.55
CA TYR B 102 -5.73 -35.46 38.68
C TYR B 102 -4.47 -34.88 39.31
N GLU B 103 -4.52 -34.59 40.61
CA GLU B 103 -3.37 -34.00 41.28
C GLU B 103 -2.24 -35.00 41.48
N SER B 104 -2.48 -36.30 41.27
CA SER B 104 -1.48 -37.31 41.58
C SER B 104 -0.25 -37.17 40.68
N ASN B 105 -0.46 -37.10 39.36
CA ASN B 105 0.67 -37.04 38.45
C ASN B 105 1.36 -35.69 38.47
N LEU B 106 0.69 -34.65 38.96
CA LEU B 106 1.30 -33.32 39.02
C LEU B 106 2.32 -33.21 40.14
N ILE B 107 2.28 -34.10 41.14
CA ILE B 107 3.19 -34.01 42.26
C ILE B 107 4.62 -34.23 41.78
N CYS B 108 5.52 -33.36 42.21
CA CYS B 108 6.93 -33.47 41.85
C CYS B 108 7.65 -34.42 42.79
N LEU B 124 -13.97 -26.64 51.21
CA LEU B 124 -13.21 -25.69 50.40
C LEU B 124 -11.73 -25.73 50.76
N VAL B 125 -10.91 -26.26 49.85
CA VAL B 125 -9.47 -26.35 50.04
C VAL B 125 -8.80 -25.49 48.97
N PHE B 126 -7.81 -24.70 49.38
CA PHE B 126 -7.07 -23.83 48.47
C PHE B 126 -5.79 -24.55 48.08
N VAL B 127 -5.85 -25.24 46.93
CA VAL B 127 -4.72 -26.04 46.46
C VAL B 127 -3.61 -25.08 46.05
N LYS B 128 -2.51 -25.07 46.80
CA LYS B 128 -1.40 -24.16 46.58
C LYS B 128 -0.36 -24.85 45.70
N VAL B 129 -0.40 -24.56 44.41
CA VAL B 129 0.55 -25.13 43.47
C VAL B 129 1.82 -24.30 43.49
N HIS B 130 2.93 -24.91 43.87
CA HIS B 130 4.22 -24.25 43.92
C HIS B 130 5.19 -24.94 42.97
N ALA B 131 6.06 -24.15 42.34
CA ALA B 131 7.05 -24.66 41.40
C ALA B 131 8.46 -24.37 41.91
N PRO B 132 9.15 -25.37 42.47
CA PRO B 132 10.55 -25.17 42.86
C PRO B 132 11.44 -24.89 41.66
N TRP B 133 12.72 -24.66 41.95
CA TRP B 133 13.68 -24.33 40.90
C TRP B 133 13.84 -25.47 39.90
N GLU B 134 13.89 -26.72 40.40
CA GLU B 134 14.18 -27.86 39.53
C GLU B 134 13.07 -28.07 38.50
N VAL B 135 11.81 -27.99 38.92
CA VAL B 135 10.71 -28.18 37.97
C VAL B 135 10.66 -27.01 36.99
N LEU B 136 10.96 -25.80 37.47
CA LEU B 136 11.03 -24.63 36.59
C LEU B 136 12.05 -24.85 35.48
N CYS B 137 13.25 -25.27 35.84
CA CYS B 137 14.27 -25.54 34.83
C CYS B 137 13.88 -26.73 33.94
N THR B 138 13.23 -27.74 34.51
CA THR B 138 12.92 -28.94 33.74
C THR B 138 11.90 -28.67 32.65
N TYR B 139 10.78 -28.03 32.99
CA TYR B 139 9.72 -27.80 32.01
C TYR B 139 9.65 -26.36 31.51
N ALA B 140 10.68 -25.55 31.76
CA ALA B 140 10.80 -24.27 31.07
C ALA B 140 11.70 -24.35 29.85
N GLU B 141 12.26 -25.53 29.56
CA GLU B 141 13.12 -25.68 28.38
C GLU B 141 12.31 -25.64 27.09
N ILE B 142 11.09 -26.18 27.12
CA ILE B 142 10.28 -26.25 25.92
C ILE B 142 9.96 -24.84 25.41
N MET B 143 9.57 -23.95 26.31
CA MET B 143 9.31 -22.55 25.97
C MET B 143 10.59 -21.77 26.21
N HIS B 144 11.35 -21.55 25.13
CA HIS B 144 12.65 -20.90 25.22
C HIS B 144 12.51 -19.45 25.68
N ILE B 145 13.02 -19.14 26.87
CA ILE B 145 13.02 -17.79 27.42
C ILE B 145 14.44 -17.41 27.76
N LYS B 146 14.88 -16.25 27.28
CA LYS B 146 16.25 -15.76 27.48
C LYS B 146 16.21 -14.70 28.58
N LEU B 147 16.66 -15.07 29.77
CA LEU B 147 16.72 -14.17 30.91
C LEU B 147 17.92 -14.55 31.76
N PRO B 148 18.75 -13.59 32.19
CA PRO B 148 19.91 -13.83 33.05
C PRO B 148 19.56 -14.59 34.33
N PHE B 188 20.96 -8.39 32.81
CA PHE B 188 22.42 -8.43 32.89
C PHE B 188 23.03 -9.04 31.64
N GLU B 189 23.08 -10.37 31.60
CA GLU B 189 23.63 -11.12 30.48
C GLU B 189 22.50 -11.92 29.84
N LYS B 190 21.85 -11.32 28.84
CA LYS B 190 20.75 -11.98 28.13
C LYS B 190 21.34 -12.76 26.96
N SER B 191 21.68 -14.01 27.19
CA SER B 191 22.21 -14.90 26.16
C SER B 191 21.29 -16.08 25.90
N ARG B 192 20.96 -16.86 26.93
CA ARG B 192 20.14 -18.05 26.79
C ARG B 192 19.73 -18.45 28.20
N MET B 193 18.71 -19.32 28.29
CA MET B 193 18.24 -19.77 29.59
C MET B 193 19.33 -20.50 30.36
N ASN B 194 20.05 -21.40 29.69
CA ASN B 194 21.11 -22.17 30.32
C ASN B 194 22.38 -21.32 30.41
N ASP B 195 22.32 -20.33 31.30
CA ASP B 195 23.43 -19.42 31.52
C ASP B 195 23.53 -19.11 33.01
N PHE B 196 24.64 -18.47 33.38
CA PHE B 196 24.91 -18.07 34.76
C PHE B 196 25.22 -16.58 34.82
N TYR B 197 24.42 -15.78 34.11
CA TYR B 197 24.57 -14.33 34.00
C TYR B 197 26.02 -13.87 33.91
N ASN B 206 12.60 -13.70 38.99
CA ASN B 206 11.43 -13.10 38.36
C ASN B 206 10.13 -13.78 38.81
N PRO B 207 9.49 -13.23 39.85
CA PRO B 207 8.27 -13.86 40.38
C PRO B 207 7.12 -13.88 39.38
N ALA B 208 7.17 -13.07 38.33
CA ALA B 208 6.07 -13.02 37.38
C ALA B 208 5.96 -14.32 36.59
N THR B 209 7.09 -14.80 36.04
CA THR B 209 7.06 -15.91 35.10
C THR B 209 6.70 -17.25 35.74
N ARG B 210 6.72 -17.34 37.07
CA ARG B 210 6.35 -18.60 37.72
C ARG B 210 4.92 -18.97 37.42
N SER B 211 4.01 -17.99 37.40
CA SER B 211 2.62 -18.27 37.09
C SER B 211 2.46 -18.81 35.67
N ARG B 212 3.17 -18.21 34.72
CA ARG B 212 3.11 -18.69 33.33
C ARG B 212 3.67 -20.10 33.21
N ILE B 213 4.79 -20.37 33.90
CA ILE B 213 5.38 -21.71 33.84
C ILE B 213 4.43 -22.74 34.45
N VAL B 214 3.79 -22.39 35.57
CA VAL B 214 2.84 -23.31 36.18
C VAL B 214 1.64 -23.55 35.28
N TYR B 215 1.17 -22.49 34.62
CA TYR B 215 0.05 -22.65 33.68
C TYR B 215 0.44 -23.56 32.51
N PHE B 216 1.66 -23.38 31.98
CA PHE B 216 2.12 -24.24 30.90
C PHE B 216 2.25 -25.69 31.36
N ILE B 217 2.75 -25.90 32.58
CA ILE B 217 2.84 -27.25 33.12
C ILE B 217 1.47 -27.87 33.25
N LEU B 218 0.50 -27.11 33.75
CA LEU B 218 -0.86 -27.62 33.89
C LEU B 218 -1.45 -27.96 32.53
N SER B 219 -1.21 -27.12 31.52
CA SER B 219 -1.79 -27.37 30.20
C SER B 219 -1.15 -28.57 29.52
N ARG B 220 0.18 -28.72 29.65
CA ARG B 220 0.87 -29.80 28.95
C ARG B 220 0.55 -31.15 29.56
N VAL B 221 0.60 -31.26 30.88
CA VAL B 221 0.34 -32.53 31.55
C VAL B 221 -1.14 -32.88 31.40
N LYS B 222 -1.43 -34.10 30.99
CA LYS B 222 -2.78 -34.55 30.71
C LYS B 222 -3.23 -35.58 31.74
N TYR B 223 -4.52 -35.88 31.71
CA TYR B 223 -5.12 -36.90 32.57
C TYR B 223 -5.29 -38.17 31.75
N GLN B 224 -4.73 -39.27 32.25
CA GLN B 224 -4.73 -40.53 31.52
C GLN B 224 -5.84 -41.43 32.02
N VAL B 225 -6.57 -42.05 31.09
CA VAL B 225 -7.64 -42.98 31.40
C VAL B 225 -7.51 -44.20 30.50
N MET B 226 -8.33 -45.20 30.76
CA MET B 226 -8.34 -46.43 29.97
C MET B 226 -9.56 -46.55 29.07
N ASN B 227 -10.39 -45.51 28.99
CA ASN B 227 -11.58 -45.51 28.16
C ASN B 227 -11.46 -44.53 26.99
N ASN B 228 -10.24 -44.27 26.54
CA ASN B 228 -9.98 -43.34 25.43
C ASN B 228 -10.54 -41.95 25.73
N VAL B 229 -10.39 -41.51 26.97
CA VAL B 229 -10.86 -40.20 27.41
C VAL B 229 -9.65 -39.49 28.01
N ASN B 230 -8.95 -38.71 27.18
CA ASN B 230 -7.74 -38.00 27.60
C ASN B 230 -8.01 -36.50 27.57
N LYS B 231 -7.73 -35.84 28.68
CA LYS B 231 -7.88 -34.40 28.80
C LYS B 231 -6.58 -33.78 29.31
N PHE B 232 -6.19 -32.67 28.70
CA PHE B 232 -4.98 -31.94 29.09
C PHE B 232 -5.35 -30.52 29.46
N GLY B 233 -4.84 -30.06 30.61
CA GLY B 233 -5.15 -28.74 31.10
C GLY B 233 -6.54 -28.68 31.72
N ILE B 234 -6.85 -27.52 32.28
CA ILE B 234 -8.14 -27.29 32.91
C ILE B 234 -9.05 -26.45 32.03
N ASN B 235 -8.68 -26.22 30.77
CA ASN B 235 -9.54 -25.47 29.86
C ASN B 235 -10.87 -26.17 29.67
N ARG B 236 -10.85 -27.50 29.51
CA ARG B 236 -12.07 -28.29 29.48
C ARG B 236 -12.57 -28.64 30.86
N LEU B 237 -11.67 -28.71 31.85
CA LEU B 237 -12.07 -29.12 33.20
C LEU B 237 -12.94 -28.07 33.85
N VAL B 238 -12.51 -26.80 33.82
CA VAL B 238 -13.29 -25.74 34.45
C VAL B 238 -14.54 -25.42 33.65
N SER B 239 -14.55 -25.72 32.35
CA SER B 239 -15.75 -25.51 31.56
C SER B 239 -16.89 -26.42 32.01
N SER B 240 -16.57 -27.68 32.31
CA SER B 240 -17.59 -28.59 32.83
C SER B 240 -18.02 -28.22 34.24
N GLY B 241 -17.06 -27.82 35.08
CA GLY B 241 -17.39 -27.35 36.42
C GLY B 241 -16.81 -28.17 37.56
N ILE B 242 -15.77 -28.94 37.28
CA ILE B 242 -15.13 -29.73 38.33
C ILE B 242 -14.48 -28.83 39.36
N TYR B 243 -13.69 -27.86 38.92
CA TYR B 243 -13.09 -26.89 39.82
C TYR B 243 -13.95 -25.62 39.89
N LYS B 244 -13.54 -24.70 40.75
CA LYS B 244 -14.23 -23.44 40.96
C LYS B 244 -13.44 -22.24 40.45
N ALA B 245 -12.17 -22.13 40.82
CA ALA B 245 -11.35 -20.99 40.42
C ALA B 245 -9.89 -21.40 40.36
N ALA B 246 -9.10 -20.58 39.65
CA ALA B 246 -7.69 -20.84 39.45
C ALA B 246 -7.02 -19.52 39.08
N PHE B 247 -5.97 -19.16 39.82
CA PHE B 247 -5.36 -17.84 39.70
C PHE B 247 -4.04 -17.83 40.46
N PRO B 248 -3.12 -16.96 40.10
CA PRO B 248 -1.96 -16.69 40.96
C PRO B 248 -2.30 -15.61 41.99
N LEU B 249 -1.36 -15.40 42.91
CA LEU B 249 -1.51 -14.40 43.95
C LEU B 249 -0.27 -13.54 44.05
N HIS B 250 -0.46 -12.27 44.44
CA HIS B 250 0.60 -11.30 44.56
C HIS B 250 0.71 -10.83 46.01
N ASP B 251 1.58 -9.84 46.23
CA ASP B 251 1.83 -9.31 47.56
C ASP B 251 0.68 -8.40 48.00
N CYS B 252 0.69 -8.05 49.29
CA CYS B 252 -0.35 -7.20 49.86
C CYS B 252 -0.30 -5.79 49.28
N SER B 265 5.70 -3.20 49.39
CA SER B 265 6.55 -3.98 48.50
C SER B 265 6.45 -3.47 47.07
N GLU B 266 6.61 -4.37 46.11
CA GLU B 266 6.52 -4.00 44.71
C GLU B 266 5.10 -3.61 44.28
N ARG B 267 4.11 -3.88 45.12
CA ARG B 267 2.73 -3.48 44.85
C ARG B 267 2.33 -2.20 45.56
N TYR B 268 2.87 -1.95 46.75
CA TYR B 268 2.56 -0.72 47.48
C TYR B 268 3.13 0.50 46.78
N LEU B 269 4.42 0.45 46.42
CA LEU B 269 5.03 1.57 45.71
C LEU B 269 4.41 1.75 44.34
N LEU B 270 4.10 0.64 43.66
CA LEU B 270 3.42 0.72 42.37
C LEU B 270 1.99 1.24 42.51
N TYR B 271 1.38 1.08 43.67
CA TYR B 271 0.09 1.72 43.92
C TYR B 271 0.24 3.20 44.21
N ARG B 272 1.33 3.59 44.87
CA ARG B 272 1.49 5.00 45.26
C ARG B 272 1.92 5.86 44.07
N GLU B 273 3.08 5.56 43.50
CA GLU B 273 3.68 6.43 42.48
C GLU B 273 3.16 6.15 41.07
N TRP B 274 2.31 5.16 40.89
CA TRP B 274 1.82 4.78 39.58
C TRP B 274 0.32 4.55 39.50
N ALA B 275 -0.35 4.26 40.62
CA ALA B 275 -1.76 3.89 40.62
C ALA B 275 -2.55 4.67 41.66
N HIS B 276 -2.17 5.92 41.91
CA HIS B 276 -2.85 6.74 42.90
C HIS B 276 -3.20 8.10 42.33
N PRO B 277 -4.32 8.69 42.75
CA PRO B 277 -4.69 10.02 42.25
C PRO B 277 -3.68 11.11 42.60
N ARG B 278 -2.83 10.90 43.60
CA ARG B 278 -1.83 11.89 43.94
C ARG B 278 -0.59 11.81 43.06
N SER B 279 -0.48 10.79 42.22
CA SER B 279 0.67 10.60 41.33
C SER B 279 0.23 10.46 39.87
N ILE B 280 -0.68 11.33 39.44
CA ILE B 280 -1.23 11.23 38.09
C ILE B 280 -0.16 11.52 37.05
N TYR B 281 0.58 12.62 37.22
CA TYR B 281 1.52 13.08 36.21
C TYR B 281 2.92 12.49 36.37
N LYS B 282 3.15 11.66 37.39
CA LYS B 282 4.46 11.08 37.57
C LYS B 282 4.77 10.07 36.48
N LYS B 283 6.05 9.98 36.11
CA LYS B 283 6.47 9.12 35.02
C LYS B 283 6.29 7.64 35.38
N GLN B 284 5.91 6.86 34.37
CA GLN B 284 5.67 5.43 34.52
C GLN B 284 6.97 4.66 34.52
N PRO B 285 7.20 3.80 35.50
CA PRO B 285 8.30 2.82 35.38
C PRO B 285 7.87 1.62 34.55
N LEU B 286 7.94 1.75 33.22
CA LEU B 286 7.42 0.69 32.36
C LEU B 286 8.13 -0.63 32.57
N ASP B 287 9.37 -0.60 33.05
CA ASP B 287 10.03 -1.85 33.45
C ASP B 287 9.32 -2.48 34.65
N LEU B 288 8.92 -1.64 35.61
CA LEU B 288 8.20 -2.11 36.78
C LEU B 288 6.85 -2.72 36.42
N ILE B 289 6.32 -2.42 35.23
CA ILE B 289 5.12 -3.09 34.76
C ILE B 289 5.46 -4.33 33.95
N ARG B 290 6.52 -4.26 33.15
CA ARG B 290 6.90 -5.41 32.32
C ARG B 290 7.26 -6.61 33.18
N LYS B 291 8.05 -6.40 34.25
CA LYS B 291 8.49 -7.52 35.05
C LYS B 291 7.53 -7.87 36.18
N TYR B 292 6.40 -7.18 36.28
CA TYR B 292 5.44 -7.47 37.33
C TYR B 292 4.09 -7.95 36.82
N TYR B 293 3.60 -7.42 35.70
CA TYR B 293 2.29 -7.79 35.22
C TYR B 293 2.29 -8.43 33.84
N GLY B 294 3.43 -8.54 33.19
CA GLY B 294 3.51 -9.33 31.98
C GLY B 294 3.71 -8.48 30.73
N GLU B 295 4.07 -9.17 29.64
CA GLU B 295 4.36 -8.48 28.39
C GLU B 295 3.10 -7.88 27.77
N LYS B 296 1.97 -8.56 27.92
CA LYS B 296 0.73 -8.04 27.33
C LYS B 296 0.32 -6.73 27.97
N ILE B 297 0.31 -6.67 29.30
CA ILE B 297 -0.06 -5.45 30.00
C ILE B 297 0.99 -4.36 29.79
N GLY B 298 2.27 -4.75 29.74
CA GLY B 298 3.31 -3.77 29.45
C GLY B 298 3.17 -3.16 28.08
N ILE B 299 2.85 -3.99 27.08
CA ILE B 299 2.66 -3.47 25.73
C ILE B 299 1.40 -2.61 25.66
N TYR B 300 0.36 -2.99 26.40
CA TYR B 300 -0.83 -2.15 26.46
C TYR B 300 -0.53 -0.78 27.06
N PHE B 301 0.26 -0.74 28.13
CA PHE B 301 0.57 0.54 28.79
C PHE B 301 1.68 1.31 28.09
N ALA B 302 2.43 0.68 27.20
CA ALA B 302 3.39 1.43 26.38
C ALA B 302 2.76 1.99 25.12
N TRP B 303 1.87 1.21 24.49
CA TRP B 303 1.09 1.72 23.37
C TRP B 303 0.21 2.87 23.80
N LEU B 304 -0.41 2.75 24.98
CA LEU B 304 -1.13 3.86 25.58
C LEU B 304 -0.21 4.99 26.01
N GLY B 305 1.10 4.75 26.07
CA GLY B 305 2.02 5.80 26.45
C GLY B 305 2.01 6.97 25.49
N TYR B 306 2.08 6.69 24.19
CA TYR B 306 2.20 7.79 23.24
C TYR B 306 0.90 8.55 23.06
N TYR B 307 -0.23 8.01 23.52
CA TYR B 307 -1.45 8.79 23.60
C TYR B 307 -1.41 9.83 24.71
N THR B 308 -0.40 9.76 25.59
CA THR B 308 -0.24 10.73 26.66
C THR B 308 0.95 11.66 26.46
N GLN B 309 1.98 11.24 25.72
CA GLN B 309 3.16 12.07 25.52
C GLN B 309 3.16 12.76 24.17
N MET B 310 3.02 12.01 23.08
CA MET B 310 3.09 12.59 21.76
C MET B 310 1.73 12.77 21.10
N LEU B 311 0.65 12.40 21.78
CA LEU B 311 -0.65 12.92 21.42
C LEU B 311 -0.82 14.35 21.93
N LEU B 312 0.08 14.79 22.82
CA LEU B 312 0.08 16.17 23.28
C LEU B 312 0.40 17.13 22.15
N LEU B 313 1.26 16.73 21.21
CA LEU B 313 1.54 17.60 20.07
C LEU B 313 0.30 17.79 19.21
N ALA B 314 -0.45 16.72 18.96
CA ALA B 314 -1.71 16.84 18.25
C ALA B 314 -2.70 17.68 19.02
N ALA B 315 -2.73 17.52 20.34
CA ALA B 315 -3.64 18.31 21.18
C ALA B 315 -3.29 19.79 21.12
N VAL B 316 -1.99 20.13 21.16
CA VAL B 316 -1.60 21.54 21.16
C VAL B 316 -1.80 22.15 19.77
N VAL B 317 -1.63 21.37 18.72
CA VAL B 317 -1.99 21.86 17.38
C VAL B 317 -3.48 22.11 17.30
N GLY B 318 -4.28 21.21 17.89
CA GLY B 318 -5.71 21.43 17.96
C GLY B 318 -6.07 22.69 18.73
N VAL B 319 -5.36 22.94 19.84
CA VAL B 319 -5.59 24.16 20.61
C VAL B 319 -5.22 25.39 19.80
N ALA B 320 -4.11 25.32 19.07
CA ALA B 320 -3.67 26.45 18.25
C ALA B 320 -4.70 26.79 17.20
N CYS B 321 -5.19 25.78 16.47
CA CYS B 321 -6.22 26.08 15.46
C CYS B 321 -7.56 26.42 16.10
N PHE B 322 -7.80 25.92 17.33
CA PHE B 322 -9.00 26.28 18.07
C PHE B 322 -9.03 27.77 18.39
N LEU B 323 -7.89 28.31 18.84
CA LEU B 323 -7.82 29.75 19.10
C LEU B 323 -7.75 30.54 17.80
N TYR B 324 -7.15 29.97 16.76
CA TYR B 324 -7.09 30.65 15.46
C TYR B 324 -8.49 30.84 14.88
N GLY B 325 -9.34 29.82 15.00
CA GLY B 325 -10.69 29.93 14.47
C GLY B 325 -11.56 30.90 15.24
N TYR B 326 -11.24 31.15 16.51
CA TYR B 326 -12.02 32.07 17.32
C TYR B 326 -11.52 33.50 17.23
N LEU B 327 -10.22 33.70 17.04
CA LEU B 327 -9.68 35.06 16.93
C LEU B 327 -10.03 35.67 15.59
N ASP B 328 -9.64 35.02 14.50
CA ASP B 328 -9.95 35.50 13.15
C ASP B 328 -11.39 35.14 12.77
N GLN B 329 -12.31 35.56 13.63
CA GLN B 329 -13.72 35.24 13.51
C GLN B 329 -14.56 36.42 13.00
N ASP B 330 -14.21 37.64 13.42
CA ASP B 330 -14.96 38.81 12.95
C ASP B 330 -14.54 39.21 11.54
N ASN B 331 -13.27 39.07 11.20
CA ASN B 331 -12.71 39.62 9.97
C ASN B 331 -12.63 38.59 8.85
N CYS B 332 -13.57 37.66 8.79
CA CYS B 332 -13.58 36.64 7.75
C CYS B 332 -14.90 36.55 6.98
N THR B 333 -15.93 37.29 7.41
CA THR B 333 -17.23 37.37 6.74
C THR B 333 -17.96 36.03 6.82
N TRP B 334 -17.32 35.02 7.38
CA TRP B 334 -17.94 33.74 7.67
C TRP B 334 -18.26 33.69 9.16
N SER B 335 -19.47 33.27 9.50
CA SER B 335 -19.98 33.22 10.87
C SER B 335 -20.18 34.62 11.44
N LYS B 336 -19.90 35.65 10.64
CA LYS B 336 -20.27 37.01 10.98
C LYS B 336 -21.49 37.48 10.21
N GLU B 337 -21.50 37.28 8.89
CA GLU B 337 -22.70 37.60 8.11
C GLU B 337 -23.88 36.75 8.56
N VAL B 338 -23.62 35.50 8.93
CA VAL B 338 -24.69 34.64 9.44
C VAL B 338 -25.27 35.22 10.73
N CYS B 339 -24.40 35.69 11.62
CA CYS B 339 -24.85 36.35 12.84
C CYS B 339 -25.30 37.78 12.60
N ASP B 340 -25.07 38.34 11.40
CA ASP B 340 -25.55 39.66 11.08
C ASP B 340 -26.95 39.55 10.49
N PRO B 341 -27.98 40.10 11.15
CA PRO B 341 -29.35 39.92 10.65
C PRO B 341 -29.61 40.59 9.32
N ASP B 342 -28.73 41.50 8.88
CA ASP B 342 -29.02 42.27 7.67
C ASP B 342 -28.87 41.42 6.40
N ILE B 343 -27.88 40.52 6.38
CA ILE B 343 -27.62 39.76 5.16
C ILE B 343 -27.65 38.26 5.43
N GLY B 344 -27.42 37.86 6.67
CA GLY B 344 -27.49 36.46 7.04
C GLY B 344 -28.73 36.04 7.77
N GLY B 345 -29.70 36.92 7.95
CA GLY B 345 -30.93 36.58 8.63
C GLY B 345 -32.15 36.69 7.75
N GLN B 346 -31.99 37.29 6.57
CA GLN B 346 -33.08 37.44 5.62
C GLN B 346 -33.27 36.21 4.74
N ILE B 347 -32.41 35.20 4.88
CA ILE B 347 -32.46 34.01 4.04
C ILE B 347 -33.45 33.02 4.63
N LEU B 348 -34.72 33.13 4.24
CA LEU B 348 -35.76 32.25 4.75
C LEU B 348 -35.59 30.86 4.15
N MET B 349 -35.65 29.84 4.99
CA MET B 349 -35.51 28.46 4.54
C MET B 349 -36.89 27.89 4.25
N CYS B 350 -36.94 26.58 4.04
CA CYS B 350 -38.16 25.82 3.86
C CYS B 350 -38.07 24.54 4.70
N PRO B 351 -39.21 23.98 5.11
CA PRO B 351 -39.17 22.87 6.08
C PRO B 351 -38.40 21.67 5.55
N GLN B 352 -37.62 21.06 6.45
CA GLN B 352 -36.87 19.87 6.09
C GLN B 352 -37.71 18.61 6.16
N CYS B 353 -38.74 18.59 7.01
CA CYS B 353 -39.63 17.46 7.15
C CYS B 353 -40.92 17.69 6.37
N ASP B 354 -41.70 16.62 6.23
CA ASP B 354 -42.94 16.70 5.47
C ASP B 354 -43.94 17.64 6.13
N ARG B 355 -44.08 17.56 7.45
CA ARG B 355 -45.04 18.36 8.18
C ARG B 355 -44.48 18.71 9.55
N LEU B 356 -45.19 19.59 10.25
CA LEU B 356 -44.82 20.04 11.60
C LEU B 356 -43.43 20.69 11.59
N CYS B 357 -43.13 21.45 10.55
CA CYS B 357 -41.88 22.20 10.45
C CYS B 357 -42.17 23.50 9.71
N PRO B 358 -41.84 24.64 10.31
CA PRO B 358 -42.12 25.93 9.68
C PRO B 358 -40.95 26.44 8.84
N PHE B 359 -41.22 27.52 8.10
CA PHE B 359 -40.20 28.20 7.31
C PHE B 359 -39.35 29.04 8.26
N TRP B 360 -38.09 28.66 8.43
CA TRP B 360 -37.20 29.33 9.37
C TRP B 360 -36.22 30.22 8.62
N ARG B 361 -35.36 30.89 9.40
CA ARG B 361 -34.37 31.81 8.85
C ARG B 361 -32.98 31.42 9.35
N LEU B 362 -31.97 31.80 8.57
CA LEU B 362 -30.58 31.52 8.93
C LEU B 362 -30.13 32.31 10.16
N ASN B 363 -30.90 33.31 10.59
CA ASN B 363 -30.51 34.11 11.75
C ASN B 363 -30.37 33.25 13.00
N ILE B 364 -31.29 32.31 13.20
CA ILE B 364 -31.23 31.42 14.36
C ILE B 364 -29.98 30.55 14.30
N THR B 365 -29.35 30.43 13.13
CA THR B 365 -28.10 29.69 13.01
C THR B 365 -26.96 30.38 13.76
N CYS B 366 -27.12 31.66 14.10
CA CYS B 366 -26.02 32.45 14.64
C CYS B 366 -25.37 31.79 15.85
N GLU B 367 -26.17 31.42 16.85
CA GLU B 367 -25.62 30.86 18.08
C GLU B 367 -24.86 29.57 17.82
N SER B 368 -25.15 28.88 16.72
CA SER B 368 -24.39 27.70 16.32
C SER B 368 -23.42 27.96 15.18
N SER B 369 -23.53 29.08 14.47
CA SER B 369 -22.61 29.39 13.40
C SER B 369 -21.40 30.17 13.89
N LYS B 370 -21.57 31.02 14.91
CA LYS B 370 -20.44 31.74 15.48
C LYS B 370 -19.43 30.78 16.10
N LYS B 371 -19.91 29.76 16.80
CA LYS B 371 -19.03 28.73 17.33
C LYS B 371 -18.65 27.69 16.28
N LEU B 372 -19.36 27.63 15.16
CA LEU B 372 -18.94 26.78 14.06
C LEU B 372 -17.64 27.28 13.44
N CYS B 373 -17.34 28.56 13.61
CA CYS B 373 -16.18 29.16 12.96
C CYS B 373 -14.89 28.46 13.38
N ILE B 374 -14.73 28.14 14.67
CA ILE B 374 -13.52 27.48 15.13
C ILE B 374 -13.36 26.09 14.54
N PHE B 375 -14.43 25.49 14.05
CA PHE B 375 -14.35 24.13 13.54
C PHE B 375 -13.95 24.06 12.08
N ASP B 376 -14.31 25.06 11.27
CA ASP B 376 -14.02 24.97 9.85
C ASP B 376 -13.57 26.27 9.18
N SER B 377 -13.20 27.31 9.93
CA SER B 377 -12.80 28.56 9.29
C SER B 377 -11.56 28.38 8.43
N PHE B 378 -10.42 28.14 9.06
CA PHE B 378 -9.20 27.77 8.34
C PHE B 378 -8.42 26.65 9.01
N GLY B 379 -8.72 26.32 10.27
CA GLY B 379 -7.96 25.31 10.97
C GLY B 379 -8.24 23.90 10.51
N THR B 380 -9.38 23.67 9.84
CA THR B 380 -9.73 22.32 9.41
C THR B 380 -8.74 21.78 8.39
N LEU B 381 -8.36 22.60 7.40
CA LEU B 381 -7.50 22.13 6.32
C LEU B 381 -6.15 21.69 6.85
N ILE B 382 -5.39 22.62 7.45
CA ILE B 382 -4.09 22.28 7.99
C ILE B 382 -4.21 21.28 9.12
N PHE B 383 -5.32 21.31 9.85
CA PHE B 383 -5.52 20.38 10.95
C PHE B 383 -5.59 18.94 10.45
N ALA B 384 -6.42 18.70 9.45
CA ALA B 384 -6.59 17.34 8.93
C ALA B 384 -5.35 16.91 8.14
N VAL B 385 -4.70 17.83 7.43
CA VAL B 385 -3.47 17.47 6.73
C VAL B 385 -2.41 17.06 7.74
N PHE B 386 -2.27 17.83 8.82
CA PHE B 386 -1.32 17.48 9.87
C PHE B 386 -1.72 16.20 10.58
N MET B 387 -3.02 15.92 10.69
CA MET B 387 -3.46 14.67 11.30
C MET B 387 -3.09 13.46 10.44
N GLY B 388 -3.28 13.57 9.13
CA GLY B 388 -2.86 12.50 8.25
C GLY B 388 -1.36 12.28 8.29
N VAL B 389 -0.58 13.37 8.23
CA VAL B 389 0.87 13.25 8.33
C VAL B 389 1.26 12.69 9.69
N TRP B 390 0.52 13.08 10.73
CA TRP B 390 0.84 12.65 12.09
C TRP B 390 0.60 11.16 12.27
N VAL B 391 -0.51 10.64 11.73
CA VAL B 391 -0.76 9.21 11.87
C VAL B 391 0.21 8.39 11.02
N THR B 392 0.42 8.81 9.76
CA THR B 392 1.41 8.17 8.91
C THR B 392 2.82 8.44 9.38
N LEU B 393 2.99 9.22 10.45
CA LEU B 393 4.26 9.33 11.16
C LEU B 393 4.35 8.37 12.34
N PHE B 394 3.40 8.44 13.28
CA PHE B 394 3.64 7.67 14.50
C PHE B 394 3.39 6.19 14.30
N LEU B 395 2.73 5.78 13.20
CA LEU B 395 2.67 4.36 12.93
C LEU B 395 4.08 3.77 12.86
N GLU B 396 4.93 4.36 12.00
CA GLU B 396 6.30 3.90 11.87
C GLU B 396 7.18 4.32 13.04
N PHE B 397 6.86 5.44 13.68
CA PHE B 397 7.60 5.82 14.89
C PHE B 397 7.42 4.78 15.98
N TRP B 398 6.19 4.27 16.14
CA TRP B 398 5.94 3.22 17.11
C TRP B 398 6.46 1.87 16.61
N LYS B 399 6.57 1.68 15.30
CA LYS B 399 7.31 0.52 14.81
C LYS B 399 8.76 0.58 15.27
N ARG B 400 9.37 1.77 15.21
CA ARG B 400 10.73 1.94 15.70
C ARG B 400 10.81 1.70 17.21
N ARG B 401 9.82 2.18 17.96
CA ARG B 401 9.80 1.92 19.39
C ARG B 401 9.62 0.42 19.68
N GLN B 402 8.83 -0.26 18.85
CA GLN B 402 8.67 -1.70 18.97
C GLN B 402 9.99 -2.41 18.74
N ALA B 403 10.75 -1.97 17.73
CA ALA B 403 12.07 -2.54 17.50
C ALA B 403 13.00 -2.27 18.69
N GLU B 404 12.90 -1.08 19.27
CA GLU B 404 13.71 -0.75 20.44
C GLU B 404 13.39 -1.66 21.62
N LEU B 405 12.10 -1.93 21.86
CA LEU B 405 11.74 -2.81 22.96
C LEU B 405 12.03 -4.27 22.64
N GLU B 406 12.03 -4.64 21.35
CA GLU B 406 12.56 -5.94 20.95
C GLU B 406 14.03 -6.07 21.30
N TYR B 407 14.79 -5.00 21.11
CA TYR B 407 16.17 -4.98 21.57
C TYR B 407 16.23 -5.10 23.10
N GLU B 408 15.35 -4.40 23.80
CA GLU B 408 15.40 -4.38 25.26
C GLU B 408 14.98 -5.72 25.86
N TRP B 409 13.85 -6.26 25.41
CA TRP B 409 13.28 -7.46 26.00
C TRP B 409 13.44 -8.65 25.06
N ASP B 410 13.27 -9.85 25.61
CA ASP B 410 13.45 -11.06 24.82
C ASP B 410 12.35 -11.20 23.77
N THR B 411 11.09 -11.30 24.20
CA THR B 411 9.94 -11.40 23.32
C THR B 411 10.12 -12.54 22.30
N VAL B 412 10.62 -13.67 22.78
CA VAL B 412 10.87 -14.82 21.93
C VAL B 412 9.56 -15.45 21.47
N LEU B 456 -21.84 -20.78 3.71
CA LEU B 456 -22.32 -20.64 5.07
C LEU B 456 -21.75 -19.38 5.72
N CYS B 457 -20.55 -19.00 5.29
CA CYS B 457 -19.92 -17.80 5.85
C CYS B 457 -20.71 -16.54 5.52
N ALA B 458 -21.23 -16.45 4.30
CA ALA B 458 -22.01 -15.27 3.91
C ALA B 458 -23.27 -15.14 4.76
N SER B 459 -23.94 -16.26 5.03
CA SER B 459 -25.07 -16.25 5.93
C SER B 459 -24.59 -16.21 7.37
N ALA B 460 -25.53 -15.94 8.28
CA ALA B 460 -25.26 -15.91 9.72
C ALA B 460 -24.25 -14.83 10.08
N VAL B 461 -23.01 -14.99 9.62
CA VAL B 461 -21.94 -14.05 9.99
C VAL B 461 -22.18 -12.68 9.36
N PHE B 462 -22.15 -12.63 8.03
CA PHE B 462 -22.43 -11.38 7.34
C PHE B 462 -23.90 -11.02 7.38
N PHE B 463 -24.78 -12.00 7.64
CA PHE B 463 -26.19 -11.71 7.71
C PHE B 463 -26.51 -10.74 8.85
N TRP B 464 -25.89 -10.93 10.01
CA TRP B 464 -26.15 -10.04 11.13
C TRP B 464 -25.53 -8.67 10.90
N ILE B 465 -24.38 -8.61 10.22
CA ILE B 465 -23.77 -7.32 9.91
C ILE B 465 -24.64 -6.53 8.94
N LEU B 466 -25.16 -7.18 7.90
CA LEU B 466 -26.10 -6.48 7.03
C LEU B 466 -27.38 -6.13 7.77
N LEU B 467 -27.78 -6.97 8.73
CA LEU B 467 -28.97 -6.67 9.52
C LEU B 467 -28.80 -5.40 10.34
N ILE B 468 -27.63 -5.20 10.95
CA ILE B 468 -27.41 -3.94 11.68
C ILE B 468 -27.18 -2.77 10.73
N ILE B 469 -26.61 -3.01 9.56
CA ILE B 469 -26.57 -1.96 8.53
C ILE B 469 -27.98 -1.49 8.21
N ALA B 470 -28.94 -2.42 8.20
CA ALA B 470 -30.34 -2.03 8.05
C ALA B 470 -30.89 -1.43 9.34
N SER B 471 -30.42 -1.89 10.50
CA SER B 471 -30.97 -1.46 11.78
C SER B 471 -30.55 -0.04 12.16
N VAL B 472 -29.53 0.50 11.50
CA VAL B 472 -29.24 1.92 11.72
C VAL B 472 -30.43 2.77 11.27
N ILE B 473 -31.21 2.27 10.30
CA ILE B 473 -32.46 2.92 9.94
C ILE B 473 -33.43 2.90 11.10
N GLY B 474 -33.53 1.77 11.79
CA GLY B 474 -34.37 1.72 12.98
C GLY B 474 -33.89 2.66 14.07
N ILE B 475 -32.58 2.79 14.21
CA ILE B 475 -32.01 3.68 15.22
C ILE B 475 -32.32 5.14 14.90
N ILE B 476 -32.18 5.54 13.64
CA ILE B 476 -32.52 6.91 13.28
C ILE B 476 -34.02 7.14 13.40
N VAL B 477 -34.84 6.13 13.10
CA VAL B 477 -36.27 6.27 13.29
C VAL B 477 -36.59 6.48 14.77
N TYR B 478 -35.91 5.73 15.65
CA TYR B 478 -36.12 5.88 17.08
C TYR B 478 -35.71 7.28 17.55
N ARG B 479 -34.55 7.76 17.09
CA ARG B 479 -34.10 9.07 17.55
C ARG B 479 -35.05 10.16 17.06
N LEU B 480 -35.54 10.04 15.82
CA LEU B 480 -36.50 10.99 15.29
C LEU B 480 -37.78 10.97 16.13
N SER B 481 -38.29 9.78 16.42
CA SER B 481 -39.50 9.67 17.23
C SER B 481 -39.29 10.23 18.62
N VAL B 482 -38.06 10.21 19.11
CA VAL B 482 -37.77 10.78 20.43
C VAL B 482 -37.80 12.30 20.37
N PHE B 483 -36.96 12.90 19.52
CA PHE B 483 -36.88 14.36 19.65
C PHE B 483 -38.04 15.07 18.96
N ILE B 484 -38.81 14.39 18.10
CA ILE B 484 -40.04 15.02 17.60
C ILE B 484 -41.01 15.29 18.75
N VAL B 485 -41.18 14.30 19.64
CA VAL B 485 -42.01 14.52 20.83
C VAL B 485 -41.34 15.49 21.78
N PHE B 486 -40.02 15.39 21.93
CA PHE B 486 -39.30 16.28 22.84
C PHE B 486 -39.43 17.74 22.41
N SER B 487 -39.52 18.00 21.11
CA SER B 487 -39.73 19.37 20.63
C SER B 487 -41.08 19.90 21.09
N THR B 488 -42.12 19.05 21.06
CA THR B 488 -43.42 19.47 21.57
C THR B 488 -43.40 19.67 23.08
N THR B 489 -42.64 18.83 23.80
CA THR B 489 -42.52 19.00 25.24
C THR B 489 -41.77 20.28 25.59
N LYS B 502 -28.65 29.66 28.27
CA LYS B 502 -27.33 29.66 27.67
C LYS B 502 -27.42 29.33 26.18
N TYR B 503 -28.19 30.13 25.45
CA TYR B 503 -28.45 29.97 24.02
C TYR B 503 -28.65 28.50 23.65
N LEU B 504 -29.59 27.86 24.33
CA LEU B 504 -29.94 26.46 24.07
C LEU B 504 -30.82 26.41 22.81
N THR B 505 -30.16 26.48 21.67
CA THR B 505 -30.87 26.39 20.40
C THR B 505 -31.45 24.99 20.23
N PRO B 506 -32.52 24.85 19.44
CA PRO B 506 -33.10 23.52 19.22
C PRO B 506 -32.10 22.52 18.65
N GLN B 507 -31.20 22.95 17.78
CA GLN B 507 -30.25 22.04 17.14
C GLN B 507 -29.04 21.75 18.00
N MET B 508 -28.95 22.34 19.19
CA MET B 508 -27.92 21.96 20.16
C MET B 508 -28.48 21.02 21.23
N ALA B 509 -29.58 21.42 21.88
CA ALA B 509 -30.21 20.56 22.86
C ALA B 509 -30.72 19.27 22.21
N THR B 510 -31.30 19.37 21.01
CA THR B 510 -31.76 18.20 20.29
C THR B 510 -30.59 17.28 19.93
N SER B 511 -29.51 17.86 19.38
CA SER B 511 -28.37 17.07 19.00
C SER B 511 -27.66 16.44 20.19
N ILE B 512 -27.83 17.00 21.39
CA ILE B 512 -27.28 16.40 22.59
C ILE B 512 -28.19 15.28 23.10
N THR B 513 -29.50 15.55 23.21
CA THR B 513 -30.42 14.57 23.74
C THR B 513 -30.49 13.33 22.86
N ALA B 514 -30.65 13.53 21.55
CA ALA B 514 -30.68 12.39 20.63
C ALA B 514 -29.38 11.63 20.64
N SER B 515 -28.25 12.33 20.76
CA SER B 515 -26.97 11.64 20.85
C SER B 515 -26.88 10.78 22.10
N ILE B 516 -27.38 11.29 23.23
CA ILE B 516 -27.35 10.49 24.46
C ILE B 516 -28.25 9.27 24.34
N ILE B 517 -29.45 9.44 23.76
CA ILE B 517 -30.34 8.29 23.58
C ILE B 517 -29.70 7.26 22.66
N SER B 518 -29.10 7.71 21.56
CA SER B 518 -28.42 6.80 20.65
C SER B 518 -27.25 6.11 21.34
N PHE B 519 -26.53 6.83 22.20
CA PHE B 519 -25.42 6.22 22.92
C PHE B 519 -25.91 5.12 23.87
N ILE B 520 -27.03 5.36 24.56
CA ILE B 520 -27.59 4.33 25.42
C ILE B 520 -28.00 3.12 24.61
N ILE B 521 -28.67 3.34 23.48
CA ILE B 521 -29.08 2.23 22.63
C ILE B 521 -27.86 1.49 22.09
N ILE B 522 -26.79 2.22 21.79
CA ILE B 522 -25.57 1.61 21.28
C ILE B 522 -24.92 0.74 22.35
N MET B 523 -24.94 1.19 23.60
CA MET B 523 -24.39 0.37 24.68
C MET B 523 -25.23 -0.90 24.89
N ILE B 524 -26.56 -0.78 24.84
CA ILE B 524 -27.41 -1.96 24.97
C ILE B 524 -27.14 -2.94 23.83
N LEU B 525 -27.06 -2.41 22.61
CA LEU B 525 -26.78 -3.25 21.46
C LEU B 525 -25.37 -3.84 21.53
N ASN B 526 -24.43 -3.13 22.15
CA ASN B 526 -23.10 -3.68 22.34
C ASN B 526 -23.13 -4.85 23.30
N THR B 527 -23.95 -4.77 24.34
CA THR B 527 -24.15 -5.93 25.22
C THR B 527 -24.73 -7.10 24.44
N ILE B 528 -25.74 -6.83 23.61
CA ILE B 528 -26.34 -7.89 22.80
C ILE B 528 -25.30 -8.52 21.87
N TYR B 529 -24.44 -7.69 21.28
CA TYR B 529 -23.41 -8.20 20.38
C TYR B 529 -22.34 -8.97 21.13
N GLU B 530 -21.99 -8.53 22.33
CA GLU B 530 -21.09 -9.30 23.17
C GLU B 530 -21.65 -10.67 23.45
N LYS B 531 -22.97 -10.77 23.61
CA LYS B 531 -23.60 -12.08 23.75
C LYS B 531 -23.54 -12.88 22.45
N VAL B 532 -23.96 -12.28 21.34
CA VAL B 532 -24.21 -13.04 20.12
C VAL B 532 -22.91 -13.46 19.44
N ALA B 533 -21.89 -12.62 19.46
CA ALA B 533 -20.62 -12.99 18.86
C ALA B 533 -20.02 -14.19 19.56
N ILE B 534 -20.09 -14.23 20.89
CA ILE B 534 -19.64 -15.39 21.64
C ILE B 534 -20.51 -16.61 21.30
N MET B 535 -21.82 -16.41 21.23
CA MET B 535 -22.71 -17.55 20.99
C MET B 535 -22.59 -18.11 19.57
N ILE B 536 -22.06 -17.33 18.63
CA ILE B 536 -21.93 -17.83 17.25
C ILE B 536 -20.51 -18.32 17.00
N THR B 537 -19.54 -17.77 17.73
CA THR B 537 -18.15 -18.17 17.52
C THR B 537 -17.89 -19.58 18.03
N ASN B 538 -18.43 -19.93 19.20
CA ASN B 538 -18.25 -21.28 19.73
C ASN B 538 -19.03 -22.31 18.91
N PHE B 539 -20.03 -21.88 18.14
CA PHE B 539 -20.76 -22.81 17.29
C PHE B 539 -19.84 -23.45 16.26
N GLU B 540 -19.00 -22.65 15.63
CA GLU B 540 -17.98 -23.18 14.72
C GLU B 540 -16.88 -23.85 15.52
N LEU B 541 -16.34 -24.94 14.96
CA LEU B 541 -15.27 -25.68 15.60
C LEU B 541 -13.94 -24.95 15.38
N PRO B 542 -13.39 -24.31 16.41
CA PRO B 542 -12.22 -23.46 16.18
C PRO B 542 -10.89 -24.19 16.38
N ARG B 543 -9.80 -23.51 16.06
CA ARG B 543 -8.46 -24.00 16.31
C ARG B 543 -8.06 -23.66 17.74
N THR B 544 -6.77 -23.73 18.05
CA THR B 544 -6.28 -23.47 19.39
C THR B 544 -6.60 -22.03 19.82
N GLN B 545 -6.24 -21.70 21.06
CA GLN B 545 -6.66 -20.45 21.68
C GLN B 545 -6.25 -19.24 20.85
N THR B 546 -5.06 -19.28 20.24
CA THR B 546 -4.59 -18.16 19.46
C THR B 546 -5.50 -17.90 18.26
N ASP B 547 -5.79 -18.93 17.48
CA ASP B 547 -6.67 -18.75 16.33
C ASP B 547 -8.11 -18.45 16.76
N TYR B 548 -8.56 -19.02 17.88
CA TYR B 548 -9.88 -18.70 18.38
C TYR B 548 -10.01 -17.23 18.72
N GLU B 549 -9.00 -16.68 19.41
CA GLU B 549 -9.04 -15.26 19.74
C GLU B 549 -8.84 -14.39 18.50
N ASN B 550 -8.11 -14.88 17.50
CA ASN B 550 -7.99 -14.13 16.26
C ASN B 550 -9.34 -14.05 15.55
N SER B 551 -10.08 -15.15 15.49
CA SER B 551 -11.42 -15.12 14.90
C SER B 551 -12.36 -14.24 15.72
N LEU B 552 -12.25 -14.31 17.05
CA LEU B 552 -13.08 -13.48 17.90
C LEU B 552 -12.78 -12.01 17.68
N THR B 553 -11.50 -11.66 17.49
CA THR B 553 -11.13 -10.30 17.12
C THR B 553 -11.78 -9.92 15.80
N MET B 554 -11.59 -10.74 14.77
CA MET B 554 -12.08 -10.41 13.44
C MET B 554 -13.60 -10.25 13.42
N LYS B 555 -14.30 -10.90 14.35
CA LYS B 555 -15.75 -10.76 14.39
C LYS B 555 -16.19 -9.59 15.27
N MET B 556 -15.69 -9.51 16.51
CA MET B 556 -16.15 -8.48 17.43
C MET B 556 -15.67 -7.09 17.03
N PHE B 557 -14.47 -6.96 16.46
CA PHE B 557 -14.05 -5.63 16.03
C PHE B 557 -14.96 -5.11 14.92
N LEU B 558 -15.31 -5.96 13.95
CA LEU B 558 -16.23 -5.54 12.91
C LEU B 558 -17.62 -5.24 13.49
N PHE B 559 -18.06 -6.05 14.44
CA PHE B 559 -19.35 -5.80 15.07
C PHE B 559 -19.37 -4.44 15.76
N GLN B 560 -18.30 -4.12 16.50
CA GLN B 560 -18.21 -2.84 17.18
C GLN B 560 -18.04 -1.69 16.19
N PHE B 561 -17.33 -1.94 15.08
CA PHE B 561 -17.18 -0.94 14.04
C PHE B 561 -18.54 -0.56 13.48
N VAL B 562 -19.33 -1.55 13.07
CA VAL B 562 -20.66 -1.25 12.53
C VAL B 562 -21.59 -0.76 13.63
N ASN B 563 -21.30 -1.08 14.89
CA ASN B 563 -22.15 -0.62 15.98
C ASN B 563 -21.92 0.87 16.25
N TYR B 564 -20.66 1.31 16.25
CA TYR B 564 -20.32 2.68 16.62
C TYR B 564 -20.24 3.60 15.41
N TYR B 565 -19.38 3.30 14.45
CA TYR B 565 -19.10 4.24 13.37
C TYR B 565 -20.17 4.27 12.30
N SER B 566 -21.17 3.39 12.35
CA SER B 566 -22.21 3.41 11.32
C SER B 566 -23.01 4.71 11.39
N SER B 567 -23.39 5.14 12.59
CA SER B 567 -24.13 6.40 12.72
C SER B 567 -23.29 7.59 12.30
N CYS B 568 -22.00 7.59 12.68
CA CYS B 568 -21.12 8.68 12.29
C CYS B 568 -20.94 8.75 10.78
N PHE B 569 -20.77 7.59 10.13
CA PHE B 569 -20.67 7.56 8.68
C PHE B 569 -21.97 8.01 8.03
N TYR B 570 -23.10 7.62 8.62
CA TYR B 570 -24.40 8.05 8.11
C TYR B 570 -24.54 9.56 8.15
N ILE B 571 -24.18 10.16 9.29
CA ILE B 571 -24.31 11.62 9.42
C ILE B 571 -23.31 12.33 8.53
N ALA B 572 -22.07 11.83 8.45
CA ALA B 572 -21.03 12.54 7.73
C ALA B 572 -21.23 12.46 6.22
N PHE B 573 -21.54 11.26 5.70
CA PHE B 573 -21.45 11.02 4.27
C PHE B 573 -22.80 11.12 3.55
N PHE B 574 -23.78 10.32 3.97
CA PHE B 574 -25.02 10.18 3.21
C PHE B 574 -26.23 10.45 4.09
N LYS B 575 -26.22 11.56 4.82
CA LYS B 575 -27.38 11.99 5.60
C LYS B 575 -28.23 13.02 4.86
N GLY B 576 -27.64 14.15 4.49
CA GLY B 576 -28.41 15.28 4.01
C GLY B 576 -28.39 15.51 2.51
N LYS B 577 -28.54 14.46 1.72
CA LYS B 577 -28.47 14.57 0.27
C LYS B 577 -29.85 14.33 -0.35
N PHE B 578 -29.86 14.23 -1.68
CA PHE B 578 -31.01 13.76 -2.45
C PHE B 578 -32.23 14.67 -2.33
N VAL B 579 -32.08 15.90 -2.82
CA VAL B 579 -33.19 16.81 -3.10
C VAL B 579 -33.12 17.21 -4.56
N GLY B 580 -34.25 17.14 -5.25
CA GLY B 580 -34.27 17.29 -6.70
C GLY B 580 -35.26 18.34 -7.16
N TYR B 581 -36.03 17.98 -8.20
CA TYR B 581 -36.88 18.96 -8.86
C TYR B 581 -38.02 19.44 -7.97
N PRO B 582 -38.96 18.57 -7.53
CA PRO B 582 -40.06 19.06 -6.68
C PRO B 582 -39.69 19.04 -5.21
N GLY B 583 -38.40 18.94 -4.91
CA GLY B 583 -37.99 18.71 -3.54
C GLY B 583 -38.40 17.34 -3.04
N ASP B 584 -38.23 16.31 -3.87
CA ASP B 584 -38.62 14.96 -3.51
C ASP B 584 -37.40 14.18 -3.03
N PRO B 585 -37.33 13.80 -1.76
CA PRO B 585 -36.25 12.93 -1.31
C PRO B 585 -36.44 11.52 -1.83
N VAL B 586 -35.40 10.69 -1.62
CA VAL B 586 -35.43 9.32 -2.12
C VAL B 586 -36.51 8.48 -1.45
N TYR B 587 -36.96 8.88 -0.27
CA TYR B 587 -38.02 8.23 0.51
C TYR B 587 -37.60 6.86 1.06
N LEU B 588 -36.37 6.42 0.80
CA LEU B 588 -35.83 5.17 1.36
C LEU B 588 -36.74 3.98 1.07
N LEU B 589 -37.18 3.88 -0.19
CA LEU B 589 -38.03 2.78 -0.65
C LEU B 589 -39.30 2.65 0.20
N GLY B 590 -39.93 3.79 0.45
CA GLY B 590 -41.13 3.78 1.26
C GLY B 590 -41.83 5.12 1.21
N LYS B 591 -42.69 5.35 2.20
CA LYS B 591 -43.41 6.60 2.34
C LYS B 591 -42.80 7.53 3.37
N TYR B 592 -41.59 7.22 3.85
CA TYR B 592 -40.92 8.01 4.88
C TYR B 592 -39.80 8.81 4.23
N ARG B 593 -39.84 10.13 4.40
CA ARG B 593 -38.85 11.01 3.80
C ARG B 593 -37.51 10.87 4.52
N SER B 594 -36.47 11.45 3.91
CA SER B 594 -35.15 11.49 4.49
C SER B 594 -34.92 12.83 5.17
N GLU B 595 -33.90 12.86 6.04
CA GLU B 595 -33.61 14.05 6.83
C GLU B 595 -32.56 14.92 6.13
N GLU B 596 -32.71 16.23 6.29
CA GLU B 596 -31.91 17.20 5.57
C GLU B 596 -31.07 18.02 6.55
N CYS B 597 -29.91 18.49 6.08
CA CYS B 597 -28.95 19.17 6.93
C CYS B 597 -29.17 20.69 6.88
N ASP B 598 -28.22 21.42 7.46
CA ASP B 598 -28.23 22.87 7.56
C ASP B 598 -27.19 23.49 6.62
N PRO B 599 -27.33 24.78 6.28
CA PRO B 599 -26.38 25.40 5.33
C PRO B 599 -25.02 25.65 5.94
N GLY B 600 -24.38 24.60 6.44
CA GLY B 600 -23.03 24.73 6.97
C GLY B 600 -22.20 23.50 6.67
N GLY B 601 -22.72 22.61 5.83
CA GLY B 601 -22.05 21.34 5.63
C GLY B 601 -22.10 20.57 6.93
N CYS B 602 -23.29 20.08 7.28
CA CYS B 602 -23.63 19.75 8.67
C CYS B 602 -22.52 18.99 9.37
N LEU B 603 -21.92 19.64 10.37
CA LEU B 603 -20.77 19.12 11.10
C LEU B 603 -20.90 19.30 12.59
N LEU B 604 -21.71 20.24 13.07
CA LEU B 604 -21.97 20.34 14.51
C LEU B 604 -22.61 19.08 15.03
N GLU B 605 -23.50 18.47 14.25
CA GLU B 605 -24.06 17.18 14.65
C GLU B 605 -22.98 16.12 14.73
N LEU B 606 -22.06 16.11 13.76
CA LEU B 606 -20.99 15.12 13.77
C LEU B 606 -20.05 15.33 14.96
N THR B 607 -19.67 16.58 15.23
CA THR B 607 -18.75 16.81 16.35
C THR B 607 -19.45 16.59 17.69
N THR B 608 -20.75 16.86 17.77
CA THR B 608 -21.50 16.52 18.97
C THR B 608 -21.56 15.02 19.17
N GLN B 609 -21.78 14.26 18.09
CA GLN B 609 -21.75 12.81 18.18
C GLN B 609 -20.40 12.32 18.66
N LEU B 610 -19.32 12.87 18.11
CA LEU B 610 -17.98 12.50 18.56
C LEU B 610 -17.79 12.82 20.04
N THR B 611 -18.15 14.03 20.45
CA THR B 611 -17.91 14.45 21.83
C THR B 611 -18.73 13.61 22.82
N ILE B 612 -19.96 13.27 22.47
CA ILE B 612 -20.80 12.50 23.38
C ILE B 612 -20.48 11.01 23.34
N ILE B 613 -19.98 10.48 22.22
CA ILE B 613 -19.69 9.07 22.13
C ILE B 613 -18.30 8.80 22.67
N MET B 614 -17.27 9.38 22.06
CA MET B 614 -15.91 9.13 22.54
C MET B 614 -15.61 9.85 23.85
N GLY B 615 -16.42 10.84 24.22
CA GLY B 615 -16.22 11.54 25.47
C GLY B 615 -17.13 11.02 26.57
N GLY B 616 -18.39 10.75 26.24
CA GLY B 616 -19.29 10.16 27.22
C GLY B 616 -18.88 8.74 27.59
N LYS B 617 -18.52 7.93 26.60
CA LYS B 617 -18.01 6.60 26.89
C LYS B 617 -16.71 6.67 27.66
N ALA B 618 -15.89 7.70 27.41
CA ALA B 618 -14.66 7.88 28.17
C ALA B 618 -14.96 7.99 29.66
N ILE B 619 -16.10 8.54 30.02
CA ILE B 619 -16.50 8.60 31.42
C ILE B 619 -17.14 7.29 31.85
N TRP B 620 -18.01 6.72 31.01
CA TRP B 620 -18.85 5.61 31.45
C TRP B 620 -18.05 4.31 31.59
N ASN B 621 -17.14 4.04 30.66
CA ASN B 621 -16.31 2.84 30.78
C ASN B 621 -15.42 2.92 32.02
N ASN B 622 -14.88 4.10 32.31
CA ASN B 622 -14.11 4.26 33.54
C ASN B 622 -15.00 4.11 34.76
N ILE B 623 -16.24 4.60 34.69
CA ILE B 623 -17.17 4.45 35.80
C ILE B 623 -17.39 2.98 36.11
N GLN B 624 -17.66 2.16 35.09
CA GLN B 624 -17.83 0.74 35.38
C GLN B 624 -16.53 0.13 35.88
N GLU B 625 -15.41 0.45 35.22
CA GLU B 625 -14.13 -0.15 35.59
C GLU B 625 -13.70 0.20 37.00
N VAL B 626 -14.22 1.28 37.57
CA VAL B 626 -13.87 1.66 38.94
C VAL B 626 -14.90 1.11 39.93
N LEU B 627 -16.19 1.20 39.57
CA LEU B 627 -17.23 0.92 40.56
C LEU B 627 -17.69 -0.54 40.58
N LEU B 628 -17.72 -1.22 39.44
CA LEU B 628 -18.12 -2.63 39.44
C LEU B 628 -17.24 -3.47 40.34
N PRO B 629 -15.90 -3.36 40.31
CA PRO B 629 -15.11 -4.11 41.30
C PRO B 629 -15.46 -3.75 42.74
N TRP B 630 -15.65 -2.48 43.06
CA TRP B 630 -16.04 -2.11 44.43
C TRP B 630 -17.37 -2.73 44.82
N VAL B 631 -18.39 -2.58 43.98
CA VAL B 631 -19.72 -3.04 44.37
C VAL B 631 -19.74 -4.56 44.50
N MET B 632 -19.08 -5.28 43.59
CA MET B 632 -19.13 -6.74 43.67
C MET B 632 -18.26 -7.26 44.81
N ASN B 633 -17.12 -6.61 45.06
CA ASN B 633 -16.31 -7.00 46.21
C ASN B 633 -17.05 -6.74 47.52
N LEU B 634 -17.76 -5.62 47.62
CA LEU B 634 -18.55 -5.34 48.80
C LEU B 634 -19.69 -6.33 48.97
N ILE B 635 -20.34 -6.71 47.87
CA ILE B 635 -21.40 -7.72 47.93
C ILE B 635 -20.82 -9.04 48.45
N GLY B 636 -19.68 -9.44 47.91
CA GLY B 636 -19.06 -10.68 48.36
C GLY B 636 -18.65 -10.64 49.82
N ARG B 637 -18.11 -9.51 50.27
CA ARG B 637 -17.61 -9.37 51.64
C ARG B 637 -18.73 -9.18 52.65
N TYR B 638 -19.90 -8.70 52.23
CA TYR B 638 -21.01 -8.46 53.15
C TYR B 638 -22.12 -9.48 53.02
N LYS B 639 -22.03 -10.42 52.09
CA LYS B 639 -23.07 -11.43 51.92
C LYS B 639 -22.57 -12.86 52.07
N ARG B 640 -21.28 -13.13 51.87
CA ARG B 640 -20.75 -14.49 51.99
C ARG B 640 -20.21 -14.74 53.40
N VAL B 641 -19.19 -13.98 53.80
CA VAL B 641 -18.59 -14.10 55.13
C VAL B 641 -18.40 -12.70 55.69
N SER B 642 -18.84 -12.50 56.94
CA SER B 642 -18.74 -11.21 57.60
C SER B 642 -18.15 -11.39 58.99
N GLY B 643 -17.37 -10.41 59.43
CA GLY B 643 -16.76 -10.46 60.75
C GLY B 643 -15.70 -11.54 60.87
N SER B 644 -14.58 -11.38 60.15
CA SER B 644 -13.51 -12.36 60.20
C SER B 644 -12.76 -12.25 61.52
N GLU B 645 -11.74 -13.09 61.68
CA GLU B 645 -10.93 -13.15 62.89
C GLU B 645 -9.74 -12.20 62.84
N LYS B 646 -9.83 -11.12 62.06
CA LYS B 646 -8.80 -10.10 61.87
C LYS B 646 -7.56 -10.64 61.17
N ILE B 647 -7.54 -11.91 60.78
CA ILE B 647 -6.45 -12.50 60.01
C ILE B 647 -7.04 -13.16 58.78
N THR B 648 -6.97 -12.47 57.65
CA THR B 648 -7.54 -12.97 56.39
C THR B 648 -6.43 -13.53 55.53
N PRO B 649 -6.45 -14.82 55.17
CA PRO B 649 -5.40 -15.37 54.32
C PRO B 649 -5.42 -14.74 52.93
N ARG B 650 -4.24 -14.68 52.32
CA ARG B 650 -4.10 -14.02 51.02
C ARG B 650 -4.97 -14.68 49.95
N TRP B 651 -5.00 -16.02 49.94
CA TRP B 651 -5.78 -16.71 48.92
C TRP B 651 -7.27 -16.42 49.06
N GLU B 652 -7.75 -16.28 50.29
CA GLU B 652 -9.17 -15.95 50.49
C GLU B 652 -9.50 -14.59 49.90
N GLN B 653 -8.67 -13.58 50.19
CA GLN B 653 -8.91 -12.25 49.66
C GLN B 653 -8.83 -12.24 48.13
N ASP B 654 -7.86 -12.94 47.57
CA ASP B 654 -7.74 -13.01 46.11
C ASP B 654 -8.95 -13.72 45.50
N TYR B 655 -9.42 -14.79 46.14
CA TYR B 655 -10.60 -15.49 45.66
C TYR B 655 -11.82 -14.58 45.69
N HIS B 656 -11.92 -13.74 46.72
CA HIS B 656 -13.01 -12.76 46.77
C HIS B 656 -12.88 -11.70 45.69
N LEU B 657 -11.68 -11.48 45.15
CA LEU B 657 -11.50 -10.53 44.07
C LEU B 657 -12.07 -11.08 42.77
N GLN B 658 -12.37 -10.18 41.85
CA GLN B 658 -12.99 -10.58 40.59
C GLN B 658 -11.99 -11.27 39.69
N PRO B 659 -12.41 -12.28 38.93
CA PRO B 659 -11.51 -12.89 37.94
C PRO B 659 -11.34 -11.99 36.73
N MET B 660 -10.28 -12.23 35.99
CA MET B 660 -9.97 -11.44 34.81
C MET B 660 -10.34 -12.13 33.51
N GLY B 661 -10.26 -13.45 33.46
CA GLY B 661 -10.69 -14.19 32.29
C GLY B 661 -9.63 -14.26 31.21
N LYS B 662 -9.92 -15.10 30.20
CA LYS B 662 -8.99 -15.24 29.08
C LYS B 662 -9.04 -14.03 28.15
N LEU B 663 -10.19 -13.37 28.06
CA LEU B 663 -10.33 -12.14 27.29
C LEU B 663 -10.00 -10.94 28.16
N GLY B 664 -8.79 -10.95 28.70
CA GLY B 664 -8.36 -9.93 29.65
C GLY B 664 -8.19 -8.57 29.04
N LEU B 665 -7.18 -8.41 28.18
CA LEU B 665 -6.88 -7.12 27.55
C LEU B 665 -7.56 -6.96 26.20
N PHE B 666 -8.39 -7.91 25.79
CA PHE B 666 -9.11 -7.75 24.53
C PHE B 666 -10.05 -6.56 24.57
N TYR B 667 -10.76 -6.36 25.68
CA TYR B 667 -11.72 -5.27 25.76
C TYR B 667 -11.02 -3.92 25.83
N GLU B 668 -9.86 -3.86 26.48
CA GLU B 668 -9.12 -2.60 26.54
C GLU B 668 -8.58 -2.21 25.16
N TYR B 669 -8.02 -3.17 24.42
CA TYR B 669 -7.65 -2.90 23.04
C TYR B 669 -8.86 -2.50 22.22
N LEU B 670 -10.01 -3.14 22.44
CA LEU B 670 -11.19 -2.80 21.67
C LEU B 670 -11.61 -1.34 21.91
N GLU B 671 -11.69 -0.94 23.18
CA GLU B 671 -12.12 0.43 23.48
C GLU B 671 -11.07 1.45 23.01
N MET B 672 -9.79 1.12 23.14
CA MET B 672 -8.77 2.08 22.73
C MET B 672 -8.65 2.18 21.21
N ILE B 673 -8.90 1.09 20.49
CA ILE B 673 -8.97 1.16 19.04
C ILE B 673 -10.20 1.96 18.62
N ILE B 674 -11.30 1.86 19.37
CA ILE B 674 -12.46 2.71 19.09
C ILE B 674 -12.10 4.18 19.28
N GLN B 675 -11.38 4.49 20.36
CA GLN B 675 -10.93 5.86 20.59
C GLN B 675 -9.99 6.32 19.48
N PHE B 676 -9.08 5.44 19.03
CA PHE B 676 -8.18 5.78 17.94
C PHE B 676 -8.94 6.06 16.66
N GLY B 677 -9.93 5.24 16.34
CA GLY B 677 -10.76 5.49 15.18
C GLY B 677 -11.49 6.81 15.28
N PHE B 678 -11.98 7.15 16.47
CA PHE B 678 -12.68 8.43 16.61
C PHE B 678 -11.72 9.61 16.53
N VAL B 679 -10.46 9.43 16.94
CA VAL B 679 -9.51 10.54 16.95
C VAL B 679 -8.73 10.65 15.64
N THR B 680 -8.88 9.68 14.73
CA THR B 680 -8.22 9.80 13.43
C THR B 680 -9.16 9.76 12.23
N LEU B 681 -10.28 9.04 12.31
CA LEU B 681 -11.20 9.01 11.17
C LEU B 681 -11.94 10.33 11.03
N PHE B 682 -12.49 10.84 12.12
CA PHE B 682 -13.36 12.00 12.08
C PHE B 682 -12.70 13.24 12.66
N VAL B 683 -11.37 13.31 12.65
CA VAL B 683 -10.66 14.45 13.23
C VAL B 683 -10.49 15.48 12.11
N ALA B 684 -11.57 16.20 11.85
CA ALA B 684 -11.50 17.46 11.11
C ALA B 684 -12.12 18.54 11.97
N SER B 685 -13.31 18.24 12.50
CA SER B 685 -13.97 19.06 13.50
C SER B 685 -13.45 18.71 14.89
N PHE B 686 -13.81 19.55 15.87
CA PHE B 686 -13.43 19.34 17.26
C PHE B 686 -11.91 19.16 17.37
N PRO B 687 -11.13 20.23 17.18
CA PRO B 687 -9.67 20.10 17.26
C PRO B 687 -9.17 19.63 18.61
N LEU B 688 -9.94 19.82 19.68
CA LEU B 688 -9.54 19.41 21.02
C LEU B 688 -9.74 17.92 21.27
N ALA B 689 -10.09 17.16 20.24
CA ALA B 689 -10.33 15.73 20.42
C ALA B 689 -9.13 14.99 20.99
N PRO B 690 -7.89 15.21 20.53
CA PRO B 690 -6.75 14.60 21.24
C PRO B 690 -6.63 15.06 22.68
N LEU B 691 -6.76 16.37 22.93
CA LEU B 691 -6.68 16.88 24.30
C LEU B 691 -7.76 16.29 25.17
N LEU B 692 -9.00 16.24 24.66
CA LEU B 692 -10.06 15.52 25.37
C LEU B 692 -9.65 14.07 25.61
N ALA B 693 -9.05 13.44 24.60
CA ALA B 693 -8.47 12.12 24.81
C ALA B 693 -7.31 12.18 25.80
N LEU B 694 -6.46 13.21 25.68
CA LEU B 694 -5.19 13.27 26.40
C LEU B 694 -5.39 13.09 27.91
N VAL B 695 -6.09 14.03 28.54
CA VAL B 695 -6.36 13.89 29.97
C VAL B 695 -7.10 12.58 30.22
N ASN B 696 -8.06 12.24 29.36
CA ASN B 696 -8.70 10.93 29.40
C ASN B 696 -7.66 9.84 29.56
N ASN B 697 -6.74 9.75 28.60
CA ASN B 697 -5.70 8.74 28.67
C ASN B 697 -4.90 8.88 29.97
N ILE B 698 -4.57 10.12 30.35
CA ILE B 698 -3.78 10.32 31.56
C ILE B 698 -4.53 9.79 32.77
N LEU B 699 -5.85 9.94 32.79
CA LEU B 699 -6.63 9.30 33.84
C LEU B 699 -6.70 7.80 33.63
N GLU B 700 -6.97 7.37 32.40
CA GLU B 700 -7.14 5.94 32.13
C GLU B 700 -5.86 5.18 32.42
N ILE B 701 -4.72 5.73 32.00
CA ILE B 701 -3.43 5.11 32.25
C ILE B 701 -3.16 4.95 33.74
N ARG B 702 -3.92 5.66 34.59
CA ARG B 702 -3.94 5.38 36.02
C ARG B 702 -5.07 4.41 36.38
N VAL B 703 -6.28 4.70 35.90
CA VAL B 703 -7.46 3.94 36.31
C VAL B 703 -7.27 2.46 36.03
N ASP B 704 -7.02 2.11 34.76
CA ASP B 704 -6.69 0.73 34.43
C ASP B 704 -5.56 0.24 35.30
N ALA B 705 -4.49 1.03 35.38
CA ALA B 705 -3.37 0.70 36.26
C ALA B 705 -3.86 0.41 37.66
N TRP B 706 -4.66 1.31 38.21
CA TRP B 706 -5.24 1.11 39.53
C TRP B 706 -6.01 -0.21 39.59
N LYS B 707 -6.92 -0.42 38.63
CA LYS B 707 -7.71 -1.64 38.66
C LYS B 707 -6.87 -2.88 38.42
N LEU B 708 -5.63 -2.71 37.96
CA LEU B 708 -4.75 -3.85 37.74
C LEU B 708 -3.83 -4.11 38.93
N THR B 709 -3.94 -3.33 40.00
CA THR B 709 -3.14 -3.59 41.19
C THR B 709 -3.97 -3.83 42.45
N THR B 710 -5.26 -3.55 42.42
CA THR B 710 -6.09 -3.74 43.61
C THR B 710 -7.35 -4.55 43.34
N GLN B 711 -7.95 -4.41 42.15
CA GLN B 711 -9.26 -5.00 41.91
C GLN B 711 -9.17 -6.43 41.38
N PHE B 712 -8.58 -6.61 40.21
CA PHE B 712 -8.56 -7.91 39.57
C PHE B 712 -7.44 -8.80 40.09
N ARG B 713 -7.67 -10.11 40.00
CA ARG B 713 -6.65 -11.09 40.34
C ARG B 713 -5.49 -11.00 39.36
N ARG B 714 -4.30 -11.34 39.85
CA ARG B 714 -3.11 -11.29 39.02
C ARG B 714 -3.25 -12.19 37.81
N MET B 715 -2.75 -11.72 36.66
CA MET B 715 -2.85 -12.44 35.41
C MET B 715 -1.50 -13.06 35.05
N VAL B 716 -1.56 -14.16 34.31
CA VAL B 716 -0.31 -14.84 33.90
C VAL B 716 0.47 -13.94 32.95
N PRO B 717 1.76 -13.75 33.17
CA PRO B 717 2.56 -12.88 32.29
C PRO B 717 2.82 -13.50 30.92
N GLU B 718 1.86 -13.36 30.01
CA GLU B 718 1.96 -13.94 28.68
C GLU B 718 3.13 -13.31 27.91
N LYS B 719 3.62 -14.06 26.93
CA LYS B 719 4.75 -13.66 26.10
C LYS B 719 4.22 -12.99 24.83
N ALA B 720 4.49 -11.70 24.67
CA ALA B 720 4.01 -10.96 23.50
C ALA B 720 5.08 -10.02 23.00
N GLN B 721 5.21 -9.94 21.67
CA GLN B 721 6.14 -9.02 21.05
C GLN B 721 5.46 -7.81 20.41
N ASP B 722 4.14 -7.75 20.43
CA ASP B 722 3.39 -6.65 19.86
C ASP B 722 1.99 -6.67 20.44
N ILE B 723 1.16 -5.71 20.02
CA ILE B 723 -0.23 -5.70 20.44
C ILE B 723 -0.95 -6.93 19.89
N GLY B 724 -0.68 -7.28 18.64
CA GLY B 724 -1.16 -8.54 18.10
C GLY B 724 -2.55 -8.48 17.51
N ALA B 725 -2.68 -8.81 16.23
CA ALA B 725 -3.97 -8.90 15.54
C ALA B 725 -4.69 -7.56 15.48
N TRP B 726 -4.07 -6.50 15.99
CA TRP B 726 -4.61 -5.16 15.89
C TRP B 726 -3.79 -4.24 15.01
N GLN B 727 -2.49 -4.52 14.84
CA GLN B 727 -1.68 -3.72 13.92
C GLN B 727 -2.21 -3.74 12.49
N PRO B 728 -2.56 -4.89 11.90
CA PRO B 728 -3.22 -4.82 10.59
C PRO B 728 -4.50 -4.00 10.63
N ILE B 729 -5.25 -4.09 11.73
CA ILE B 729 -6.44 -3.26 11.89
C ILE B 729 -6.06 -1.79 11.98
N MET B 730 -4.96 -1.47 12.66
CA MET B 730 -4.54 -0.08 12.73
C MET B 730 -4.12 0.46 11.37
N GLN B 731 -3.40 -0.35 10.59
CA GLN B 731 -3.03 0.07 9.24
C GLN B 731 -4.26 0.27 8.37
N GLY B 732 -5.22 -0.64 8.46
CA GLY B 732 -6.46 -0.45 7.72
C GLY B 732 -7.21 0.79 8.16
N ILE B 733 -7.20 1.06 9.46
CA ILE B 733 -7.84 2.27 9.98
C ILE B 733 -7.16 3.51 9.43
N ALA B 734 -5.83 3.50 9.35
CA ALA B 734 -5.12 4.67 8.83
C ALA B 734 -5.37 4.87 7.34
N ILE B 735 -5.35 3.78 6.57
CA ILE B 735 -5.61 3.90 5.13
C ILE B 735 -7.03 4.38 4.87
N LEU B 736 -8.00 3.85 5.62
CA LEU B 736 -9.36 4.36 5.52
C LEU B 736 -9.47 5.77 6.09
N ALA B 737 -8.57 6.13 7.01
CA ALA B 737 -8.66 7.42 7.69
C ALA B 737 -8.23 8.55 6.77
N VAL B 738 -7.23 8.31 5.94
CA VAL B 738 -6.85 9.33 4.95
C VAL B 738 -8.03 9.64 4.04
N VAL B 739 -8.66 8.58 3.52
CA VAL B 739 -9.77 8.76 2.59
C VAL B 739 -10.96 9.40 3.29
N THR B 740 -11.28 8.97 4.52
CA THR B 740 -12.44 9.53 5.19
C THR B 740 -12.19 10.95 5.67
N ASN B 741 -10.94 11.30 5.97
CA ASN B 741 -10.64 12.70 6.26
C ASN B 741 -10.79 13.55 5.01
N ALA B 742 -10.33 13.06 3.87
CA ALA B 742 -10.54 13.78 2.62
C ALA B 742 -12.03 13.97 2.35
N MET B 743 -12.82 12.92 2.55
CA MET B 743 -14.26 13.02 2.32
C MET B 743 -14.95 13.89 3.35
N ILE B 744 -14.41 13.97 4.57
CA ILE B 744 -14.99 14.86 5.57
C ILE B 744 -14.72 16.31 5.22
N ILE B 745 -13.50 16.61 4.76
CA ILE B 745 -13.20 17.99 4.36
C ILE B 745 -13.98 18.36 3.12
N ALA B 746 -14.16 17.43 2.18
CA ALA B 746 -14.81 17.77 0.92
C ALA B 746 -16.33 17.74 1.05
N PHE B 747 -16.90 16.57 1.34
CA PHE B 747 -18.33 16.36 1.20
C PHE B 747 -19.14 16.84 2.39
N THR B 748 -18.54 17.07 3.56
CA THR B 748 -19.34 17.47 4.71
C THR B 748 -18.69 18.54 5.58
N SER B 749 -17.75 19.32 5.05
CA SER B 749 -17.15 20.40 5.82
C SER B 749 -17.48 21.78 5.27
N ASP B 750 -17.89 21.89 4.01
CA ASP B 750 -18.18 23.16 3.37
C ASP B 750 -16.99 24.11 3.47
N MET B 751 -15.80 23.55 3.29
CA MET B 751 -14.57 24.33 3.23
C MET B 751 -14.09 24.52 1.79
N ILE B 752 -14.03 23.43 1.03
CA ILE B 752 -13.68 23.55 -0.39
C ILE B 752 -14.61 24.50 -1.12
N PRO B 753 -15.93 24.52 -0.87
CA PRO B 753 -16.74 25.61 -1.45
C PRO B 753 -16.26 26.99 -1.04
N ARG B 754 -15.76 27.13 0.20
CA ARG B 754 -15.25 28.43 0.63
C ARG B 754 -13.94 28.78 -0.06
N LEU B 755 -13.10 27.79 -0.34
CA LEU B 755 -11.93 28.06 -1.19
C LEU B 755 -12.38 28.50 -2.58
N VAL B 756 -13.37 27.81 -3.15
CA VAL B 756 -13.77 28.07 -4.53
C VAL B 756 -14.38 29.45 -4.65
N TYR B 757 -15.16 29.89 -3.66
CA TYR B 757 -15.84 31.18 -3.79
C TYR B 757 -14.85 32.33 -3.85
N TYR B 758 -13.80 32.31 -3.03
CA TYR B 758 -12.84 33.40 -3.03
C TYR B 758 -11.64 33.13 -3.91
N TRP B 759 -11.58 31.99 -4.59
CA TRP B 759 -10.57 31.80 -5.62
C TRP B 759 -11.12 32.10 -7.01
N SER B 760 -12.27 31.53 -7.36
CA SER B 760 -12.79 31.60 -8.72
C SER B 760 -14.17 32.20 -8.81
N PHE B 761 -14.80 32.59 -7.70
CA PHE B 761 -16.08 33.28 -7.76
C PHE B 761 -16.05 34.69 -7.21
N SER B 762 -14.99 35.09 -6.50
CA SER B 762 -14.79 36.47 -6.09
C SER B 762 -13.81 37.19 -7.01
N ILE B 763 -13.78 36.79 -8.28
CA ILE B 763 -12.94 37.42 -9.29
C ILE B 763 -13.88 37.94 -10.37
N PRO B 764 -13.41 38.84 -11.24
CA PRO B 764 -14.33 39.50 -12.19
C PRO B 764 -15.14 38.52 -13.02
N PRO B 765 -14.60 37.35 -13.38
CA PRO B 765 -15.51 36.27 -13.81
C PRO B 765 -16.13 35.59 -12.59
N TYR B 766 -17.45 35.46 -12.62
CA TYR B 766 -18.31 34.87 -11.58
C TYR B 766 -18.55 35.79 -10.38
N GLY B 767 -17.93 36.97 -10.33
CA GLY B 767 -18.09 37.82 -9.16
C GLY B 767 -17.70 39.25 -9.45
N ASP B 768 -18.34 40.17 -8.71
CA ASP B 768 -18.01 41.59 -8.81
C ASP B 768 -17.10 42.00 -7.66
N HIS B 769 -15.93 41.39 -7.63
CA HIS B 769 -14.89 41.75 -6.67
C HIS B 769 -13.58 42.08 -7.37
N THR B 770 -12.51 42.23 -6.60
CA THR B 770 -11.20 42.54 -7.17
C THR B 770 -10.07 41.69 -6.62
N TYR B 771 -10.29 40.92 -5.56
CA TYR B 771 -9.23 40.13 -4.94
C TYR B 771 -9.84 38.82 -4.44
N TYR B 772 -9.07 38.09 -3.64
CA TYR B 772 -9.51 36.83 -3.06
C TYR B 772 -10.23 37.11 -1.76
N THR B 773 -11.50 37.47 -1.84
CA THR B 773 -12.29 37.91 -0.69
C THR B 773 -13.47 36.98 -0.49
N MET B 774 -13.81 36.73 0.77
CA MET B 774 -14.90 35.84 1.13
C MET B 774 -16.25 36.56 1.24
N ASP B 775 -16.32 37.83 0.88
CA ASP B 775 -17.57 38.58 1.01
C ASP B 775 -18.65 37.99 0.10
N GLY B 776 -19.89 38.01 0.60
CA GLY B 776 -21.01 37.54 -0.18
C GLY B 776 -21.05 36.04 -0.40
N TYR B 777 -20.42 35.26 0.47
CA TYR B 777 -20.33 33.82 0.26
C TYR B 777 -21.67 33.14 0.52
N ILE B 778 -22.34 33.49 1.61
CA ILE B 778 -23.53 32.76 2.03
C ILE B 778 -24.68 32.98 1.04
N ASN B 779 -24.92 34.23 0.66
CA ASN B 779 -26.02 34.51 -0.25
C ASN B 779 -25.77 33.91 -1.63
N ASN B 780 -24.52 33.95 -2.11
CA ASN B 780 -24.19 33.53 -3.46
C ASN B 780 -23.80 32.05 -3.53
N THR B 781 -24.21 31.24 -2.56
CA THR B 781 -23.96 29.81 -2.59
C THR B 781 -25.24 29.00 -2.53
N LEU B 782 -26.15 29.31 -1.62
CA LEU B 782 -27.41 28.59 -1.49
C LEU B 782 -28.29 28.86 -2.71
N SER B 783 -29.02 27.84 -3.15
CA SER B 783 -29.82 27.92 -4.36
C SER B 783 -31.30 28.05 -4.03
N VAL B 784 -32.01 28.79 -4.88
CA VAL B 784 -33.42 29.11 -4.65
C VAL B 784 -34.29 27.91 -5.01
N PHE B 785 -35.40 27.78 -4.30
CA PHE B 785 -36.41 26.75 -4.54
C PHE B 785 -37.75 27.43 -4.76
N ASN B 786 -38.54 26.91 -5.70
CA ASN B 786 -39.88 27.40 -5.95
C ASN B 786 -40.87 26.34 -5.46
N ILE B 787 -41.77 26.74 -4.55
CA ILE B 787 -42.71 25.79 -3.97
C ILE B 787 -43.66 25.27 -5.05
N THR B 788 -44.13 26.14 -5.93
CA THR B 788 -45.00 25.72 -7.02
C THR B 788 -44.24 24.87 -8.03
N CYS B 808 -38.41 28.97 -1.09
CA CYS B 808 -37.40 29.02 -0.04
C CYS B 808 -36.02 29.15 -0.66
N ARG B 809 -35.01 28.66 0.07
CA ARG B 809 -33.65 28.61 -0.44
C ARG B 809 -32.91 27.50 0.31
N TYR B 810 -32.80 26.33 -0.31
CA TYR B 810 -32.23 25.18 0.38
C TYR B 810 -30.71 25.19 0.27
N ARG B 811 -30.08 24.10 0.68
CA ARG B 811 -28.63 24.06 0.84
C ARG B 811 -27.89 23.63 -0.42
N ASP B 812 -28.49 22.79 -1.25
CA ASP B 812 -27.76 22.20 -2.37
C ASP B 812 -27.53 23.24 -3.47
N PHE B 813 -26.57 22.95 -4.34
CA PHE B 813 -26.18 23.84 -5.43
C PHE B 813 -26.90 23.40 -6.68
N ARG B 814 -27.96 24.11 -7.04
CA ARG B 814 -28.75 23.78 -8.22
C ARG B 814 -29.18 25.07 -8.92
N ASN B 815 -29.60 24.92 -10.16
CA ASN B 815 -29.97 26.08 -10.96
C ASN B 815 -31.25 26.71 -10.42
N PRO B 816 -31.41 28.02 -10.61
CA PRO B 816 -32.65 28.68 -10.17
C PRO B 816 -33.84 28.18 -10.97
N PRO B 817 -35.05 28.41 -10.49
CA PRO B 817 -36.24 27.91 -11.20
C PRO B 817 -36.54 28.69 -12.46
N GLY B 818 -35.93 28.29 -13.58
CA GLY B 818 -36.11 29.00 -14.83
C GLY B 818 -34.89 28.97 -15.73
N HIS B 819 -33.78 28.49 -15.22
CA HIS B 819 -32.64 28.19 -16.08
C HIS B 819 -33.02 27.05 -17.04
N PRO B 820 -32.66 27.14 -18.33
CA PRO B 820 -32.93 26.04 -19.28
C PRO B 820 -32.75 24.63 -18.72
N GLN B 821 -31.82 24.44 -17.78
CA GLN B 821 -31.75 23.21 -17.00
C GLN B 821 -32.20 23.57 -15.58
N GLU B 822 -33.52 23.54 -15.37
CA GLU B 822 -34.08 23.96 -14.11
C GLU B 822 -33.99 22.83 -13.08
N TYR B 823 -33.45 23.15 -11.91
CA TYR B 823 -33.21 22.23 -10.80
C TYR B 823 -32.17 21.17 -11.14
N LYS B 824 -31.70 21.09 -12.37
CA LYS B 824 -30.47 20.35 -12.64
C LYS B 824 -29.27 21.19 -12.21
N HIS B 825 -28.17 20.52 -11.95
CA HIS B 825 -27.05 21.16 -11.28
C HIS B 825 -26.42 22.23 -12.16
N ASN B 826 -25.97 23.31 -11.52
CA ASN B 826 -25.41 24.44 -12.24
C ASN B 826 -23.90 24.27 -12.40
N ILE B 827 -23.23 25.32 -12.89
CA ILE B 827 -21.78 25.27 -13.03
C ILE B 827 -21.10 25.30 -11.66
N TYR B 828 -21.72 25.94 -10.66
CA TYR B 828 -21.08 26.06 -9.36
C TYR B 828 -20.88 24.71 -8.71
N TYR B 829 -21.91 23.85 -8.74
CA TYR B 829 -21.78 22.56 -8.08
C TYR B 829 -20.75 21.71 -8.79
N TRP B 830 -20.72 21.76 -10.13
CA TRP B 830 -19.75 20.95 -10.86
C TRP B 830 -18.33 21.44 -10.62
N HIS B 831 -18.14 22.76 -10.55
CA HIS B 831 -16.83 23.30 -10.18
C HIS B 831 -16.44 22.84 -8.78
N VAL B 832 -17.38 22.91 -7.83
CA VAL B 832 -17.09 22.56 -6.45
C VAL B 832 -16.80 21.08 -6.31
N ILE B 833 -17.54 20.23 -7.03
CA ILE B 833 -17.30 18.79 -6.94
C ILE B 833 -16.02 18.42 -7.67
N ALA B 834 -15.66 19.14 -8.74
CA ALA B 834 -14.35 18.93 -9.35
C ALA B 834 -13.24 19.30 -8.38
N ALA B 835 -13.43 20.41 -7.66
CA ALA B 835 -12.47 20.80 -6.63
C ALA B 835 -12.41 19.77 -5.51
N LYS B 836 -13.56 19.22 -5.12
CA LYS B 836 -13.60 18.21 -4.06
C LYS B 836 -12.85 16.96 -4.49
N LEU B 837 -13.11 16.47 -5.70
CA LEU B 837 -12.43 15.27 -6.18
C LEU B 837 -10.93 15.53 -6.36
N ALA B 838 -10.57 16.70 -6.88
CA ALA B 838 -9.15 17.03 -7.01
C ALA B 838 -8.48 17.12 -5.65
N PHE B 839 -9.16 17.71 -4.66
CA PHE B 839 -8.62 17.79 -3.32
C PHE B 839 -8.43 16.40 -2.72
N ILE B 840 -9.43 15.53 -2.88
CA ILE B 840 -9.31 14.17 -2.37
C ILE B 840 -8.12 13.48 -3.01
N ILE B 841 -8.00 13.56 -4.34
CA ILE B 841 -6.93 12.88 -5.04
C ILE B 841 -5.57 13.43 -4.63
N VAL B 842 -5.44 14.75 -4.58
CA VAL B 842 -4.16 15.38 -4.28
C VAL B 842 -3.74 15.07 -2.84
N MET B 843 -4.66 15.23 -1.89
CA MET B 843 -4.33 14.94 -0.50
C MET B 843 -3.99 13.48 -0.28
N GLU B 844 -4.76 12.55 -0.86
CA GLU B 844 -4.44 11.15 -0.65
C GLU B 844 -3.10 10.80 -1.29
N HIS B 845 -2.86 11.27 -2.51
CA HIS B 845 -1.59 10.97 -3.17
C HIS B 845 -0.42 11.54 -2.38
N ILE B 846 -0.56 12.77 -1.89
CA ILE B 846 0.50 13.40 -1.11
C ILE B 846 0.71 12.62 0.20
N ILE B 847 -0.36 12.14 0.81
CA ILE B 847 -0.22 11.44 2.09
C ILE B 847 0.47 10.10 1.92
N TYR B 848 0.08 9.32 0.91
CA TYR B 848 0.81 8.06 0.71
C TYR B 848 2.23 8.30 0.19
N SER B 849 2.46 9.39 -0.55
CA SER B 849 3.84 9.73 -0.89
C SER B 849 4.65 10.06 0.36
N VAL B 850 4.06 10.80 1.30
CA VAL B 850 4.75 11.15 2.53
C VAL B 850 5.08 9.90 3.33
N LYS B 851 4.12 8.97 3.43
CA LYS B 851 4.41 7.75 4.16
C LYS B 851 5.38 6.86 3.39
N PHE B 852 5.47 7.02 2.07
CA PHE B 852 6.51 6.33 1.31
C PHE B 852 7.89 6.87 1.65
N PHE B 853 8.02 8.20 1.75
CA PHE B 853 9.28 8.76 2.23
C PHE B 853 9.59 8.29 3.65
N ILE B 854 8.58 8.30 4.52
CA ILE B 854 8.80 7.81 5.88
C ILE B 854 9.07 6.31 5.88
N SER B 855 8.31 5.57 5.09
CA SER B 855 8.50 4.12 5.00
C SER B 855 8.06 3.60 3.64
CA CA C . 17.97 -10.36 -23.45
CA CA D . -9.99 0.61 30.13
#